data_7V1Y
#
_entry.id   7V1Y
#
_cell.length_a   1.00
_cell.length_b   1.00
_cell.length_c   1.00
_cell.angle_alpha   90.00
_cell.angle_beta   90.00
_cell.angle_gamma   90.00
#
_symmetry.space_group_name_H-M   'P 1'
#
loop_
_entity.id
_entity.type
_entity.pdbx_description
1 polymer 'Serine beta-lactamase-like protein LACTB, mitochondrial'
2 polymer ALA-ALA-B3S
#
loop_
_entity_poly.entity_id
_entity_poly.type
_entity_poly.pdbx_seq_one_letter_code
_entity_poly.pdbx_strand_id
1 'polypeptide(L)'
;GPAAPAQSPAAPDPEASPLAEPPQEQSLAPWSPQTPAPPCSRCFARAIESSRDLLHRIKDEVGAPGIVVGVSVDGKEVWS
EGLGYADVENRVPCKPETVMRIASISKSLTMVALAKLWEAGKLDLDIPVQHYVPEFPEKEYEGEKVSVTTRLLISHLSGI
RHYEKDIKKVKEEKAYKALKMMKENVAFEQEKEGKSNEKNDFTKFKTEQENEAKCRNSKPGKKKNDFEQGELYLREKFEN
SIESLRLFKNDPLFFKPGSQFLYSTFGYTLLAAIVERASGCKYLDYMQKIFHDLDMLTTVQEENEPVIYNRARFYVYNKK
KRLVNTPYVDNSYKWAGGGFLSTVGDLLKFGNAMLYGYQVGLFKNSNENLLPGYLKPETMVMMWTPVPNTEMSWDKEGKY
AMAWGVVERKQTYGSCRKQRHYASHTGGAVGASSVLLVLPEELDTETINNKVPPRGIIVSIICNMQSVGLNSTALKIALE
FDKDRSD
;
A,C,B,D
2 'polypeptide(L)' AA(B3S) E,F,G,H
#
# COMPACT_ATOMS: atom_id res chain seq x y z
N CYS A 43 19.51 -28.48 0.53
CA CYS A 43 20.73 -27.93 1.09
C CYS A 43 20.56 -26.45 1.34
N PHE A 44 19.70 -25.81 0.56
CA PHE A 44 19.48 -24.38 0.70
C PHE A 44 18.16 -24.09 1.39
N ALA A 45 17.58 -25.08 2.05
CA ALA A 45 16.26 -24.90 2.66
C ALA A 45 16.22 -23.82 3.73
N ARG A 46 17.24 -23.73 4.57
CA ARG A 46 17.28 -22.68 5.57
C ARG A 46 17.34 -21.30 4.94
N ALA A 47 18.14 -21.15 3.89
CA ALA A 47 18.29 -19.86 3.23
C ALA A 47 17.03 -19.45 2.49
N ILE A 48 16.35 -20.42 1.89
CA ILE A 48 15.15 -20.13 1.11
C ILE A 48 14.07 -19.53 2.01
N GLU A 49 13.87 -20.13 3.18
CA GLU A 49 12.84 -19.62 4.06
C GLU A 49 13.14 -18.19 4.50
N SER A 50 14.39 -17.94 4.86
CA SER A 50 14.70 -16.59 5.31
C SER A 50 14.55 -15.58 4.19
N SER A 51 14.93 -15.96 2.98
CA SER A 51 14.81 -15.07 1.84
C SER A 51 13.36 -14.77 1.55
N ARG A 52 12.49 -15.76 1.70
CA ARG A 52 11.07 -15.55 1.50
C ARG A 52 10.56 -14.57 2.55
N ASP A 53 11.03 -14.72 3.78
CA ASP A 53 10.64 -13.75 4.81
C ASP A 53 11.09 -12.34 4.45
N LEU A 54 12.30 -12.20 3.93
CA LEU A 54 12.80 -10.89 3.51
C LEU A 54 11.94 -10.31 2.39
N LEU A 55 11.54 -11.15 1.44
CA LEU A 55 10.67 -10.70 0.35
C LEU A 55 9.34 -10.24 0.87
N HIS A 56 8.78 -10.95 1.84
CA HIS A 56 7.53 -10.49 2.43
C HIS A 56 7.74 -9.14 3.11
N ARG A 57 8.84 -8.98 3.82
CA ARG A 57 9.13 -7.70 4.46
C ARG A 57 9.09 -6.53 3.49
N ILE A 58 9.77 -6.62 2.36
CA ILE A 58 9.81 -5.52 1.41
C ILE A 58 8.46 -5.35 0.72
N LYS A 59 7.77 -6.45 0.42
CA LYS A 59 6.48 -6.38 -0.26
C LYS A 59 5.45 -5.66 0.60
N ASP A 60 5.41 -5.97 1.91
CA ASP A 60 4.48 -5.28 2.79
C ASP A 60 4.92 -3.83 3.05
N GLU A 61 6.23 -3.57 3.06
CA GLU A 61 6.70 -2.21 3.28
C GLU A 61 6.27 -1.28 2.15
N VAL A 62 6.40 -1.74 0.90
CA VAL A 62 6.04 -0.87 -0.23
C VAL A 62 4.61 -1.08 -0.72
N GLY A 63 3.91 -2.11 -0.25
CA GLY A 63 2.58 -2.39 -0.74
C GLY A 63 2.53 -2.82 -2.19
N ALA A 64 3.47 -3.66 -2.61
CA ALA A 64 3.52 -4.13 -3.99
C ALA A 64 2.51 -5.25 -4.20
N PRO A 65 1.64 -5.15 -5.21
CA PRO A 65 0.68 -6.25 -5.46
C PRO A 65 1.34 -7.57 -5.83
N GLY A 66 2.56 -7.56 -6.35
CA GLY A 66 3.21 -8.80 -6.75
C GLY A 66 4.71 -8.62 -6.81
N ILE A 67 5.42 -9.74 -6.66
CA ILE A 67 6.88 -9.73 -6.69
C ILE A 67 7.36 -11.13 -7.08
N VAL A 68 8.44 -11.18 -7.86
CA VAL A 68 9.03 -12.42 -8.33
C VAL A 68 10.53 -12.40 -8.05
N VAL A 69 11.07 -13.54 -7.64
CA VAL A 69 12.49 -13.65 -7.30
C VAL A 69 13.09 -14.83 -8.04
N GLY A 70 14.40 -14.77 -8.26
CA GLY A 70 15.14 -15.85 -8.87
C GLY A 70 16.57 -15.92 -8.38
N VAL A 71 17.01 -17.08 -7.92
CA VAL A 71 18.33 -17.26 -7.33
C VAL A 71 19.05 -18.40 -8.05
N SER A 72 20.30 -18.14 -8.43
CA SER A 72 21.15 -19.15 -9.07
C SER A 72 22.44 -19.27 -8.28
N VAL A 73 22.83 -20.51 -7.98
CA VAL A 73 24.04 -20.79 -7.21
C VAL A 73 24.95 -21.68 -8.04
N ASP A 74 26.16 -21.19 -8.31
CA ASP A 74 27.18 -21.94 -9.04
C ASP A 74 26.68 -22.39 -10.41
N GLY A 75 25.94 -21.53 -11.08
CA GLY A 75 25.46 -21.81 -12.41
C GLY A 75 24.18 -22.62 -12.49
N LYS A 76 23.62 -23.05 -11.36
CA LYS A 76 22.39 -23.82 -11.34
C LYS A 76 21.32 -23.05 -10.59
N GLU A 77 20.14 -22.97 -11.18
CA GLU A 77 19.01 -22.29 -10.54
C GLU A 77 18.46 -23.17 -9.42
N VAL A 78 18.48 -22.64 -8.19
CA VAL A 78 18.08 -23.41 -7.03
C VAL A 78 16.77 -22.93 -6.41
N TRP A 79 16.30 -21.73 -6.76
CA TRP A 79 15.08 -21.22 -6.17
C TRP A 79 14.43 -20.23 -7.13
N SER A 80 13.10 -20.29 -7.20
CA SER A 80 12.33 -19.38 -8.05
C SER A 80 10.89 -19.38 -7.55
N GLU A 81 10.38 -18.21 -7.19
CA GLU A 81 9.06 -18.12 -6.60
C GLU A 81 8.44 -16.77 -6.93
N GLY A 82 7.12 -16.71 -6.83
CA GLY A 82 6.39 -15.47 -7.00
C GLY A 82 5.34 -15.32 -5.92
N LEU A 83 5.13 -14.07 -5.51
CA LEU A 83 4.15 -13.74 -4.49
C LEU A 83 3.21 -12.66 -5.01
N GLY A 84 1.93 -12.79 -4.70
CA GLY A 84 0.96 -11.79 -5.09
C GLY A 84 0.29 -12.09 -6.42
N TYR A 85 -0.23 -11.03 -7.03
CA TYR A 85 -0.98 -11.13 -8.27
C TYR A 85 -0.31 -10.26 -9.34
N ALA A 86 -0.04 -10.87 -10.50
CA ALA A 86 0.47 -10.10 -11.63
C ALA A 86 -0.60 -9.17 -12.17
N ASP A 87 -1.85 -9.61 -12.20
CA ASP A 87 -2.98 -8.80 -12.62
C ASP A 87 -4.04 -8.88 -11.53
N VAL A 88 -4.38 -7.73 -10.94
CA VAL A 88 -5.35 -7.71 -9.86
C VAL A 88 -6.78 -7.63 -10.35
N GLU A 89 -7.01 -7.19 -11.60
CA GLU A 89 -8.37 -7.12 -12.12
C GLU A 89 -8.90 -8.51 -12.47
N ASN A 90 -8.05 -9.37 -13.03
CA ASN A 90 -8.45 -10.71 -13.43
C ASN A 90 -7.95 -11.78 -12.49
N ARG A 91 -7.29 -11.41 -11.39
CA ARG A 91 -6.81 -12.33 -10.37
C ARG A 91 -5.87 -13.39 -10.97
N VAL A 92 -4.76 -12.91 -11.53
CA VAL A 92 -3.74 -13.76 -12.12
C VAL A 92 -2.55 -13.80 -11.16
N PRO A 93 -2.25 -14.95 -10.55
CA PRO A 93 -1.15 -15.00 -9.59
C PRO A 93 0.21 -14.82 -10.24
N CYS A 94 1.15 -14.31 -9.47
CA CYS A 94 2.53 -14.16 -9.93
C CYS A 94 3.20 -15.53 -9.99
N LYS A 95 3.95 -15.76 -11.07
CA LYS A 95 4.65 -17.01 -11.30
C LYS A 95 6.03 -16.70 -11.86
N PRO A 96 6.96 -17.65 -11.80
CA PRO A 96 8.29 -17.41 -12.39
C PRO A 96 8.25 -17.14 -13.87
N GLU A 97 7.17 -17.51 -14.57
CA GLU A 97 7.04 -17.23 -16.00
C GLU A 97 6.52 -15.84 -16.30
N THR A 98 6.24 -15.03 -15.28
CA THR A 98 5.70 -13.70 -15.49
C THR A 98 6.70 -12.82 -16.24
N VAL A 99 6.18 -12.01 -17.15
CA VAL A 99 6.98 -11.09 -17.96
C VAL A 99 6.72 -9.68 -17.48
N MET A 100 7.76 -9.02 -16.97
CA MET A 100 7.64 -7.67 -16.45
C MET A 100 8.66 -6.76 -17.12
N ARG A 101 8.57 -5.46 -16.84
CA ARG A 101 9.46 -4.47 -17.48
C ARG A 101 10.79 -4.23 -16.82
N ILE A 102 11.84 -4.87 -17.29
CA ILE A 102 13.16 -4.56 -16.77
C ILE A 102 13.44 -3.22 -17.45
N ALA A 103 13.91 -2.24 -16.70
CA ALA A 103 14.05 -0.94 -17.33
C ALA A 103 15.45 -0.61 -17.75
N SER A 104 16.32 -0.39 -16.77
CA SER A 104 17.66 0.04 -17.10
C SER A 104 18.66 -1.08 -17.05
N ILE A 105 18.18 -2.29 -16.86
CA ILE A 105 19.06 -3.46 -16.92
C ILE A 105 19.34 -3.61 -18.41
N SER A 106 18.55 -2.94 -19.26
CA SER A 106 18.76 -2.97 -20.69
C SER A 106 20.12 -2.40 -21.05
N LYS A 107 20.54 -1.35 -20.36
CA LYS A 107 21.85 -0.76 -20.60
C LYS A 107 22.96 -1.81 -20.59
N SER A 108 22.84 -2.81 -19.73
CA SER A 108 23.80 -3.92 -19.67
C SER A 108 23.78 -4.73 -20.96
N LEU A 109 22.59 -4.99 -21.50
CA LEU A 109 22.51 -5.72 -22.76
C LEU A 109 23.17 -4.94 -23.90
N THR A 110 22.92 -3.63 -23.96
CA THR A 110 23.56 -2.79 -24.96
C THR A 110 25.07 -2.78 -24.78
N MET A 111 25.51 -2.80 -23.52
CA MET A 111 26.95 -2.89 -23.28
C MET A 111 27.53 -4.19 -23.77
N VAL A 112 26.80 -5.30 -23.60
CA VAL A 112 27.27 -6.57 -24.14
C VAL A 112 27.39 -6.47 -25.67
N ALA A 113 26.40 -5.86 -26.31
CA ALA A 113 26.45 -5.68 -27.76
C ALA A 113 27.67 -4.83 -28.17
N LEU A 114 27.89 -3.73 -27.45
CA LEU A 114 29.01 -2.85 -27.76
C LEU A 114 30.35 -3.54 -27.54
N ALA A 115 30.46 -4.34 -26.48
CA ALA A 115 31.69 -5.08 -26.21
C ALA A 115 31.97 -6.10 -27.31
N LYS A 116 30.92 -6.79 -27.77
CA LYS A 116 31.13 -7.75 -28.86
C LYS A 116 31.55 -7.05 -30.13
N LEU A 117 30.93 -5.90 -30.44
CA LEU A 117 31.34 -5.13 -31.61
C LEU A 117 32.79 -4.67 -31.50
N TRP A 118 33.19 -4.21 -30.32
CA TRP A 118 34.56 -3.76 -30.11
C TRP A 118 35.55 -4.93 -30.25
N GLU A 119 35.17 -6.11 -29.74
CA GLU A 119 36.00 -7.30 -29.92
C GLU A 119 36.16 -7.64 -31.40
N ALA A 120 35.07 -7.51 -32.17
CA ALA A 120 35.14 -7.77 -33.60
C ALA A 120 36.00 -6.75 -34.35
N GLY A 121 36.37 -5.64 -33.71
CA GLY A 121 37.19 -4.63 -34.33
C GLY A 121 36.45 -3.58 -35.13
N LYS A 122 35.12 -3.64 -35.15
CA LYS A 122 34.34 -2.67 -35.93
C LYS A 122 34.25 -1.31 -35.26
N LEU A 123 34.36 -1.26 -33.94
CA LEU A 123 34.11 -0.04 -33.18
C LEU A 123 35.37 0.41 -32.45
N ASP A 124 35.60 1.72 -32.46
CA ASP A 124 36.69 2.34 -31.73
C ASP A 124 36.10 3.29 -30.67
N LEU A 125 36.55 3.15 -29.43
CA LEU A 125 35.93 3.87 -28.32
C LEU A 125 36.30 5.35 -28.33
N ASP A 126 37.55 5.68 -28.64
CA ASP A 126 38.02 7.05 -28.51
C ASP A 126 37.72 7.91 -29.72
N ILE A 127 37.25 7.33 -30.81
CA ILE A 127 36.91 8.13 -32.00
C ILE A 127 35.64 8.93 -31.72
N PRO A 128 35.56 10.19 -32.13
CA PRO A 128 34.33 10.97 -31.92
C PRO A 128 33.14 10.33 -32.58
N VAL A 129 31.96 10.52 -31.97
CA VAL A 129 30.74 9.87 -32.43
C VAL A 129 30.30 10.36 -33.80
N GLN A 130 30.80 11.52 -34.25
CA GLN A 130 30.43 12.04 -35.56
C GLN A 130 30.96 11.16 -36.70
N HIS A 131 31.93 10.29 -36.42
CA HIS A 131 32.40 9.36 -37.43
C HIS A 131 31.30 8.40 -37.85
N TYR A 132 30.52 7.89 -36.90
CA TYR A 132 29.45 6.95 -37.19
C TYR A 132 28.11 7.64 -37.41
N VAL A 133 27.80 8.66 -36.61
CA VAL A 133 26.53 9.37 -36.71
C VAL A 133 26.79 10.84 -37.01
N PRO A 134 26.80 11.23 -38.29
CA PRO A 134 27.03 12.65 -38.62
C PRO A 134 25.81 13.53 -38.40
N GLU A 135 24.63 12.94 -38.12
CA GLU A 135 23.44 13.74 -37.87
C GLU A 135 23.51 14.46 -36.53
N PHE A 136 24.33 14.00 -35.60
CA PHE A 136 24.48 14.66 -34.32
C PHE A 136 25.33 15.92 -34.48
N PRO A 137 24.82 17.10 -34.16
CA PRO A 137 25.61 18.32 -34.33
C PRO A 137 26.76 18.39 -33.35
N GLU A 138 27.84 19.05 -33.78
CA GLU A 138 28.96 19.31 -32.90
C GLU A 138 28.58 20.40 -31.88
N LYS A 139 29.14 20.29 -30.69
CA LYS A 139 28.78 21.15 -29.57
C LYS A 139 29.96 22.00 -29.14
N GLU A 140 29.64 23.16 -28.57
CA GLU A 140 30.63 24.09 -28.06
C GLU A 140 30.29 24.44 -26.61
N TYR A 141 31.33 24.80 -25.85
CA TYR A 141 31.19 25.07 -24.42
C TYR A 141 31.93 26.39 -24.17
N GLU A 142 31.16 27.48 -23.99
CA GLU A 142 31.65 28.86 -24.13
C GLU A 142 32.67 28.98 -25.25
N GLY A 143 32.31 28.48 -26.42
CA GLY A 143 33.13 28.63 -27.62
C GLY A 143 34.44 27.88 -27.59
N GLU A 144 34.46 26.68 -27.03
CA GLU A 144 35.64 25.82 -27.07
C GLU A 144 35.25 24.46 -27.62
N LYS A 145 36.17 23.85 -28.36
CA LYS A 145 35.89 22.57 -29.01
C LYS A 145 35.87 21.46 -27.97
N VAL A 146 34.79 20.68 -27.98
CA VAL A 146 34.65 19.52 -27.10
C VAL A 146 34.29 18.31 -27.95
N SER A 147 34.74 17.14 -27.50
CA SER A 147 34.55 15.89 -28.24
C SER A 147 33.71 14.95 -27.40
N VAL A 148 32.68 14.38 -28.02
CA VAL A 148 31.84 13.36 -27.40
C VAL A 148 32.21 12.02 -28.01
N THR A 149 32.60 11.08 -27.17
CA THR A 149 33.07 9.77 -27.62
C THR A 149 32.21 8.67 -26.98
N THR A 150 32.40 7.45 -27.50
CA THR A 150 31.65 6.31 -26.97
C THR A 150 32.00 6.04 -25.52
N ARG A 151 33.27 6.18 -25.16
CA ARG A 151 33.71 5.92 -23.79
C ARG A 151 33.03 6.87 -22.80
N LEU A 152 32.90 8.14 -23.17
CA LEU A 152 32.21 9.08 -22.30
C LEU A 152 30.72 8.78 -22.21
N LEU A 153 30.12 8.38 -23.34
CA LEU A 153 28.69 8.07 -23.34
C LEU A 153 28.37 6.87 -22.47
N ILE A 154 29.26 5.88 -22.45
CA ILE A 154 29.02 4.67 -21.68
C ILE A 154 28.97 4.96 -20.18
N SER A 155 29.92 5.76 -19.69
CA SER A 155 29.99 6.02 -18.25
C SER A 155 29.18 7.22 -17.80
N HIS A 156 28.40 7.81 -18.69
CA HIS A 156 27.57 8.99 -18.38
C HIS A 156 28.39 10.25 -18.09
N LEU A 157 29.67 10.24 -18.42
CA LEU A 157 30.51 11.42 -18.19
C LEU A 157 30.24 12.49 -19.24
N SER A 158 29.42 12.16 -20.22
CA SER A 158 29.09 13.11 -21.28
C SER A 158 28.13 14.22 -20.83
N GLY A 159 28.12 15.33 -21.56
CA GLY A 159 27.26 16.46 -21.21
C GLY A 159 25.77 16.32 -21.43
N ILE A 160 25.34 15.27 -22.13
CA ILE A 160 23.91 15.13 -22.47
C ILE A 160 22.98 15.09 -21.25
N ARG A 161 21.85 15.79 -21.33
CA ARG A 161 20.91 15.87 -20.21
C ARG A 161 20.04 14.65 -19.98
N HIS A 162 19.23 14.67 -18.92
CA HIS A 162 18.33 13.58 -18.66
C HIS A 162 16.96 14.17 -19.01
N TYR A 163 15.93 13.81 -18.27
CA TYR A 163 14.60 14.35 -18.54
C TYR A 163 14.45 15.86 -18.35
N GLU A 164 15.10 16.44 -17.35
CA GLU A 164 15.05 17.90 -17.13
C GLU A 164 15.77 18.73 -18.20
N LYS A 165 15.16 19.84 -18.63
CA LYS A 165 15.74 20.69 -19.66
C LYS A 165 16.28 22.01 -19.12
N ASP A 166 16.04 22.33 -17.84
CA ASP A 166 16.48 23.60 -17.27
C ASP A 166 17.88 23.42 -16.70
N ILE A 167 18.85 24.16 -17.27
CA ILE A 167 20.24 24.02 -16.83
C ILE A 167 20.41 24.54 -15.41
N LYS A 168 19.69 25.59 -15.04
CA LYS A 168 19.89 26.21 -13.73
C LYS A 168 19.57 25.25 -12.59
N LYS A 169 18.46 24.53 -12.69
CA LYS A 169 18.09 23.58 -11.63
C LYS A 169 19.08 22.44 -11.54
N VAL A 170 19.54 21.93 -12.69
CA VAL A 170 20.52 20.85 -12.69
C VAL A 170 21.83 21.31 -12.06
N LYS A 171 22.27 22.52 -12.39
CA LYS A 171 23.50 23.05 -11.80
C LYS A 171 23.35 23.26 -10.30
N GLU A 172 22.18 23.74 -9.87
CA GLU A 172 21.93 23.92 -8.44
C GLU A 172 21.95 22.59 -7.70
N GLU A 173 21.34 21.56 -8.28
CA GLU A 173 21.34 20.23 -7.66
C GLU A 173 22.76 19.66 -7.60
N LYS A 174 23.52 19.82 -8.68
CA LYS A 174 24.89 19.29 -8.71
C LYS A 174 25.77 20.00 -7.68
N ALA A 175 25.61 21.31 -7.54
CA ALA A 175 26.40 22.09 -6.59
C ALA A 175 25.97 21.79 -5.16
N ASP A 226 11.81 11.94 -12.69
CA ASP A 226 11.12 12.26 -11.45
C ASP A 226 9.69 11.76 -11.53
N PHE A 227 9.34 11.17 -12.67
CA PHE A 227 7.97 10.66 -12.89
C PHE A 227 6.99 11.81 -13.00
N GLU A 228 7.45 13.02 -12.73
CA GLU A 228 6.60 14.18 -12.92
C GLU A 228 6.93 14.73 -14.30
N GLN A 229 7.95 14.15 -14.95
CA GLN A 229 8.38 14.62 -16.26
C GLN A 229 7.43 14.28 -17.40
N GLY A 230 7.38 15.14 -18.41
CA GLY A 230 6.52 14.91 -19.54
C GLY A 230 7.06 13.87 -20.51
N GLU A 231 8.33 13.98 -20.87
CA GLU A 231 8.94 13.03 -21.79
C GLU A 231 8.83 11.59 -21.30
N LEU A 232 8.59 11.38 -20.01
CA LEU A 232 8.49 10.03 -19.47
C LEU A 232 7.15 9.37 -19.78
N TYR A 233 6.17 10.13 -20.28
CA TYR A 233 4.83 9.63 -20.57
C TYR A 233 4.47 9.86 -22.03
N LEU A 234 5.45 9.74 -22.92
CA LEU A 234 5.20 9.89 -24.35
C LEU A 234 4.46 8.67 -24.89
N ARG A 235 3.72 8.89 -25.97
CA ARG A 235 2.97 7.81 -26.63
C ARG A 235 3.23 7.72 -28.12
N GLU A 236 4.09 8.57 -28.67
CA GLU A 236 4.41 8.50 -30.09
C GLU A 236 5.25 7.28 -30.41
N LYS A 237 5.10 6.78 -31.64
CA LYS A 237 5.85 5.63 -32.12
C LYS A 237 6.99 6.11 -33.01
N PHE A 238 8.19 5.61 -32.76
CA PHE A 238 9.38 6.02 -33.52
C PHE A 238 9.94 4.83 -34.27
N GLU A 239 9.95 4.89 -35.59
CA GLU A 239 10.43 3.77 -36.40
C GLU A 239 11.92 3.43 -36.25
N ASN A 240 12.78 4.43 -36.17
CA ASN A 240 14.22 4.17 -36.11
C ASN A 240 14.98 5.06 -35.13
N SER A 241 16.18 4.63 -34.74
CA SER A 241 16.99 5.39 -33.78
C SER A 241 17.31 6.80 -34.25
N ILE A 242 17.51 6.99 -35.56
CA ILE A 242 17.79 8.32 -36.10
C ILE A 242 16.59 9.23 -35.89
N GLU A 243 15.38 8.71 -36.08
CA GLU A 243 14.18 9.49 -35.78
C GLU A 243 14.09 9.82 -34.30
N SER A 244 14.46 8.86 -33.45
CA SER A 244 14.42 9.08 -32.01
C SER A 244 15.44 10.11 -31.55
N LEU A 245 16.51 10.32 -32.30
CA LEU A 245 17.56 11.26 -31.91
C LEU A 245 17.07 12.70 -31.87
N ARG A 246 15.95 13.01 -32.54
CA ARG A 246 15.50 14.40 -32.64
C ARG A 246 14.99 14.97 -31.33
N LEU A 247 14.80 14.13 -30.30
CA LEU A 247 14.26 14.65 -29.04
C LEU A 247 15.29 15.47 -28.27
N PHE A 248 16.58 15.22 -28.49
CA PHE A 248 17.62 15.87 -27.70
C PHE A 248 18.83 16.30 -28.51
N LYS A 249 18.81 16.16 -29.84
CA LYS A 249 19.99 16.45 -30.63
C LYS A 249 20.27 17.95 -30.77
N ASN A 250 19.33 18.80 -30.39
CA ASN A 250 19.51 20.24 -30.49
C ASN A 250 19.76 20.92 -29.15
N ASP A 251 19.65 20.21 -28.04
CA ASP A 251 19.86 20.82 -26.74
C ASP A 251 21.36 21.03 -26.48
N PRO A 252 21.74 22.12 -25.83
CA PRO A 252 23.15 22.35 -25.53
C PRO A 252 23.64 21.41 -24.42
N LEU A 253 24.95 21.21 -24.40
CA LEU A 253 25.56 20.37 -23.38
C LEU A 253 25.44 21.03 -22.01
N PHE A 254 25.22 20.20 -20.99
CA PHE A 254 25.05 20.71 -19.63
C PHE A 254 26.38 20.88 -18.91
N PHE A 255 27.32 19.96 -19.13
CA PHE A 255 28.63 20.03 -18.51
C PHE A 255 29.69 19.71 -19.57
N LYS A 256 30.95 19.96 -19.22
CA LYS A 256 32.04 19.59 -20.09
C LYS A 256 32.15 18.07 -20.17
N PRO A 257 32.36 17.51 -21.35
CA PRO A 257 32.50 16.04 -21.46
C PRO A 257 33.68 15.54 -20.62
N GLY A 258 33.43 14.50 -19.84
CA GLY A 258 34.45 13.93 -18.99
C GLY A 258 34.69 14.67 -17.69
N SER A 259 33.90 15.69 -17.38
CA SER A 259 34.11 16.51 -16.20
C SER A 259 33.12 16.26 -15.08
N GLN A 260 31.84 16.04 -15.40
CA GLN A 260 30.80 15.86 -14.40
C GLN A 260 29.99 14.62 -14.72
N PHE A 261 29.66 13.86 -13.68
CA PHE A 261 28.83 12.66 -13.83
C PHE A 261 27.37 13.05 -13.81
N LEU A 262 26.63 12.61 -14.84
CA LEU A 262 25.20 12.88 -14.92
C LEU A 262 24.53 11.67 -15.58
N TYR A 263 23.78 10.91 -14.80
CA TYR A 263 23.09 9.74 -15.33
C TYR A 263 22.10 10.17 -16.40
N SER A 264 22.12 9.48 -17.54
CA SER A 264 21.28 9.85 -18.67
C SER A 264 20.83 8.60 -19.41
N THR A 265 19.68 8.73 -20.07
CA THR A 265 19.12 7.66 -20.89
C THR A 265 19.22 7.93 -22.38
N PHE A 266 19.29 9.19 -22.79
CA PHE A 266 19.41 9.52 -24.21
C PHE A 266 20.81 9.18 -24.74
N GLY A 267 21.82 9.20 -23.87
CA GLY A 267 23.14 8.78 -24.29
C GLY A 267 23.15 7.36 -24.81
N TYR A 268 22.37 6.48 -24.19
CA TYR A 268 22.27 5.12 -24.69
C TYR A 268 21.42 5.01 -25.94
N THR A 269 20.50 5.96 -26.19
CA THR A 269 19.88 6.03 -27.51
C THR A 269 20.90 6.36 -28.58
N LEU A 270 21.78 7.32 -28.29
CA LEU A 270 22.89 7.60 -29.22
C LEU A 270 23.79 6.39 -29.38
N LEU A 271 24.03 5.66 -28.29
CA LEU A 271 24.83 4.45 -28.37
C LEU A 271 24.17 3.39 -29.25
N ALA A 272 22.85 3.26 -29.17
CA ALA A 272 22.13 2.33 -30.04
C ALA A 272 22.24 2.75 -31.51
N ALA A 273 22.13 4.04 -31.77
CA ALA A 273 22.33 4.53 -33.14
C ALA A 273 23.74 4.21 -33.64
N ILE A 274 24.74 4.39 -32.78
CA ILE A 274 26.12 4.07 -33.14
C ILE A 274 26.25 2.58 -33.42
N VAL A 275 25.62 1.75 -32.60
CA VAL A 275 25.69 0.30 -32.78
C VAL A 275 25.09 -0.10 -34.13
N GLU A 276 23.91 0.43 -34.44
CA GLU A 276 23.26 0.03 -35.69
C GLU A 276 23.98 0.61 -36.90
N ARG A 277 24.70 1.72 -36.74
CA ARG A 277 25.50 2.23 -37.85
C ARG A 277 26.76 1.39 -38.06
N ALA A 278 27.44 1.02 -36.97
CA ALA A 278 28.72 0.33 -37.09
C ALA A 278 28.55 -1.14 -37.46
N SER A 279 27.51 -1.79 -36.95
CA SER A 279 27.32 -3.21 -37.21
C SER A 279 26.78 -3.49 -38.60
N GLY A 280 26.18 -2.49 -39.26
CA GLY A 280 25.60 -2.68 -40.57
C GLY A 280 24.20 -3.26 -40.59
N CYS A 281 23.62 -3.52 -39.42
CA CYS A 281 22.27 -4.06 -39.32
C CYS A 281 21.49 -3.27 -38.27
N LYS A 282 20.18 -3.53 -38.22
CA LYS A 282 19.33 -2.84 -37.27
C LYS A 282 19.66 -3.26 -35.83
N TYR A 283 19.43 -2.35 -34.90
CA TYR A 283 19.76 -2.61 -33.50
C TYR A 283 18.95 -3.77 -32.95
N LEU A 284 17.64 -3.81 -33.24
CA LEU A 284 16.78 -4.84 -32.68
C LEU A 284 17.18 -6.23 -33.18
N ASP A 285 17.57 -6.34 -34.45
CA ASP A 285 18.02 -7.62 -34.98
C ASP A 285 19.30 -8.09 -34.29
N TYR A 286 20.24 -7.17 -34.07
CA TYR A 286 21.49 -7.52 -33.38
C TYR A 286 21.20 -7.99 -31.96
N MET A 287 20.34 -7.29 -31.24
CA MET A 287 20.00 -7.71 -29.88
C MET A 287 19.26 -9.04 -29.87
N GLN A 288 18.39 -9.27 -30.86
CA GLN A 288 17.69 -10.55 -30.95
C GLN A 288 18.68 -11.69 -31.18
N LYS A 289 19.66 -11.48 -32.05
CA LYS A 289 20.69 -12.49 -32.27
C LYS A 289 21.49 -12.75 -30.98
N ILE A 290 21.83 -11.68 -30.26
CA ILE A 290 22.57 -11.85 -29.00
C ILE A 290 21.74 -12.62 -27.98
N PHE A 291 20.45 -12.30 -27.86
CA PHE A 291 19.58 -13.01 -26.94
C PHE A 291 19.47 -14.48 -27.33
N HIS A 292 19.39 -14.77 -28.62
CA HIS A 292 19.36 -16.16 -29.08
C HIS A 292 20.65 -16.88 -28.71
N ASP A 293 21.79 -16.20 -28.82
CA ASP A 293 23.06 -16.83 -28.45
C ASP A 293 23.10 -17.16 -26.97
N LEU A 294 22.55 -16.29 -26.13
CA LEU A 294 22.59 -16.47 -24.67
C LEU A 294 21.40 -17.25 -24.12
N ASP A 295 20.51 -17.75 -24.99
CA ASP A 295 19.37 -18.57 -24.60
C ASP A 295 18.36 -17.79 -23.77
N MET A 296 18.17 -16.51 -24.11
CA MET A 296 17.15 -15.67 -23.47
C MET A 296 15.96 -15.58 -24.41
N LEU A 297 15.09 -16.59 -24.33
CA LEU A 297 14.01 -16.75 -25.29
C LEU A 297 12.79 -15.89 -24.99
N THR A 298 12.68 -15.34 -23.78
CA THR A 298 11.53 -14.54 -23.40
C THR A 298 11.83 -13.05 -23.33
N THR A 299 12.98 -12.62 -23.84
CA THR A 299 13.36 -11.21 -23.81
C THR A 299 12.94 -10.56 -25.11
N VAL A 300 11.94 -9.67 -25.04
CA VAL A 300 11.41 -8.97 -26.19
C VAL A 300 11.32 -7.48 -25.87
N GLN A 301 10.95 -6.70 -26.87
CA GLN A 301 10.82 -5.26 -26.72
C GLN A 301 9.38 -4.88 -26.38
N GLU A 302 9.24 -3.72 -25.73
CA GLU A 302 7.93 -3.23 -25.30
C GLU A 302 7.08 -2.86 -26.50
N GLU A 303 6.08 -3.68 -26.81
CA GLU A 303 5.15 -3.40 -27.89
C GLU A 303 3.75 -3.80 -27.46
N ASN A 304 2.76 -3.14 -28.04
CA ASN A 304 1.35 -3.34 -27.70
C ASN A 304 0.63 -4.29 -28.65
N GLU A 305 0.85 -4.14 -29.95
CA GLU A 305 0.11 -4.95 -30.93
C GLU A 305 0.40 -6.45 -30.83
N PRO A 306 1.65 -6.92 -30.75
CA PRO A 306 1.87 -8.37 -30.69
C PRO A 306 1.35 -8.96 -29.39
N VAL A 307 0.95 -10.23 -29.47
CA VAL A 307 0.47 -10.97 -28.31
C VAL A 307 1.67 -11.56 -27.58
N ILE A 308 1.89 -11.11 -26.35
CA ILE A 308 2.99 -11.58 -25.51
C ILE A 308 2.38 -12.30 -24.32
N TYR A 309 2.67 -13.60 -24.20
CA TYR A 309 2.06 -14.39 -23.15
C TYR A 309 2.66 -14.07 -21.80
N ASN A 310 1.83 -14.18 -20.76
CA ASN A 310 2.23 -13.98 -19.37
C ASN A 310 2.71 -12.55 -19.11
N ARG A 311 2.19 -11.58 -19.86
CA ARG A 311 2.53 -10.18 -19.64
C ARG A 311 1.73 -9.64 -18.46
N ALA A 312 2.41 -8.96 -17.54
CA ALA A 312 1.79 -8.49 -16.31
C ALA A 312 1.27 -7.06 -16.47
N ARG A 313 0.68 -6.55 -15.40
CA ARG A 313 0.19 -5.18 -15.33
C ARG A 313 0.99 -4.40 -14.31
N PHE A 314 0.93 -3.08 -14.42
CA PHE A 314 1.76 -2.18 -13.61
C PHE A 314 0.88 -1.14 -12.94
N TYR A 315 1.15 -0.88 -11.66
CA TYR A 315 0.26 -0.11 -10.81
C TYR A 315 1.04 0.97 -10.07
N VAL A 316 0.28 1.92 -9.50
CA VAL A 316 0.81 3.01 -8.71
C VAL A 316 -0.28 3.44 -7.73
N TYR A 317 0.10 4.20 -6.71
CA TYR A 317 -0.83 4.73 -5.72
C TYR A 317 -1.14 6.19 -6.02
N ASN A 318 -2.41 6.56 -5.88
CA ASN A 318 -2.86 7.92 -6.15
C ASN A 318 -2.81 8.75 -4.87
N LYS A 319 -3.39 9.96 -4.93
CA LYS A 319 -3.38 10.85 -3.77
C LYS A 319 -4.27 10.36 -2.64
N LYS A 320 -5.27 9.54 -2.93
CA LYS A 320 -6.15 8.99 -1.92
C LYS A 320 -5.65 7.68 -1.35
N LYS A 321 -4.40 7.30 -1.66
CA LYS A 321 -3.80 6.04 -1.20
C LYS A 321 -4.62 4.85 -1.67
N ARG A 322 -4.94 4.83 -2.96
CA ARG A 322 -5.69 3.75 -3.58
C ARG A 322 -4.93 3.26 -4.82
N LEU A 323 -4.91 1.95 -5.00
CA LEU A 323 -4.18 1.35 -6.12
C LEU A 323 -4.91 1.64 -7.42
N VAL A 324 -4.17 2.16 -8.41
CA VAL A 324 -4.72 2.49 -9.72
C VAL A 324 -3.76 1.99 -10.79
N ASN A 325 -4.25 2.00 -12.03
CA ASN A 325 -3.43 1.60 -13.17
C ASN A 325 -2.54 2.74 -13.62
N THR A 326 -1.35 2.39 -14.10
CA THR A 326 -0.46 3.40 -14.66
C THR A 326 -0.93 3.80 -16.05
N PRO A 327 -0.66 5.05 -16.46
CA PRO A 327 -1.07 5.49 -17.79
C PRO A 327 -0.32 4.76 -18.89
N TYR A 328 -0.98 4.68 -20.06
CA TYR A 328 -0.38 4.01 -21.20
C TYR A 328 0.78 4.84 -21.75
N VAL A 329 1.91 4.18 -22.01
CA VAL A 329 3.11 4.83 -22.51
C VAL A 329 3.69 4.01 -23.65
N ASP A 330 4.49 4.67 -24.48
CA ASP A 330 5.23 4.04 -25.56
C ASP A 330 6.72 4.29 -25.35
N ASN A 331 7.51 3.22 -25.35
CA ASN A 331 8.93 3.29 -25.05
C ASN A 331 9.80 3.05 -26.29
N SER A 332 9.26 3.30 -27.48
CA SER A 332 10.01 3.05 -28.70
C SER A 332 11.18 4.02 -28.88
N TYR A 333 11.13 5.20 -28.27
CA TYR A 333 12.21 6.17 -28.43
C TYR A 333 13.45 5.80 -27.64
N LYS A 334 13.34 4.90 -26.67
CA LYS A 334 14.48 4.42 -25.89
C LYS A 334 14.43 2.90 -25.84
N TRP A 335 14.96 2.22 -26.84
CA TRP A 335 15.01 0.77 -26.77
C TRP A 335 16.20 0.41 -25.91
N ALA A 336 17.36 0.94 -26.26
CA ALA A 336 18.58 0.63 -25.51
C ALA A 336 18.57 1.08 -24.07
N GLY A 337 17.96 2.23 -23.80
CA GLY A 337 17.84 2.74 -22.42
C GLY A 337 16.91 1.88 -21.56
N GLY A 338 15.60 2.09 -21.68
CA GLY A 338 14.61 1.29 -20.90
C GLY A 338 13.42 0.81 -21.72
N GLY A 339 13.63 -0.13 -22.64
CA GLY A 339 12.52 -0.58 -23.53
C GLY A 339 12.37 -2.09 -23.64
N PHE A 340 12.91 -2.88 -22.70
CA PHE A 340 12.86 -4.35 -22.89
C PHE A 340 11.93 -5.05 -21.88
N LEU A 341 11.55 -6.29 -22.17
CA LEU A 341 10.68 -7.06 -21.29
C LEU A 341 11.34 -8.40 -21.04
N SER A 342 11.33 -8.88 -19.80
CA SER A 342 12.04 -10.12 -19.50
C SER A 342 11.53 -10.87 -18.28
N THR A 343 12.07 -12.07 -18.05
CA THR A 343 11.73 -12.84 -16.87
C THR A 343 12.94 -12.90 -15.95
N VAL A 344 12.81 -13.67 -14.86
CA VAL A 344 13.94 -13.82 -13.95
C VAL A 344 14.94 -14.86 -14.46
N GLY A 345 14.47 -15.88 -15.18
CA GLY A 345 15.37 -16.89 -15.70
C GLY A 345 16.33 -16.34 -16.74
N ASP A 346 15.85 -15.44 -17.60
CA ASP A 346 16.73 -14.83 -18.58
C ASP A 346 17.80 -13.99 -17.92
N LEU A 347 17.45 -13.23 -16.89
CA LEU A 347 18.44 -12.45 -16.16
C LEU A 347 19.44 -13.36 -15.45
N LEU A 348 18.97 -14.48 -14.90
CA LEU A 348 19.90 -15.43 -14.28
C LEU A 348 20.88 -15.98 -15.30
N LYS A 349 20.39 -16.34 -16.50
CA LYS A 349 21.27 -16.85 -17.55
C LYS A 349 22.28 -15.80 -17.98
N PHE A 350 21.83 -14.55 -18.14
CA PHE A 350 22.73 -13.47 -18.53
C PHE A 350 23.82 -13.26 -17.48
N GLY A 351 23.44 -13.25 -16.20
CA GLY A 351 24.41 -13.10 -15.14
C GLY A 351 25.39 -14.25 -15.08
N ASN A 352 24.90 -15.48 -15.29
CA ASN A 352 25.78 -16.63 -15.30
C ASN A 352 26.78 -16.54 -16.43
N ALA A 353 26.34 -16.11 -17.62
CA ALA A 353 27.26 -15.96 -18.74
C ALA A 353 28.33 -14.91 -18.44
N MET A 354 27.93 -13.77 -17.87
CA MET A 354 28.92 -12.76 -17.52
C MET A 354 29.90 -13.26 -16.46
N LEU A 355 29.41 -14.00 -15.46
CA LEU A 355 30.28 -14.53 -14.43
C LEU A 355 31.27 -15.53 -15.00
N TYR A 356 30.82 -16.40 -15.90
CA TYR A 356 31.72 -17.36 -16.53
C TYR A 356 32.78 -16.65 -17.36
N GLY A 357 32.37 -15.65 -18.14
CA GLY A 357 33.35 -14.89 -18.91
C GLY A 357 34.35 -14.18 -18.03
N TYR A 358 33.92 -13.72 -16.86
CA TYR A 358 34.82 -13.07 -15.93
C TYR A 358 35.81 -14.04 -15.30
N GLN A 359 35.35 -15.24 -14.93
CA GLN A 359 36.15 -16.15 -14.13
C GLN A 359 36.89 -17.23 -14.92
N VAL A 360 36.67 -17.34 -16.23
CA VAL A 360 37.29 -18.43 -16.98
C VAL A 360 38.81 -18.26 -17.05
N GLY A 361 39.30 -17.03 -17.03
CA GLY A 361 40.73 -16.80 -17.15
C GLY A 361 41.53 -17.38 -15.99
N LEU A 362 40.97 -17.31 -14.78
CA LEU A 362 41.66 -17.85 -13.62
C LEU A 362 41.74 -19.37 -13.67
N PHE A 363 40.68 -20.02 -14.17
CA PHE A 363 40.63 -21.47 -14.23
C PHE A 363 41.30 -22.03 -15.48
N LYS A 364 41.65 -21.20 -16.45
CA LYS A 364 42.24 -21.69 -17.69
C LYS A 364 43.57 -22.42 -17.43
N ASN A 365 44.33 -21.99 -16.43
CA ASN A 365 45.65 -22.58 -16.20
C ASN A 365 45.54 -24.05 -15.79
N SER A 366 44.60 -24.38 -14.91
CA SER A 366 44.52 -25.74 -14.39
C SER A 366 43.95 -26.71 -15.43
N ASN A 367 42.90 -26.30 -16.14
CA ASN A 367 42.21 -27.16 -17.08
C ASN A 367 42.12 -26.48 -18.44
N GLU A 368 42.48 -27.20 -19.50
CA GLU A 368 42.42 -26.68 -20.85
C GLU A 368 41.19 -27.15 -21.61
N ASN A 369 40.29 -27.88 -20.97
CA ASN A 369 39.08 -28.38 -21.61
C ASN A 369 37.90 -27.44 -21.46
N LEU A 370 38.06 -26.33 -20.75
CA LEU A 370 36.96 -25.39 -20.55
C LEU A 370 36.65 -24.64 -21.84
N LEU A 371 35.37 -24.52 -22.15
CA LEU A 371 34.95 -23.77 -23.32
C LEU A 371 35.20 -22.28 -23.11
N PRO A 372 35.49 -21.54 -24.17
CA PRO A 372 35.73 -20.10 -24.03
C PRO A 372 34.46 -19.36 -23.64
N GLY A 373 34.64 -18.24 -22.95
CA GLY A 373 33.52 -17.41 -22.58
C GLY A 373 32.98 -16.62 -23.76
N TYR A 374 31.80 -16.04 -23.55
CA TYR A 374 31.16 -15.26 -24.61
C TYR A 374 32.00 -14.04 -24.99
N LEU A 375 32.73 -13.48 -24.03
CA LEU A 375 33.62 -12.36 -24.27
C LEU A 375 35.00 -12.68 -23.73
N LYS A 376 36.01 -12.02 -24.31
CA LYS A 376 37.39 -12.29 -23.92
C LYS A 376 37.63 -11.85 -22.46
N PRO A 377 38.55 -12.51 -21.76
CA PRO A 377 38.78 -12.15 -20.34
C PRO A 377 39.17 -10.71 -20.14
N GLU A 378 39.96 -10.13 -21.03
CA GLU A 378 40.34 -8.73 -20.89
C GLU A 378 39.13 -7.82 -21.07
N THR A 379 38.22 -8.18 -21.98
CA THR A 379 37.01 -7.39 -22.16
C THR A 379 36.16 -7.38 -20.89
N MET A 380 36.04 -8.53 -20.24
CA MET A 380 35.24 -8.60 -19.02
C MET A 380 35.82 -7.76 -17.90
N VAL A 381 37.13 -7.76 -17.77
CA VAL A 381 37.77 -6.95 -16.73
C VAL A 381 37.49 -5.48 -16.95
N MET A 382 37.57 -5.02 -18.20
CA MET A 382 37.33 -3.62 -18.52
C MET A 382 35.88 -3.24 -18.21
N MET A 383 34.95 -4.14 -18.50
CA MET A 383 33.55 -3.86 -18.26
C MET A 383 33.26 -3.63 -16.79
N TRP A 384 33.89 -4.40 -15.92
CA TRP A 384 33.64 -4.28 -14.49
C TRP A 384 34.64 -3.39 -13.75
N THR A 385 35.51 -2.71 -14.49
CA THR A 385 36.47 -1.78 -13.86
C THR A 385 35.82 -0.42 -13.46
N PRO A 386 35.82 -0.05 -12.15
CA PRO A 386 35.20 1.25 -11.81
C PRO A 386 35.93 2.41 -12.45
N VAL A 387 35.18 3.44 -12.77
CA VAL A 387 35.69 4.65 -13.42
C VAL A 387 35.73 5.77 -12.37
N PRO A 388 36.82 6.52 -12.26
CA PRO A 388 36.87 7.61 -11.29
C PRO A 388 35.89 8.71 -11.63
N ASN A 389 35.53 9.48 -10.60
CA ASN A 389 34.58 10.59 -10.71
C ASN A 389 33.21 10.10 -11.18
N THR A 390 32.76 8.99 -10.62
CA THR A 390 31.45 8.42 -10.92
C THR A 390 30.74 8.07 -9.62
N GLU A 391 29.42 7.98 -9.68
CA GLU A 391 28.60 7.72 -8.51
C GLU A 391 27.70 6.51 -8.75
N MET A 392 27.33 5.85 -7.67
CA MET A 392 26.44 4.69 -7.68
C MET A 392 25.27 5.02 -6.76
N SER A 393 24.13 5.37 -7.36
CA SER A 393 23.01 5.92 -6.59
C SER A 393 22.45 4.91 -5.60
N TRP A 394 22.31 3.65 -6.02
CA TRP A 394 21.70 2.64 -5.15
C TRP A 394 22.66 2.10 -4.10
N ASP A 395 23.94 2.48 -4.15
CA ASP A 395 24.87 2.14 -3.07
C ASP A 395 25.99 3.18 -3.10
N LYS A 396 26.00 4.06 -2.10
CA LYS A 396 27.00 5.12 -2.01
C LYS A 396 28.41 4.56 -1.76
N GLU A 397 28.52 3.29 -1.38
CA GLU A 397 29.80 2.71 -1.02
C GLU A 397 30.63 2.30 -2.23
N GLY A 398 30.01 2.19 -3.41
CA GLY A 398 30.69 1.81 -4.62
C GLY A 398 30.62 2.90 -5.68
N LYS A 399 31.15 2.58 -6.87
CA LYS A 399 31.16 3.53 -8.00
C LYS A 399 30.52 2.94 -9.25
N TYR A 400 30.74 3.58 -10.40
CA TYR A 400 30.15 3.10 -11.65
C TYR A 400 31.22 2.64 -12.62
N ALA A 401 30.91 1.63 -13.42
CA ALA A 401 31.86 1.11 -14.39
C ALA A 401 31.31 1.29 -15.79
N MET A 402 31.20 0.21 -16.54
CA MET A 402 30.57 0.31 -17.86
C MET A 402 29.20 -0.33 -17.78
N ALA A 403 28.15 0.49 -17.70
CA ALA A 403 26.77 -0.01 -17.61
C ALA A 403 26.54 -0.92 -16.42
N TRP A 404 27.30 -0.72 -15.36
CA TRP A 404 27.18 -1.54 -14.17
C TRP A 404 27.63 -0.71 -12.99
N GLY A 405 27.19 -1.07 -11.80
CA GLY A 405 27.68 -0.37 -10.63
C GLY A 405 28.52 -1.39 -9.91
N VAL A 406 29.77 -1.04 -9.61
CA VAL A 406 30.67 -2.02 -9.00
C VAL A 406 31.17 -1.60 -7.62
N VAL A 407 31.05 -2.49 -6.64
CA VAL A 407 31.58 -2.20 -5.30
C VAL A 407 32.75 -3.14 -5.13
N GLU A 408 33.91 -2.60 -4.78
CA GLU A 408 35.10 -3.44 -4.64
C GLU A 408 35.27 -3.98 -3.24
N ARG A 409 36.32 -4.76 -3.02
CA ARG A 409 36.60 -5.29 -1.69
C ARG A 409 37.81 -4.60 -1.08
N LYS A 410 37.69 -4.24 0.19
CA LYS A 410 38.78 -3.58 0.90
C LYS A 410 38.51 -3.65 2.39
N GLN A 411 39.57 -3.40 3.17
CA GLN A 411 39.46 -3.33 4.62
C GLN A 411 40.53 -2.36 5.11
N THR A 412 40.11 -1.30 5.81
CA THR A 412 41.04 -0.25 6.22
C THR A 412 41.60 -0.47 7.62
N TYR A 413 40.76 -0.88 8.56
CA TYR A 413 41.17 -1.06 9.95
C TYR A 413 40.90 -2.48 10.41
N GLY A 414 41.69 -2.93 11.37
CA GLY A 414 41.52 -4.27 11.90
C GLY A 414 40.27 -4.39 12.76
N SER A 415 39.62 -5.55 12.69
CA SER A 415 38.36 -5.77 13.43
C SER A 415 37.29 -4.77 13.02
N CYS A 416 37.30 -4.37 11.76
CA CYS A 416 36.31 -3.40 11.27
C CYS A 416 35.76 -3.86 9.93
N ARG A 417 34.63 -3.28 9.50
CA ARG A 417 33.98 -3.65 8.24
C ARG A 417 34.85 -4.20 7.11
N LYS A 418 34.52 -5.39 6.62
CA LYS A 418 35.24 -5.98 5.50
C LYS A 418 34.34 -5.88 4.26
N GLN A 419 34.74 -5.05 3.32
CA GLN A 419 33.95 -4.84 2.11
C GLN A 419 33.99 -6.08 1.23
N ARG A 420 32.86 -6.36 0.56
CA ARG A 420 32.72 -7.51 -0.31
C ARG A 420 32.54 -7.04 -1.75
N HIS A 421 33.13 -7.79 -2.68
CA HIS A 421 33.13 -7.41 -4.09
C HIS A 421 31.89 -7.96 -4.79
N TYR A 422 31.14 -7.08 -5.46
CA TYR A 422 29.96 -7.49 -6.21
C TYR A 422 29.64 -6.41 -7.24
N ALA A 423 28.76 -6.76 -8.17
CA ALA A 423 28.29 -5.85 -9.20
C ALA A 423 26.77 -5.91 -9.27
N SER A 424 26.15 -4.77 -9.58
CA SER A 424 24.70 -4.68 -9.56
C SER A 424 24.23 -3.56 -10.46
N HIS A 425 22.97 -3.64 -10.85
CA HIS A 425 22.30 -2.56 -11.57
C HIS A 425 20.81 -2.63 -11.26
N THR A 426 20.21 -1.48 -10.96
CA THR A 426 18.80 -1.39 -10.63
C THR A 426 18.05 -0.69 -11.76
N GLY A 427 16.74 -0.91 -11.82
CA GLY A 427 15.92 -0.25 -12.82
C GLY A 427 14.60 0.31 -12.32
N GLY A 428 14.26 1.53 -12.73
CA GLY A 428 13.01 2.15 -12.34
C GLY A 428 12.18 2.52 -13.55
N ALA A 429 11.00 1.94 -13.68
CA ALA A 429 10.14 2.19 -14.84
C ALA A 429 8.78 2.61 -14.35
N VAL A 430 7.95 3.18 -15.22
CA VAL A 430 6.62 3.51 -14.79
C VAL A 430 5.93 2.22 -14.42
N GLY A 431 5.45 2.11 -13.19
CA GLY A 431 4.77 0.93 -12.74
C GLY A 431 5.63 -0.28 -12.40
N ALA A 432 6.96 -0.16 -12.45
CA ALA A 432 7.80 -1.33 -12.22
C ALA A 432 9.14 -1.08 -11.56
N SER A 433 9.68 -2.10 -10.89
CA SER A 433 11.00 -1.99 -10.26
C SER A 433 11.73 -3.32 -10.40
N SER A 434 13.04 -3.30 -10.58
CA SER A 434 13.82 -4.51 -10.80
C SER A 434 15.26 -4.29 -10.32
N VAL A 435 15.98 -5.40 -10.20
CA VAL A 435 17.38 -5.38 -9.79
C VAL A 435 18.03 -6.68 -10.25
N LEU A 436 19.30 -6.58 -10.65
CA LEU A 436 20.12 -7.74 -10.99
C LEU A 436 21.45 -7.61 -10.27
N LEU A 437 21.82 -8.63 -9.51
CA LEU A 437 23.01 -8.61 -8.68
C LEU A 437 23.87 -9.83 -8.94
N VAL A 438 25.18 -9.63 -9.00
CA VAL A 438 26.15 -10.71 -9.16
C VAL A 438 27.13 -10.64 -8.00
N LEU A 439 27.30 -11.76 -7.30
CA LEU A 439 28.22 -11.85 -6.16
C LEU A 439 29.30 -12.88 -6.44
N PRO A 440 30.46 -12.47 -6.94
CA PRO A 440 31.54 -13.43 -7.18
C PRO A 440 32.08 -13.99 -5.87
N GLU A 441 32.60 -15.22 -5.95
CA GLU A 441 33.15 -15.91 -4.81
C GLU A 441 34.66 -15.79 -4.81
N GLU A 442 35.23 -15.53 -3.63
CA GLU A 442 36.69 -15.46 -3.51
C GLU A 442 37.30 -16.80 -3.84
N LEU A 443 38.32 -16.79 -4.70
CA LEU A 443 38.91 -18.01 -5.24
C LEU A 443 40.26 -18.25 -4.58
N ASP A 444 40.46 -19.48 -4.10
CA ASP A 444 41.72 -19.93 -3.53
C ASP A 444 42.42 -20.86 -4.51
N THR A 445 43.57 -21.39 -4.08
CA THR A 445 44.33 -22.28 -4.95
C THR A 445 43.63 -23.62 -5.13
N GLU A 446 43.16 -24.22 -4.04
CA GLU A 446 42.52 -25.53 -4.12
C GLU A 446 41.22 -25.45 -4.91
N THR A 447 40.43 -24.40 -4.71
CA THR A 447 39.18 -24.25 -5.45
C THR A 447 39.44 -24.09 -6.94
N ILE A 448 40.45 -23.30 -7.30
CA ILE A 448 40.81 -23.13 -8.71
C ILE A 448 41.27 -24.45 -9.30
N ASN A 449 42.08 -25.21 -8.55
CA ASN A 449 42.59 -26.48 -9.06
C ASN A 449 41.50 -27.53 -9.21
N ASN A 450 40.49 -27.51 -8.33
CA ASN A 450 39.47 -28.56 -8.32
C ASN A 450 38.16 -28.14 -8.97
N LYS A 451 37.57 -27.03 -8.53
CA LYS A 451 36.26 -26.62 -9.01
C LYS A 451 36.37 -26.03 -10.41
N VAL A 452 35.20 -25.76 -11.00
CA VAL A 452 35.11 -25.20 -12.35
C VAL A 452 34.21 -23.97 -12.32
N PRO A 453 34.40 -23.00 -13.21
CA PRO A 453 33.56 -21.81 -13.20
C PRO A 453 32.20 -22.11 -13.81
N PRO A 454 31.18 -21.27 -13.54
CA PRO A 454 31.22 -20.08 -12.68
C PRO A 454 31.07 -20.40 -11.20
N ARG A 455 31.64 -19.55 -10.35
CA ARG A 455 31.54 -19.70 -8.90
C ARG A 455 30.99 -18.39 -8.34
N GLY A 456 29.71 -18.39 -7.98
CA GLY A 456 29.09 -17.20 -7.46
C GLY A 456 27.59 -17.37 -7.35
N ILE A 457 26.92 -16.25 -7.08
CA ILE A 457 25.47 -16.22 -6.89
C ILE A 457 24.90 -15.04 -7.68
N ILE A 458 23.82 -15.28 -8.40
CA ILE A 458 23.11 -14.24 -9.14
C ILE A 458 21.68 -14.17 -8.60
N VAL A 459 21.20 -12.97 -8.29
CA VAL A 459 19.88 -12.75 -7.73
C VAL A 459 19.14 -11.75 -8.60
N SER A 460 17.89 -12.06 -8.94
CA SER A 460 17.04 -11.17 -9.72
C SER A 460 15.70 -11.03 -9.03
N ILE A 461 15.25 -9.79 -8.84
CA ILE A 461 13.94 -9.49 -8.25
C ILE A 461 13.25 -8.46 -9.13
N ILE A 462 11.98 -8.72 -9.44
CA ILE A 462 11.14 -7.78 -10.18
C ILE A 462 9.80 -7.65 -9.47
N CYS A 463 9.30 -6.42 -9.37
CA CYS A 463 8.00 -6.15 -8.78
C CYS A 463 7.25 -5.14 -9.63
N ASN A 464 5.93 -5.27 -9.66
CA ASN A 464 5.09 -4.36 -10.43
C ASN A 464 4.62 -3.16 -9.59
N MET A 465 5.58 -2.49 -8.96
CA MET A 465 5.31 -1.32 -8.14
C MET A 465 6.33 -0.24 -8.48
N GLN A 466 5.89 1.01 -8.53
CA GLN A 466 6.73 2.12 -8.94
C GLN A 466 7.55 2.66 -7.78
N SER A 467 8.81 2.97 -8.06
CA SER A 467 9.72 3.61 -7.11
C SER A 467 9.97 2.72 -5.88
N VAL A 468 10.52 1.55 -6.13
CA VAL A 468 10.91 0.61 -5.08
C VAL A 468 12.38 0.28 -5.24
N GLY A 469 13.14 0.41 -4.16
CA GLY A 469 14.55 0.07 -4.16
C GLY A 469 14.78 -1.33 -3.61
N LEU A 470 15.33 -2.20 -4.43
CA LEU A 470 15.46 -3.62 -4.10
C LEU A 470 16.92 -4.07 -3.98
N ASN A 471 17.87 -3.14 -3.98
CA ASN A 471 19.27 -3.53 -3.94
C ASN A 471 19.64 -4.18 -2.61
N SER A 472 19.20 -3.60 -1.49
CA SER A 472 19.57 -4.13 -0.18
C SER A 472 19.01 -5.53 0.04
N THR A 473 17.75 -5.76 -0.37
CA THR A 473 17.16 -7.08 -0.21
C THR A 473 17.91 -8.12 -1.03
N ALA A 474 18.28 -7.77 -2.26
CA ALA A 474 19.05 -8.68 -3.10
C ALA A 474 20.42 -8.98 -2.48
N LEU A 475 21.06 -7.96 -1.92
CA LEU A 475 22.36 -8.17 -1.28
C LEU A 475 22.24 -9.10 -0.08
N LYS A 476 21.21 -8.90 0.74
CA LYS A 476 21.02 -9.77 1.90
C LYS A 476 20.73 -11.21 1.47
N ILE A 477 19.89 -11.39 0.45
CA ILE A 477 19.58 -12.74 -0.04
C ILE A 477 20.84 -13.40 -0.58
N ALA A 478 21.64 -12.67 -1.35
CA ALA A 478 22.87 -13.22 -1.89
C ALA A 478 23.84 -13.61 -0.79
N LEU A 479 23.98 -12.76 0.23
CA LEU A 479 24.88 -13.09 1.33
C LEU A 479 24.43 -14.33 2.09
N GLU A 480 23.12 -14.46 2.31
CA GLU A 480 22.64 -15.61 3.06
C GLU A 480 22.78 -16.90 2.25
N PHE A 481 22.56 -16.83 0.94
CA PHE A 481 22.83 -18.00 0.12
C PHE A 481 24.32 -18.30 0.04
N ASP A 482 25.16 -17.27 0.18
CA ASP A 482 26.61 -17.47 0.26
C ASP A 482 26.97 -18.22 1.53
N LYS A 483 26.25 -18.00 2.63
CA LYS A 483 26.52 -18.72 3.87
C LYS A 483 26.21 -20.21 3.78
N ASP A 484 25.04 -20.55 3.25
CA ASP A 484 24.63 -21.96 3.15
C ASP A 484 25.52 -22.82 2.26
N ARG A 485 26.00 -22.25 1.15
CA ARG A 485 26.81 -23.02 0.21
C ARG A 485 28.05 -23.54 0.88
N SER A 486 28.38 -24.80 0.62
CA SER A 486 29.57 -25.40 1.22
C SER A 486 30.46 -26.03 0.15
N CYS B 43 -21.05 -27.09 3.43
CA CYS B 43 -22.25 -26.55 2.79
C CYS B 43 -21.99 -25.14 2.32
N PHE B 44 -21.10 -24.44 3.01
CA PHE B 44 -20.80 -23.06 2.67
C PHE B 44 -19.48 -22.94 1.95
N ALA B 45 -18.95 -24.05 1.45
CA ALA B 45 -17.63 -24.03 0.82
C ALA B 45 -17.53 -23.11 -0.39
N ARG B 46 -18.54 -23.09 -1.24
CA ARG B 46 -18.53 -22.19 -2.39
C ARG B 46 -18.51 -20.72 -1.96
N ALA B 47 -19.30 -20.39 -0.93
CA ALA B 47 -19.37 -19.02 -0.47
C ALA B 47 -18.09 -18.58 0.21
N ILE B 48 -17.45 -19.48 0.94
CA ILE B 48 -16.25 -19.15 1.67
C ILE B 48 -15.14 -18.76 0.70
N GLU B 49 -14.97 -19.52 -0.37
CA GLU B 49 -13.92 -19.21 -1.31
C GLU B 49 -14.14 -17.83 -1.94
N SER B 50 -15.38 -17.56 -2.34
CA SER B 50 -15.62 -16.27 -2.98
C SER B 50 -15.41 -15.12 -2.01
N SER B 51 -15.81 -15.31 -0.77
CA SER B 51 -15.64 -14.28 0.24
C SER B 51 -14.17 -14.02 0.49
N ARG B 52 -13.35 -15.07 0.48
CA ARG B 52 -11.92 -14.90 0.65
C ARG B 52 -11.36 -14.12 -0.52
N ASP B 53 -11.85 -14.40 -1.72
CA ASP B 53 -11.41 -13.62 -2.87
C ASP B 53 -11.77 -12.15 -2.71
N LEU B 54 -12.97 -11.88 -2.22
CA LEU B 54 -13.39 -10.49 -1.99
C LEU B 54 -12.51 -9.81 -0.96
N LEU B 55 -12.14 -10.53 0.10
CA LEU B 55 -11.25 -9.98 1.11
C LEU B 55 -9.89 -9.67 0.54
N HIS B 56 -9.38 -10.53 -0.32
CA HIS B 56 -8.11 -10.23 -0.97
C HIS B 56 -8.24 -8.98 -1.83
N ARG B 57 -9.35 -8.86 -2.56
CA ARG B 57 -9.56 -7.67 -3.37
C ARG B 57 -9.45 -6.38 -2.58
N ILE B 58 -10.13 -6.27 -1.45
CA ILE B 58 -10.11 -5.04 -0.66
C ILE B 58 -8.74 -4.85 0.00
N LYS B 59 -8.12 -5.95 0.46
CA LYS B 59 -6.82 -5.84 1.11
C LYS B 59 -5.76 -5.31 0.16
N ASP B 60 -5.74 -5.80 -1.08
CA ASP B 60 -4.78 -5.30 -2.05
C ASP B 60 -5.14 -3.89 -2.51
N GLU B 61 -6.43 -3.55 -2.57
CA GLU B 61 -6.83 -2.22 -2.97
C GLU B 61 -6.35 -1.16 -1.99
N VAL B 62 -6.48 -1.44 -0.68
CA VAL B 62 -6.08 -0.43 0.31
C VAL B 62 -4.67 -0.65 0.83
N GLY B 63 -4.03 -1.77 0.51
CA GLY B 63 -2.70 -2.06 1.04
C GLY B 63 -2.67 -2.28 2.54
N ALA B 64 -3.66 -2.99 3.07
CA ALA B 64 -3.72 -3.25 4.51
C ALA B 64 -2.78 -4.39 4.86
N PRO B 65 -1.90 -4.21 5.86
CA PRO B 65 -1.00 -5.31 6.27
C PRO B 65 -1.73 -6.53 6.81
N GLY B 66 -2.94 -6.37 7.33
CA GLY B 66 -3.67 -7.49 7.90
C GLY B 66 -5.15 -7.24 7.93
N ILE B 67 -5.93 -8.32 7.94
CA ILE B 67 -7.38 -8.23 7.96
C ILE B 67 -7.93 -9.53 8.54
N VAL B 68 -9.01 -9.41 9.31
CA VAL B 68 -9.66 -10.54 9.96
C VAL B 68 -11.16 -10.47 9.67
N VAL B 69 -11.77 -11.62 9.42
CA VAL B 69 -13.19 -11.70 9.09
C VAL B 69 -13.85 -12.73 10.00
N GLY B 70 -15.16 -12.58 10.20
CA GLY B 70 -15.95 -13.52 10.96
C GLY B 70 -17.39 -13.57 10.47
N VAL B 71 -17.89 -14.76 10.19
CA VAL B 71 -19.23 -14.95 9.62
C VAL B 71 -20.00 -15.92 10.48
N SER B 72 -21.23 -15.57 10.83
CA SER B 72 -22.13 -16.42 11.59
C SER B 72 -23.44 -16.58 10.83
N VAL B 73 -23.89 -17.83 10.70
CA VAL B 73 -25.12 -18.14 9.98
C VAL B 73 -26.07 -18.85 10.93
N ASP B 74 -27.26 -18.26 11.12
CA ASP B 74 -28.31 -18.84 11.94
C ASP B 74 -27.83 -19.13 13.36
N GLY B 75 -27.03 -18.22 13.92
CA GLY B 75 -26.56 -18.33 15.28
C GLY B 75 -25.34 -19.19 15.47
N LYS B 76 -24.81 -19.80 14.41
CA LYS B 76 -23.62 -20.64 14.49
C LYS B 76 -22.51 -20.04 13.65
N GLU B 77 -21.31 -19.94 14.23
CA GLU B 77 -20.16 -19.43 13.51
C GLU B 77 -19.67 -20.48 12.52
N VAL B 78 -19.66 -20.14 11.23
CA VAL B 78 -19.31 -21.09 10.19
C VAL B 78 -17.98 -20.78 9.51
N TRP B 79 -17.44 -19.57 9.68
CA TRP B 79 -16.20 -19.20 9.04
C TRP B 79 -15.49 -18.14 9.85
N SER B 80 -14.16 -18.25 9.93
CA SER B 80 -13.34 -17.28 10.64
C SER B 80 -11.92 -17.43 10.16
N GLU B 81 -11.34 -16.34 9.64
CA GLU B 81 -10.01 -16.41 9.04
C GLU B 81 -9.32 -15.06 9.18
N GLY B 82 -8.00 -15.09 9.09
CA GLY B 82 -7.21 -13.89 9.07
C GLY B 82 -6.15 -13.94 7.99
N LEU B 83 -5.87 -12.79 7.41
CA LEU B 83 -4.88 -12.65 6.35
C LEU B 83 -3.88 -11.57 6.72
N GLY B 84 -2.61 -11.81 6.44
CA GLY B 84 -1.59 -10.82 6.68
C GLY B 84 -0.93 -10.96 8.05
N TYR B 85 -0.35 -9.86 8.49
CA TYR B 85 0.40 -9.81 9.75
C TYR B 85 -0.21 -8.78 10.67
N ALA B 86 -0.51 -9.19 11.90
CA ALA B 86 -0.98 -8.25 12.91
C ALA B 86 0.14 -7.30 13.34
N ASP B 87 1.37 -7.81 13.42
CA ASP B 87 2.55 -7.02 13.73
C ASP B 87 3.60 -7.31 12.67
N VAL B 88 3.99 -6.27 11.91
CA VAL B 88 4.96 -6.46 10.85
C VAL B 88 6.41 -6.39 11.33
N GLU B 89 6.65 -5.80 12.49
CA GLU B 89 8.02 -5.72 13.01
C GLU B 89 8.47 -7.08 13.55
N ASN B 90 7.58 -7.79 14.23
CA ASN B 90 7.91 -9.09 14.82
C ASN B 90 7.34 -10.26 14.04
N ARG B 91 6.70 -10.00 12.90
CA ARG B 91 6.16 -11.04 12.02
C ARG B 91 5.17 -11.94 12.75
N VAL B 92 4.09 -11.34 13.23
CA VAL B 92 3.03 -12.02 13.94
C VAL B 92 1.83 -12.14 13.00
N PRO B 93 1.47 -13.34 12.55
CA PRO B 93 0.36 -13.48 11.60
C PRO B 93 -0.98 -13.13 12.22
N CYS B 94 -1.90 -12.67 11.37
CA CYS B 94 -3.26 -12.40 11.81
C CYS B 94 -4.02 -13.70 12.06
N LYS B 95 -4.76 -13.74 13.15
CA LYS B 95 -5.53 -14.90 13.56
C LYS B 95 -6.88 -14.43 14.05
N PRO B 96 -7.87 -15.34 14.13
CA PRO B 96 -9.18 -14.94 14.67
C PRO B 96 -9.12 -14.46 16.12
N GLU B 97 -8.07 -14.78 16.86
CA GLU B 97 -7.91 -14.32 18.24
C GLU B 97 -7.31 -12.93 18.33
N THR B 98 -7.00 -12.29 17.21
CA THR B 98 -6.38 -10.97 17.24
C THR B 98 -7.32 -9.95 17.86
N VAL B 99 -6.76 -9.04 18.64
CA VAL B 99 -7.52 -7.98 19.31
C VAL B 99 -7.16 -6.67 18.63
N MET B 100 -8.17 -6.02 18.03
CA MET B 100 -7.98 -4.77 17.31
C MET B 100 -8.95 -3.72 17.85
N ARG B 101 -8.79 -2.48 17.40
CA ARG B 101 -9.61 -1.37 17.89
C ARG B 101 -10.93 -1.14 17.20
N ILE B 102 -12.02 -1.65 17.75
CA ILE B 102 -13.32 -1.35 17.18
C ILE B 102 -13.51 0.08 17.66
N ALA B 103 -13.94 0.98 16.79
CA ALA B 103 -14.00 2.36 17.23
C ALA B 103 -15.38 2.82 17.58
N SER B 104 -16.24 2.94 16.59
CA SER B 104 -17.55 3.50 16.85
C SER B 104 -18.61 2.44 16.95
N ILE B 105 -18.20 1.18 16.93
CA ILE B 105 -19.14 0.10 17.16
C ILE B 105 -19.42 0.17 18.67
N SER B 106 -18.60 0.90 19.40
CA SER B 106 -18.81 1.08 20.83
C SER B 106 -20.13 1.78 21.10
N LYS B 107 -20.49 2.75 20.26
CA LYS B 107 -21.77 3.43 20.41
C LYS B 107 -22.93 2.44 20.55
N SER B 108 -22.88 1.33 19.84
CA SER B 108 -23.89 0.29 19.94
C SER B 108 -23.92 -0.35 21.31
N LEU B 109 -22.73 -0.59 21.89
CA LEU B 109 -22.70 -1.13 23.26
C LEU B 109 -23.30 -0.17 24.26
N THR B 110 -22.97 1.13 24.14
CA THR B 110 -23.57 2.13 25.01
C THR B 110 -25.08 2.20 24.82
N MET B 111 -25.52 2.03 23.59
CA MET B 111 -26.96 1.99 23.34
C MET B 111 -27.61 0.79 24.01
N VAL B 112 -26.94 -0.36 24.01
CA VAL B 112 -27.48 -1.51 24.72
C VAL B 112 -27.59 -1.20 26.21
N ALA B 113 -26.56 -0.56 26.78
CA ALA B 113 -26.61 -0.17 28.18
C ALA B 113 -27.76 0.79 28.46
N LEU B 114 -27.93 1.79 27.60
CA LEU B 114 -29.00 2.77 27.78
C LEU B 114 -30.37 2.12 27.66
N ALA B 115 -30.54 1.19 26.71
CA ALA B 115 -31.81 0.50 26.55
C ALA B 115 -32.13 -0.34 27.78
N LYS B 116 -31.12 -1.03 28.33
CA LYS B 116 -31.37 -1.80 29.54
C LYS B 116 -31.75 -0.91 30.71
N LEU B 117 -31.07 0.24 30.84
CA LEU B 117 -31.43 1.19 31.90
C LEU B 117 -32.86 1.71 31.73
N TRP B 118 -33.24 2.02 30.49
CA TRP B 118 -34.59 2.50 30.21
C TRP B 118 -35.63 1.43 30.51
N GLU B 119 -35.32 0.17 30.18
CA GLU B 119 -36.21 -0.93 30.52
C GLU B 119 -36.38 -1.05 32.03
N ALA B 120 -35.28 -0.88 32.78
CA ALA B 120 -35.36 -0.93 34.23
C ALA B 120 -36.16 0.23 34.83
N GLY B 121 -36.47 1.25 34.03
CA GLY B 121 -37.24 2.39 34.51
C GLY B 121 -36.43 3.50 35.15
N LYS B 122 -35.10 3.37 35.19
CA LYS B 122 -34.27 4.39 35.82
C LYS B 122 -34.11 5.63 34.96
N LEU B 123 -34.22 5.51 33.64
CA LEU B 123 -33.91 6.59 32.72
C LEU B 123 -35.15 7.01 31.95
N ASP B 124 -35.31 8.32 31.75
CA ASP B 124 -36.36 8.89 30.94
C ASP B 124 -35.72 9.64 29.77
N LEU B 125 -36.19 9.35 28.56
CA LEU B 125 -35.53 9.88 27.36
C LEU B 125 -35.82 11.35 27.16
N ASP B 126 -37.05 11.79 27.41
CA ASP B 126 -37.44 13.15 27.08
C ASP B 126 -37.09 14.17 28.16
N ILE B 127 -36.65 13.73 29.33
CA ILE B 127 -36.25 14.66 30.39
C ILE B 127 -34.95 15.34 30.01
N PRO B 128 -34.80 16.64 30.24
CA PRO B 128 -33.53 17.31 29.92
C PRO B 128 -32.36 16.70 30.68
N VAL B 129 -31.19 16.74 30.04
CA VAL B 129 -30.01 16.09 30.59
C VAL B 129 -29.53 16.76 31.89
N GLN B 130 -29.96 17.99 32.15
CA GLN B 130 -29.56 18.66 33.39
C GLN B 130 -30.13 17.99 34.63
N HIS B 131 -31.15 17.14 34.47
CA HIS B 131 -31.66 16.38 35.61
C HIS B 131 -30.62 15.43 36.18
N TYR B 132 -29.87 14.77 35.30
CA TYR B 132 -28.86 13.81 35.72
C TYR B 132 -27.47 14.45 35.84
N VAL B 133 -27.12 15.33 34.91
CA VAL B 133 -25.80 15.97 34.91
C VAL B 133 -25.98 17.47 35.01
N PRO B 134 -25.97 18.05 36.22
CA PRO B 134 -26.11 19.51 36.34
C PRO B 134 -24.85 20.29 36.00
N GLU B 135 -23.71 19.61 35.82
CA GLU B 135 -22.47 20.29 35.46
C GLU B 135 -22.50 20.82 34.03
N PHE B 136 -23.36 20.28 33.18
CA PHE B 136 -23.47 20.76 31.80
C PHE B 136 -24.25 22.07 31.79
N PRO B 137 -23.68 23.16 31.30
CA PRO B 137 -24.41 24.44 31.30
C PRO B 137 -25.56 24.43 30.32
N GLU B 138 -26.59 25.20 30.65
CA GLU B 138 -27.70 25.40 29.72
C GLU B 138 -27.27 26.30 28.58
N LYS B 139 -27.85 26.06 27.40
CA LYS B 139 -27.43 26.73 26.18
C LYS B 139 -28.56 27.58 25.63
N GLU B 140 -28.19 28.64 24.90
CA GLU B 140 -29.13 29.54 24.26
C GLU B 140 -28.78 29.65 22.77
N TYR B 141 -29.79 29.96 21.97
CA TYR B 141 -29.65 30.02 20.52
C TYR B 141 -30.32 31.32 20.08
N GLU B 142 -29.49 32.33 19.75
CA GLU B 142 -29.90 33.74 19.69
C GLU B 142 -30.92 34.09 20.78
N GLY B 143 -30.57 33.73 22.01
CA GLY B 143 -31.38 34.09 23.17
C GLY B 143 -32.73 33.42 23.25
N GLU B 144 -32.82 32.15 22.86
CA GLU B 144 -34.04 31.38 23.02
C GLU B 144 -33.72 30.09 23.76
N LYS B 145 -34.68 29.65 24.57
CA LYS B 145 -34.46 28.46 25.38
C LYS B 145 -34.49 27.20 24.52
N VAL B 146 -33.47 26.37 24.65
CA VAL B 146 -33.39 25.10 23.93
C VAL B 146 -33.12 24.00 24.96
N SER B 147 -33.63 22.80 24.68
CA SER B 147 -33.49 21.67 25.57
C SER B 147 -32.71 20.56 24.88
N VAL B 148 -31.71 20.03 25.58
CA VAL B 148 -30.93 18.90 25.12
C VAL B 148 -31.38 17.69 25.91
N THR B 149 -31.82 16.65 25.21
CA THR B 149 -32.35 15.44 25.84
C THR B 149 -31.57 14.23 25.37
N THR B 150 -31.80 13.10 26.04
CA THR B 150 -31.13 11.86 25.69
C THR B 150 -31.51 11.40 24.29
N ARG B 151 -32.78 11.57 23.91
CA ARG B 151 -33.22 11.14 22.59
C ARG B 151 -32.50 11.89 21.49
N LEU B 152 -32.30 13.20 21.66
CA LEU B 152 -31.56 13.97 20.66
C LEU B 152 -30.09 13.58 20.63
N LEU B 153 -29.50 13.30 21.81
CA LEU B 153 -28.09 12.92 21.86
C LEU B 153 -27.85 11.59 21.17
N ILE B 154 -28.78 10.66 21.29
CA ILE B 154 -28.62 9.35 20.68
C ILE B 154 -28.57 9.41 19.17
N SER B 155 -29.46 10.18 18.56
CA SER B 155 -29.53 10.25 17.10
C SER B 155 -28.65 11.32 16.49
N HIS B 156 -27.84 12.00 17.30
CA HIS B 156 -26.95 13.07 16.82
C HIS B 156 -27.70 14.32 16.35
N LEU B 157 -28.98 14.43 16.68
CA LEU B 157 -29.74 15.60 16.28
C LEU B 157 -29.42 16.79 17.16
N SER B 158 -28.61 16.56 18.19
CA SER B 158 -28.22 17.64 19.11
C SER B 158 -27.22 18.62 18.50
N GLY B 159 -27.13 19.82 19.07
CA GLY B 159 -26.22 20.84 18.56
C GLY B 159 -24.73 20.63 18.81
N ILE B 160 -24.35 19.68 19.65
CA ILE B 160 -22.94 19.51 20.01
C ILE B 160 -22.02 19.26 18.81
N ARG B 161 -20.85 19.89 18.80
CA ARG B 161 -19.91 19.76 17.68
C ARG B 161 -19.11 18.47 17.64
N HIS B 162 -18.31 18.30 16.58
CA HIS B 162 -17.47 17.13 16.47
C HIS B 162 -16.08 17.69 16.75
N TYR B 163 -15.06 17.18 16.07
CA TYR B 163 -13.71 17.67 16.26
C TYR B 163 -13.47 19.13 15.87
N GLU B 164 -14.10 19.60 14.79
CA GLU B 164 -13.97 21.00 14.36
C GLU B 164 -14.62 22.02 15.30
N LYS B 165 -13.96 23.14 15.57
CA LYS B 165 -14.48 24.17 16.47
C LYS B 165 -14.95 25.42 15.74
N ASP B 166 -14.70 25.54 14.45
CA ASP B 166 -15.08 26.73 13.70
C ASP B 166 -16.49 26.56 13.16
N ILE B 167 -17.41 27.41 13.61
CA ILE B 167 -18.80 27.31 13.19
C ILE B 167 -18.97 27.62 11.71
N LYS B 168 -18.18 28.57 11.19
CA LYS B 168 -18.35 29.01 9.81
C LYS B 168 -18.10 27.87 8.82
N LYS B 169 -17.02 27.12 9.02
CA LYS B 169 -16.71 26.01 8.11
C LYS B 169 -17.78 24.93 8.18
N VAL B 170 -18.25 24.62 9.38
CA VAL B 170 -19.29 23.60 9.53
C VAL B 170 -20.57 24.03 8.84
N LYS B 171 -20.95 25.31 8.99
CA LYS B 171 -22.14 25.82 8.33
C LYS B 171 -21.98 25.79 6.81
N GLU B 172 -20.80 26.15 6.32
CA GLU B 172 -20.55 26.11 4.89
C GLU B 172 -20.64 24.69 4.34
N GLU B 173 -20.08 23.72 5.07
CA GLU B 173 -20.16 22.33 4.63
C GLU B 173 -21.60 21.83 4.65
N LYS B 174 -22.35 22.18 5.70
CA LYS B 174 -23.75 21.73 5.79
C LYS B 174 -24.60 22.34 4.68
N ALA B 175 -24.37 23.61 4.35
CA ALA B 175 -25.11 24.28 3.30
C ALA B 175 -24.70 23.76 1.93
N ASP B 226 -11.08 14.31 10.82
CA ASP B 226 -10.37 14.41 9.55
C ASP B 226 -8.98 13.85 9.72
N PHE B 227 -8.65 13.40 10.92
CA PHE B 227 -7.31 12.86 11.22
C PHE B 227 -6.28 13.96 11.17
N GLU B 228 -6.67 15.14 10.71
CA GLU B 228 -5.75 16.27 10.75
C GLU B 228 -6.05 17.02 12.04
N GLN B 229 -7.09 16.61 12.75
CA GLN B 229 -7.49 17.27 13.98
C GLN B 229 -6.56 17.05 15.16
N GLY B 230 -6.45 18.05 16.04
CA GLY B 230 -5.60 17.92 17.20
C GLY B 230 -6.19 17.06 18.31
N GLU B 231 -7.45 17.30 18.65
CA GLU B 231 -8.11 16.51 19.69
C GLU B 231 -8.08 15.02 19.40
N LEU B 232 -7.86 14.61 18.15
CA LEU B 232 -7.83 13.19 17.81
C LEU B 232 -6.53 12.52 18.21
N TYR B 233 -5.52 13.28 18.61
CA TYR B 233 -4.20 12.76 18.97
C TYR B 233 -3.82 13.16 20.38
N LEU B 234 -4.80 13.22 21.28
CA LEU B 234 -4.54 13.55 22.67
C LEU B 234 -3.86 12.39 23.39
N ARG B 235 -3.10 12.72 24.42
CA ARG B 235 -2.41 11.72 25.22
C ARG B 235 -2.67 11.84 26.72
N GLU B 236 -3.49 12.81 27.15
CA GLU B 236 -3.80 12.96 28.56
C GLU B 236 -4.71 11.84 29.04
N LYS B 237 -4.57 11.51 30.33
CA LYS B 237 -5.39 10.49 30.97
C LYS B 237 -6.49 11.15 31.78
N PHE B 238 -7.73 10.69 31.59
CA PHE B 238 -8.87 11.27 32.29
C PHE B 238 -9.50 10.22 33.20
N GLU B 239 -9.50 10.47 34.49
CA GLU B 239 -10.04 9.51 35.45
C GLU B 239 -11.55 9.23 35.34
N ASN B 240 -12.35 10.27 35.12
CA ASN B 240 -13.80 10.08 35.10
C ASN B 240 -14.53 10.85 34.00
N SER B 241 -15.74 10.44 33.67
CA SER B 241 -16.52 11.10 32.61
C SER B 241 -16.76 12.58 32.87
N ILE B 242 -16.94 12.96 34.13
CA ILE B 242 -17.14 14.36 34.48
C ILE B 242 -15.89 15.17 34.15
N GLU B 243 -14.72 14.62 34.43
CA GLU B 243 -13.47 15.28 34.02
C GLU B 243 -13.37 15.39 32.51
N SER B 244 -13.80 14.34 31.80
CA SER B 244 -13.75 14.35 30.33
C SER B 244 -14.72 15.37 29.73
N LEU B 245 -15.77 15.74 30.45
CA LEU B 245 -16.76 16.66 29.92
C LEU B 245 -16.20 18.06 29.67
N ARG B 246 -15.07 18.41 30.31
CA ARG B 246 -14.53 19.75 30.22
C ARG B 246 -14.00 20.11 28.84
N LEU B 247 -13.86 19.14 27.94
CA LEU B 247 -13.30 19.42 26.62
C LEU B 247 -14.28 20.19 25.74
N PHE B 248 -15.60 20.05 25.98
CA PHE B 248 -16.59 20.63 25.10
C PHE B 248 -17.78 21.24 25.84
N LYS B 249 -17.76 21.29 27.18
CA LYS B 249 -18.92 21.76 27.92
C LYS B 249 -19.11 23.27 27.85
N ASN B 250 -18.13 24.01 27.34
CA ASN B 250 -18.23 25.46 27.24
C ASN B 250 -18.45 25.96 25.82
N ASP B 251 -18.38 25.08 24.82
CA ASP B 251 -18.57 25.51 23.44
C ASP B 251 -20.04 25.76 23.15
N PRO B 252 -20.36 26.78 22.36
CA PRO B 252 -21.77 27.04 22.02
C PRO B 252 -22.31 25.98 21.06
N LEU B 253 -23.63 25.84 21.07
CA LEU B 253 -24.29 24.90 20.17
C LEU B 253 -24.15 25.36 18.73
N PHE B 254 -23.97 24.39 17.83
CA PHE B 254 -23.78 24.69 16.41
C PHE B 254 -25.11 24.83 15.66
N PHE B 255 -26.09 24.00 16.01
CA PHE B 255 -27.40 24.06 15.39
C PHE B 255 -28.47 23.95 16.48
N LYS B 256 -29.71 24.22 16.08
CA LYS B 256 -30.82 24.04 17.00
C LYS B 256 -31.02 22.54 17.28
N PRO B 257 -31.25 22.17 18.54
CA PRO B 257 -31.48 20.75 18.86
C PRO B 257 -32.68 20.20 18.10
N GLY B 258 -32.49 19.05 17.47
CA GLY B 258 -33.54 18.41 16.70
C GLY B 258 -33.75 18.97 15.31
N SER B 259 -32.91 19.90 14.86
CA SER B 259 -33.08 20.56 13.57
C SER B 259 -32.11 20.09 12.50
N GLN B 260 -30.85 19.85 12.85
CA GLN B 260 -29.82 19.47 11.89
C GLN B 260 -29.07 18.26 12.38
N PHE B 261 -28.79 17.33 11.47
CA PHE B 261 -28.03 16.14 11.80
C PHE B 261 -26.54 16.42 11.72
N LEU B 262 -25.82 16.10 12.80
CA LEU B 262 -24.38 16.30 12.85
C LEU B 262 -23.79 15.16 13.67
N TYR B 263 -23.09 14.24 13.01
CA TYR B 263 -22.44 13.13 13.70
C TYR B 263 -21.44 13.66 14.71
N SER B 264 -21.48 13.12 15.94
CA SER B 264 -20.63 13.62 16.99
C SER B 264 -20.23 12.46 17.91
N THR B 265 -19.08 12.62 18.56
CA THR B 265 -18.57 11.64 19.52
C THR B 265 -18.66 12.12 20.95
N PHE B 266 -18.66 13.44 21.19
CA PHE B 266 -18.75 13.97 22.54
C PHE B 266 -20.16 13.79 23.11
N GLY B 267 -21.16 13.73 22.24
CA GLY B 267 -22.51 13.45 22.71
C GLY B 267 -22.61 12.12 23.42
N TYR B 268 -21.86 11.12 22.94
CA TYR B 268 -21.85 9.84 23.64
C TYR B 268 -20.99 9.86 24.90
N THR B 269 -20.03 10.78 25.00
CA THR B 269 -19.38 11.00 26.30
C THR B 269 -20.39 11.54 27.31
N LEU B 270 -21.22 12.49 26.89
CA LEU B 270 -22.30 12.97 27.76
C LEU B 270 -23.27 11.85 28.09
N LEU B 271 -23.55 10.98 27.11
CA LEU B 271 -24.42 9.84 27.36
C LEU B 271 -23.81 8.89 28.39
N ALA B 272 -22.50 8.67 28.33
CA ALA B 272 -21.83 7.83 29.32
C ALA B 272 -21.90 8.45 30.71
N ALA B 273 -21.73 9.78 30.79
CA ALA B 273 -21.89 10.45 32.08
C ALA B 273 -23.32 10.28 32.61
N ILE B 274 -24.31 10.41 31.73
CA ILE B 274 -25.70 10.21 32.13
C ILE B 274 -25.92 8.79 32.62
N VAL B 275 -25.33 7.80 31.92
CA VAL B 275 -25.49 6.41 32.31
C VAL B 275 -24.90 6.17 33.69
N GLU B 276 -23.69 6.68 33.94
CA GLU B 276 -23.06 6.42 35.23
C GLU B 276 -23.74 7.19 36.36
N ARG B 277 -24.40 8.32 36.04
CA ARG B 277 -25.16 9.02 37.05
C ARG B 277 -26.47 8.30 37.37
N ALA B 278 -27.17 7.81 36.35
CA ALA B 278 -28.49 7.22 36.56
C ALA B 278 -28.40 5.81 37.13
N SER B 279 -27.40 5.03 36.72
CA SER B 279 -27.29 3.66 37.18
C SER B 279 -26.76 3.55 38.62
N GLY B 280 -26.10 4.59 39.12
CA GLY B 280 -25.52 4.56 40.44
C GLY B 280 -24.16 3.92 40.54
N CYS B 281 -23.59 3.45 39.43
CA CYS B 281 -22.27 2.82 39.41
C CYS B 281 -21.47 3.42 38.26
N LYS B 282 -20.17 3.09 38.26
CA LYS B 282 -19.28 3.58 37.21
C LYS B 282 -19.65 2.99 35.86
N TYR B 283 -19.36 3.75 34.80
CA TYR B 283 -19.71 3.31 33.45
C TYR B 283 -18.98 2.03 33.07
N LEU B 284 -17.68 1.97 33.37
CA LEU B 284 -16.88 0.82 32.97
C LEU B 284 -17.35 -0.45 33.66
N ASP B 285 -17.73 -0.37 34.93
CA ASP B 285 -18.25 -1.53 35.64
C ASP B 285 -19.56 -2.03 35.01
N TYR B 286 -20.45 -1.09 34.65
CA TYR B 286 -21.71 -1.47 34.02
C TYR B 286 -21.47 -2.15 32.69
N MET B 287 -20.56 -1.60 31.87
CA MET B 287 -20.26 -2.23 30.59
C MET B 287 -19.59 -3.59 30.78
N GLN B 288 -18.73 -3.73 31.79
CA GLN B 288 -18.11 -5.02 32.06
C GLN B 288 -19.15 -6.06 32.44
N LYS B 289 -20.12 -5.67 33.27
CA LYS B 289 -21.21 -6.59 33.62
C LYS B 289 -22.01 -6.98 32.39
N ILE B 290 -22.30 -6.01 31.52
CA ILE B 290 -23.05 -6.31 30.30
C ILE B 290 -22.28 -7.26 29.40
N PHE B 291 -20.97 -7.03 29.24
CA PHE B 291 -20.15 -7.92 28.43
C PHE B 291 -20.12 -9.32 29.02
N HIS B 292 -20.05 -9.42 30.35
CA HIS B 292 -20.09 -10.73 30.99
C HIS B 292 -21.41 -11.43 30.72
N ASP B 293 -22.51 -10.67 30.74
CA ASP B 293 -23.82 -11.27 30.45
C ASP B 293 -23.89 -11.82 29.03
N LEU B 294 -23.29 -11.11 28.07
CA LEU B 294 -23.35 -11.48 26.67
C LEU B 294 -22.21 -12.40 26.24
N ASP B 295 -21.35 -12.81 27.16
CA ASP B 295 -20.25 -13.75 26.89
C ASP B 295 -19.20 -13.14 25.96
N MET B 296 -18.94 -11.84 26.12
CA MET B 296 -17.88 -11.17 25.37
C MET B 296 -16.68 -11.01 26.30
N LEU B 297 -15.87 -12.07 26.36
CA LEU B 297 -14.79 -12.15 27.35
C LEU B 297 -13.53 -11.41 26.93
N THR B 298 -13.40 -11.04 25.65
CA THR B 298 -12.20 -10.37 25.16
C THR B 298 -12.42 -8.89 24.88
N THR B 299 -13.55 -8.33 25.31
CA THR B 299 -13.86 -6.92 25.09
C THR B 299 -13.38 -6.12 26.29
N VAL B 300 -12.34 -5.30 26.09
CA VAL B 300 -11.77 -4.47 27.14
C VAL B 300 -11.59 -3.06 26.60
N GLN B 301 -11.18 -2.16 27.50
CA GLN B 301 -10.98 -0.76 27.13
C GLN B 301 -9.52 -0.52 26.75
N GLU B 302 -9.31 0.52 25.95
CA GLU B 302 -7.98 0.89 25.45
C GLU B 302 -7.11 1.37 26.61
N GLU B 303 -6.15 0.55 27.03
CA GLU B 303 -5.20 0.93 28.05
C GLU B 303 -3.83 0.39 27.70
N ASN B 304 -2.79 1.08 28.18
CA ASN B 304 -1.41 0.74 27.87
C ASN B 304 -0.74 -0.10 28.95
N GLU B 305 -0.94 0.25 30.22
CA GLU B 305 -0.25 -0.45 31.30
C GLU B 305 -0.61 -1.93 31.41
N PRO B 306 -1.89 -2.34 31.40
CA PRO B 306 -2.19 -3.76 31.54
C PRO B 306 -1.71 -4.57 30.34
N VAL B 307 -1.38 -5.83 30.60
CA VAL B 307 -0.94 -6.76 29.56
C VAL B 307 -2.18 -7.37 28.92
N ILE B 308 -2.38 -7.09 27.63
CA ILE B 308 -3.51 -7.61 26.86
C ILE B 308 -2.94 -8.52 25.79
N TYR B 309 -3.30 -9.81 25.85
CA TYR B 309 -2.75 -10.78 24.93
C TYR B 309 -3.34 -10.61 23.54
N ASN B 310 -2.52 -10.92 22.52
CA ASN B 310 -2.91 -10.88 21.12
C ASN B 310 -3.31 -9.49 20.66
N ARG B 311 -2.74 -8.46 21.28
CA ARG B 311 -3.00 -7.08 20.86
C ARG B 311 -2.18 -6.77 19.61
N ALA B 312 -2.82 -6.19 18.61
CA ALA B 312 -2.19 -5.93 17.33
C ALA B 312 -1.60 -4.53 17.28
N ARG B 313 -0.97 -4.20 16.15
CA ARG B 313 -0.41 -2.89 15.89
C ARG B 313 -1.17 -2.20 14.76
N PHE B 314 -1.04 -0.88 14.69
CA PHE B 314 -1.82 -0.07 13.75
C PHE B 314 -0.88 0.81 12.95
N TYR B 315 -1.15 0.90 11.65
CA TYR B 315 -0.22 1.50 10.70
C TYR B 315 -0.93 2.51 9.81
N VAL B 316 -0.13 3.32 9.12
CA VAL B 316 -0.61 4.32 8.18
C VAL B 316 0.50 4.55 7.15
N TYR B 317 0.16 5.17 6.02
CA TYR B 317 1.12 5.50 4.98
C TYR B 317 1.51 6.97 5.07
N ASN B 318 2.79 7.25 4.87
CA ASN B 318 3.31 8.60 4.96
C ASN B 318 3.30 9.25 3.57
N LYS B 319 3.95 10.42 3.46
CA LYS B 319 3.99 11.14 2.19
C LYS B 319 4.84 10.45 1.14
N LYS B 320 5.79 9.62 1.55
CA LYS B 320 6.65 8.88 0.63
C LYS B 320 6.07 7.53 0.25
N LYS B 321 4.80 7.27 0.60
CA LYS B 321 4.13 6.00 0.32
C LYS B 321 4.88 4.83 0.96
N ARG B 322 5.21 4.99 2.25
CA ARG B 322 5.90 3.97 3.02
C ARG B 322 5.13 3.70 4.30
N LEU B 323 5.03 2.42 4.68
CA LEU B 323 4.28 2.04 5.86
C LEU B 323 5.02 2.47 7.12
N VAL B 324 4.33 3.15 8.02
CA VAL B 324 4.89 3.65 9.27
C VAL B 324 3.92 3.35 10.40
N ASN B 325 4.40 3.50 11.63
CA ASN B 325 3.58 3.31 12.81
C ASN B 325 2.74 4.56 13.08
N THR B 326 1.54 4.34 13.61
CA THR B 326 0.70 5.46 14.01
C THR B 326 1.20 6.04 15.34
N PRO B 327 1.01 7.34 15.56
CA PRO B 327 1.45 7.95 16.81
C PRO B 327 0.67 7.41 18.01
N TYR B 328 1.32 7.46 19.18
CA TYR B 328 0.70 7.00 20.40
C TYR B 328 -0.41 7.96 20.83
N VAL B 329 -1.58 7.40 21.17
CA VAL B 329 -2.74 8.20 21.58
C VAL B 329 -3.36 7.57 22.81
N ASP B 330 -4.12 8.39 23.54
CA ASP B 330 -4.89 7.96 24.70
C ASP B 330 -6.35 8.26 24.44
N ASN B 331 -7.20 7.24 24.60
CA ASN B 331 -8.62 7.34 24.29
C ASN B 331 -9.49 7.34 25.54
N SER B 332 -8.94 7.73 26.69
CA SER B 332 -9.69 7.69 27.93
C SER B 332 -10.80 8.74 27.97
N TYR B 333 -10.69 9.82 27.20
CA TYR B 333 -11.72 10.85 27.22
C TYR B 333 -12.98 10.45 26.48
N LYS B 334 -12.93 9.40 25.65
CA LYS B 334 -14.10 8.90 24.94
C LYS B 334 -14.13 7.37 25.10
N TRP B 335 -14.69 6.88 26.19
CA TRP B 335 -14.83 5.43 26.33
C TRP B 335 -16.03 5.02 25.52
N ALA B 336 -17.16 5.65 25.78
CA ALA B 336 -18.40 5.31 25.09
C ALA B 336 -18.38 5.56 23.59
N GLY B 337 -17.83 6.69 23.17
CA GLY B 337 -17.72 6.94 21.75
C GLY B 337 -16.75 6.12 20.92
N GLY B 338 -15.54 5.89 21.42
CA GLY B 338 -14.58 5.04 20.70
C GLY B 338 -13.34 4.65 21.49
N GLY B 339 -13.51 3.89 22.59
CA GLY B 339 -12.37 3.48 23.42
C GLY B 339 -12.31 1.99 23.70
N PHE B 340 -12.94 1.14 22.88
CA PHE B 340 -13.00 -0.31 23.24
C PHE B 340 -12.12 -1.17 22.32
N LEU B 341 -11.78 -2.38 22.78
CA LEU B 341 -10.95 -3.32 22.01
C LEU B 341 -11.69 -4.64 21.95
N SER B 342 -11.71 -5.29 20.80
CA SER B 342 -12.48 -6.52 20.68
C SER B 342 -12.03 -7.46 19.57
N THR B 343 -12.63 -8.65 19.52
CA THR B 343 -12.34 -9.59 18.46
C THR B 343 -13.56 -9.73 17.54
N VAL B 344 -13.48 -10.65 16.59
CA VAL B 344 -14.62 -10.86 15.70
C VAL B 344 -15.67 -11.75 16.35
N GLY B 345 -15.25 -12.69 17.20
CA GLY B 345 -16.21 -13.57 17.86
C GLY B 345 -17.13 -12.82 18.80
N ASP B 346 -16.59 -11.83 19.53
CA ASP B 346 -17.43 -11.04 20.43
C ASP B 346 -18.47 -10.25 19.64
N LEU B 347 -18.07 -9.66 18.52
CA LEU B 347 -19.02 -8.94 17.68
C LEU B 347 -20.08 -9.88 17.11
N LEU B 348 -19.68 -11.09 16.72
CA LEU B 348 -20.65 -12.08 16.24
C LEU B 348 -21.66 -12.43 17.33
N LYS B 349 -21.18 -12.63 18.56
CA LYS B 349 -22.09 -12.94 19.66
C LYS B 349 -23.04 -11.78 19.94
N PHE B 350 -22.52 -10.55 19.93
CA PHE B 350 -23.36 -9.38 20.15
C PHE B 350 -24.44 -9.27 19.08
N GLY B 351 -24.06 -9.45 17.82
CA GLY B 351 -25.03 -9.39 16.74
C GLY B 351 -26.08 -10.49 16.83
N ASN B 352 -25.64 -11.70 17.22
CA ASN B 352 -26.59 -12.79 17.40
C ASN B 352 -27.58 -12.49 18.50
N ALA B 353 -27.11 -11.92 19.61
CA ALA B 353 -28.01 -11.55 20.70
C ALA B 353 -29.02 -10.52 20.25
N MET B 354 -28.58 -9.48 19.53
CA MET B 354 -29.50 -8.48 19.04
C MET B 354 -30.52 -9.07 18.06
N LEU B 355 -30.06 -9.96 17.17
CA LEU B 355 -30.97 -10.58 16.22
C LEU B 355 -32.02 -11.44 16.93
N TYR B 356 -31.60 -12.19 17.95
CA TYR B 356 -32.55 -13.01 18.71
C TYR B 356 -33.57 -12.12 19.41
N GLY B 357 -33.11 -11.05 20.05
CA GLY B 357 -34.04 -10.14 20.70
C GLY B 357 -35.00 -9.51 19.73
N TYR B 358 -34.55 -9.25 18.50
CA TYR B 358 -35.42 -8.67 17.47
C TYR B 358 -36.46 -9.68 17.00
N GLN B 359 -36.07 -10.94 16.81
CA GLN B 359 -36.92 -11.91 16.14
C GLN B 359 -37.72 -12.81 17.07
N VAL B 360 -37.49 -12.76 18.38
CA VAL B 360 -38.18 -13.70 19.27
C VAL B 360 -39.68 -13.43 19.32
N GLY B 361 -40.10 -12.19 19.12
CA GLY B 361 -41.51 -11.88 19.21
C GLY B 361 -42.35 -12.55 18.13
N LEU B 362 -41.79 -12.69 16.94
CA LEU B 362 -42.52 -13.35 15.85
C LEU B 362 -42.68 -14.85 16.12
N PHE B 363 -41.66 -15.48 16.71
CA PHE B 363 -41.69 -16.91 16.98
C PHE B 363 -42.38 -17.25 18.29
N LYS B 364 -42.68 -16.26 19.13
CA LYS B 364 -43.30 -16.54 20.42
C LYS B 364 -44.66 -17.23 20.27
N ASN B 365 -45.41 -16.90 19.22
CA ASN B 365 -46.76 -17.45 19.07
C ASN B 365 -46.73 -18.97 18.87
N SER B 366 -45.81 -19.47 18.05
CA SER B 366 -45.81 -20.89 17.73
C SER B 366 -45.28 -21.73 18.89
N ASN B 367 -44.21 -21.28 19.54
CA ASN B 367 -43.56 -22.04 20.59
C ASN B 367 -43.43 -21.17 21.84
N GLU B 368 -43.83 -21.72 22.99
CA GLU B 368 -43.74 -21.03 24.26
C GLU B 368 -42.53 -21.44 25.09
N ASN B 369 -41.67 -22.31 24.55
CA ASN B 369 -40.49 -22.78 25.26
C ASN B 369 -39.25 -21.94 24.98
N LEU B 370 -39.36 -20.93 24.12
CA LEU B 370 -38.21 -20.10 23.80
C LEU B 370 -37.86 -19.18 24.97
N LEU B 371 -36.56 -19.10 25.26
CA LEU B 371 -36.10 -18.21 26.32
C LEU B 371 -36.27 -16.75 25.90
N PRO B 372 -36.52 -15.85 26.84
CA PRO B 372 -36.68 -14.44 26.49
C PRO B 372 -35.37 -13.84 26.01
N GLY B 373 -35.49 -12.82 25.16
CA GLY B 373 -34.33 -12.10 24.69
C GLY B 373 -33.73 -11.19 25.74
N TYR B 374 -32.52 -10.71 25.46
CA TYR B 374 -31.84 -9.82 26.40
C TYR B 374 -32.60 -8.52 26.60
N LEU B 375 -33.32 -8.07 25.58
CA LEU B 375 -34.14 -6.87 25.65
C LEU B 375 -35.54 -7.18 25.16
N LYS B 376 -36.51 -6.40 25.63
CA LYS B 376 -37.90 -6.64 25.27
C LYS B 376 -38.12 -6.39 23.77
N PRO B 377 -39.08 -7.10 23.17
CA PRO B 377 -39.29 -6.94 21.72
C PRO B 377 -39.61 -5.51 21.30
N GLU B 378 -40.37 -4.78 22.11
CA GLU B 378 -40.67 -3.38 21.76
C GLU B 378 -39.41 -2.52 21.82
N THR B 379 -38.51 -2.81 22.77
CA THR B 379 -37.25 -2.07 22.84
C THR B 379 -36.42 -2.28 21.59
N MET B 380 -36.36 -3.52 21.11
CA MET B 380 -35.57 -3.81 19.92
C MET B 380 -36.11 -3.11 18.68
N VAL B 381 -37.42 -3.04 18.55
CA VAL B 381 -38.01 -2.36 17.41
C VAL B 381 -37.65 -0.88 17.42
N MET B 382 -37.71 -0.26 18.59
CA MET B 382 -37.38 1.16 18.71
C MET B 382 -35.92 1.41 18.35
N MET B 383 -35.05 0.51 18.77
CA MET B 383 -33.63 0.68 18.50
C MET B 383 -33.34 0.69 17.01
N TRP B 384 -34.01 -0.17 16.26
CA TRP B 384 -33.76 -0.26 14.83
C TRP B 384 -34.72 0.56 13.96
N THR B 385 -35.54 1.40 14.60
CA THR B 385 -36.44 2.27 13.84
C THR B 385 -35.73 3.52 13.26
N PRO B 386 -35.71 3.71 11.90
CA PRO B 386 -35.02 4.90 11.39
C PRO B 386 -35.69 6.18 11.85
N VAL B 387 -34.87 7.22 12.03
CA VAL B 387 -35.32 8.53 12.49
C VAL B 387 -35.30 9.48 11.30
N PRO B 388 -36.35 10.27 11.09
CA PRO B 388 -36.34 11.22 9.97
C PRO B 388 -35.30 12.30 10.15
N ASN B 389 -34.90 12.89 9.01
CA ASN B 389 -33.90 13.95 8.98
C ASN B 389 -32.55 13.46 9.52
N THR B 390 -32.16 12.26 9.13
CA THR B 390 -30.89 11.67 9.50
C THR B 390 -30.21 11.10 8.27
N GLU B 391 -28.89 10.93 8.34
CA GLU B 391 -28.09 10.47 7.22
C GLU B 391 -27.26 9.26 7.64
N MET B 392 -26.94 8.43 6.65
CA MET B 392 -26.11 7.24 6.84
C MET B 392 -24.92 7.38 5.89
N SER B 393 -23.76 7.75 6.43
CA SER B 393 -22.63 8.12 5.60
C SER B 393 -22.13 6.94 4.77
N TRP B 394 -22.05 5.75 5.35
CA TRP B 394 -21.50 4.61 4.64
C TRP B 394 -22.49 3.97 3.68
N ASP B 395 -23.74 4.43 3.65
CA ASP B 395 -24.70 3.99 2.65
C ASP B 395 -25.76 5.07 2.52
N LYS B 396 -25.72 5.82 1.41
CA LYS B 396 -26.68 6.89 1.17
C LYS B 396 -28.10 6.39 0.99
N GLU B 397 -28.29 5.08 0.79
CA GLU B 397 -29.60 4.53 0.51
C GLU B 397 -30.45 4.34 1.76
N GLY B 398 -29.82 4.36 2.95
CA GLY B 398 -30.53 4.21 4.20
C GLY B 398 -30.41 5.42 5.10
N LYS B 399 -30.94 5.31 6.32
CA LYS B 399 -30.89 6.40 7.29
C LYS B 399 -30.28 5.96 8.62
N TYR B 400 -30.46 6.76 9.67
CA TYR B 400 -29.88 6.44 10.98
C TYR B 400 -30.97 6.18 12.00
N ALA B 401 -30.71 5.28 12.94
CA ALA B 401 -31.68 4.96 13.97
C ALA B 401 -31.12 5.30 15.32
N MET B 402 -31.06 4.32 16.22
CA MET B 402 -30.44 4.58 17.51
C MET B 402 -29.09 3.86 17.54
N ALA B 403 -28.00 4.60 17.35
CA ALA B 403 -26.66 4.02 17.34
C ALA B 403 -26.47 2.95 16.28
N TRP B 404 -27.24 3.03 15.19
CA TRP B 404 -27.17 2.03 14.14
C TRP B 404 -27.56 2.72 12.86
N GLY B 405 -27.17 2.17 11.72
CA GLY B 405 -27.61 2.73 10.46
C GLY B 405 -28.51 1.67 9.89
N VAL B 406 -29.74 2.03 9.54
CA VAL B 406 -30.69 1.03 9.07
C VAL B 406 -31.18 1.28 7.65
N VAL B 407 -31.11 0.27 6.80
CA VAL B 407 -31.63 0.39 5.45
C VAL B 407 -32.85 -0.50 5.40
N GLU B 408 -33.99 0.04 4.97
CA GLU B 408 -35.22 -0.74 4.95
C GLU B 408 -35.42 -1.47 3.64
N ARG B 409 -36.52 -2.21 3.53
CA ARG B 409 -36.83 -2.90 2.29
C ARG B 409 -38.00 -2.25 1.58
N LYS B 410 -37.87 -2.07 0.27
CA LYS B 410 -38.93 -1.46 -0.53
C LYS B 410 -38.66 -1.75 -2.00
N GLN B 411 -39.71 -1.56 -2.80
CA GLN B 411 -39.62 -1.70 -4.26
C GLN B 411 -40.63 -0.75 -4.88
N THR B 412 -40.15 0.17 -5.70
CA THR B 412 -41.02 1.20 -6.27
C THR B 412 -41.59 0.82 -7.62
N TYR B 413 -40.79 0.23 -8.51
CA TYR B 413 -41.21 -0.12 -9.85
C TYR B 413 -41.01 -1.60 -10.11
N GLY B 414 -41.84 -2.14 -11.00
CA GLY B 414 -41.74 -3.54 -11.33
C GLY B 414 -40.51 -3.86 -12.16
N SER B 415 -39.92 -5.03 -11.92
CA SER B 415 -38.69 -5.42 -12.62
C SER B 415 -37.55 -4.43 -12.36
N CYS B 416 -37.53 -3.85 -11.17
CA CYS B 416 -36.49 -2.88 -10.81
C CYS B 416 -35.96 -3.17 -9.42
N ARG B 417 -34.80 -2.61 -9.08
CA ARG B 417 -34.17 -2.84 -7.77
C ARG B 417 -35.06 -3.16 -6.58
N LYS B 418 -34.79 -4.29 -5.92
CA LYS B 418 -35.54 -4.68 -4.73
C LYS B 418 -34.64 -4.46 -3.52
N GLN B 419 -34.98 -3.47 -2.70
CA GLN B 419 -34.18 -3.14 -1.53
C GLN B 419 -34.28 -4.25 -0.49
N ARG B 420 -33.17 -4.48 0.22
CA ARG B 420 -33.08 -5.51 1.25
C ARG B 420 -32.87 -4.85 2.61
N HIS B 421 -33.49 -5.42 3.63
CA HIS B 421 -33.47 -4.85 4.97
C HIS B 421 -32.26 -5.37 5.75
N TYR B 422 -31.46 -4.45 6.29
CA TYR B 422 -30.31 -4.81 7.09
C TYR B 422 -29.92 -3.62 7.95
N ALA B 423 -29.05 -3.88 8.93
CA ALA B 423 -28.53 -2.86 9.82
C ALA B 423 -27.02 -2.99 9.91
N SER B 424 -26.34 -1.86 10.06
CA SER B 424 -24.88 -1.86 10.04
C SER B 424 -24.35 -0.64 10.76
N HIS B 425 -23.09 -0.73 11.17
CA HIS B 425 -22.35 0.40 11.73
C HIS B 425 -20.87 0.21 11.43
N THR B 426 -20.22 1.26 10.98
CA THR B 426 -18.80 1.23 10.65
C THR B 426 -18.00 2.04 11.66
N GLY B 427 -16.71 1.76 11.76
CA GLY B 427 -15.85 2.51 12.67
C GLY B 427 -14.51 2.91 12.10
N GLY B 428 -14.10 4.16 12.32
CA GLY B 428 -12.81 4.64 11.85
C GLY B 428 -11.96 5.15 12.99
N ALA B 429 -10.81 4.53 13.22
CA ALA B 429 -9.94 4.89 14.33
C ALA B 429 -8.56 5.15 13.79
N VAL B 430 -7.70 5.79 14.57
CA VAL B 430 -6.34 5.99 14.11
C VAL B 430 -5.74 4.61 13.93
N GLY B 431 -5.27 4.33 12.72
CA GLY B 431 -4.66 3.04 12.45
C GLY B 431 -5.58 1.85 12.27
N ALA B 432 -6.90 2.05 12.31
CA ALA B 432 -7.80 0.91 12.25
C ALA B 432 -9.13 1.13 11.54
N SER B 433 -9.73 0.06 11.03
CA SER B 433 -11.04 0.15 10.39
C SER B 433 -11.85 -1.10 10.71
N SER B 434 -13.16 -0.98 10.89
CA SER B 434 -14.00 -2.10 11.27
C SER B 434 -15.42 -1.89 10.76
N VAL B 435 -16.21 -2.95 10.79
CA VAL B 435 -17.61 -2.92 10.38
C VAL B 435 -18.33 -4.10 11.02
N LEU B 436 -19.59 -3.87 11.40
CA LEU B 436 -20.47 -4.91 11.89
C LEU B 436 -21.79 -4.82 11.15
N LEU B 437 -22.22 -5.92 10.55
CA LEU B 437 -23.42 -5.94 9.72
C LEU B 437 -24.34 -7.07 10.15
N VAL B 438 -25.64 -6.80 10.18
CA VAL B 438 -26.66 -7.78 10.48
C VAL B 438 -27.64 -7.83 9.32
N LEU B 439 -27.88 -9.03 8.79
CA LEU B 439 -28.80 -9.22 7.66
C LEU B 439 -29.93 -10.13 8.09
N PRO B 440 -31.08 -9.60 8.52
CA PRO B 440 -32.20 -10.46 8.89
C PRO B 440 -32.78 -11.17 7.67
N GLU B 441 -33.36 -12.34 7.92
CA GLU B 441 -33.96 -13.15 6.89
C GLU B 441 -35.47 -12.95 6.86
N GLU B 442 -36.03 -12.83 5.66
CA GLU B 442 -37.47 -12.70 5.52
C GLU B 442 -38.16 -13.95 6.05
N LEU B 443 -39.17 -13.76 6.88
CA LEU B 443 -39.82 -14.84 7.58
C LEU B 443 -41.19 -15.12 6.97
N ASP B 444 -41.45 -16.38 6.67
CA ASP B 444 -42.75 -16.83 6.15
C ASP B 444 -43.48 -17.57 7.25
N THR B 445 -44.66 -18.09 6.91
CA THR B 445 -45.47 -18.81 7.89
C THR B 445 -44.85 -20.15 8.26
N GLU B 446 -44.41 -20.92 7.25
CA GLU B 446 -43.83 -22.23 7.53
C GLU B 446 -42.53 -22.12 8.31
N THR B 447 -41.69 -21.15 7.96
CA THR B 447 -40.43 -20.98 8.68
C THR B 447 -40.68 -20.59 10.13
N ILE B 448 -41.64 -19.70 10.37
CA ILE B 448 -41.99 -19.32 11.74
C ILE B 448 -42.52 -20.52 12.51
N ASN B 449 -43.36 -21.33 11.87
CA ASN B 449 -43.95 -22.48 12.55
C ASN B 449 -42.91 -23.56 12.85
N ASN B 450 -41.91 -23.72 11.99
CA ASN B 450 -40.95 -24.81 12.12
C ASN B 450 -39.62 -24.38 12.70
N LYS B 451 -38.97 -23.37 12.12
CA LYS B 451 -37.64 -22.97 12.55
C LYS B 451 -37.70 -22.18 13.86
N VAL B 452 -36.52 -21.90 14.40
CA VAL B 452 -36.38 -21.17 15.66
C VAL B 452 -35.42 -20.01 15.46
N PRO B 453 -35.56 -18.91 16.19
CA PRO B 453 -34.65 -17.77 16.04
C PRO B 453 -33.30 -18.06 16.68
N PRO B 454 -32.25 -17.33 16.29
CA PRO B 454 -32.22 -16.26 15.28
C PRO B 454 -32.09 -16.80 13.86
N ARG B 455 -32.62 -16.06 12.89
CA ARG B 455 -32.54 -16.40 11.47
C ARG B 455 -31.92 -15.23 10.72
N GLY B 456 -30.64 -15.35 10.39
CA GLY B 456 -29.96 -14.27 9.70
C GLY B 456 -28.47 -14.54 9.62
N ILE B 457 -27.74 -13.51 9.20
CA ILE B 457 -26.30 -13.58 9.01
C ILE B 457 -25.67 -12.34 9.62
N ILE B 458 -24.59 -12.53 10.38
CA ILE B 458 -23.81 -11.44 10.97
C ILE B 458 -22.40 -11.53 10.43
N VAL B 459 -21.85 -10.41 9.96
CA VAL B 459 -20.52 -10.35 9.37
C VAL B 459 -19.72 -9.27 10.09
N SER B 460 -18.49 -9.60 10.47
CA SER B 460 -17.59 -8.66 11.12
C SER B 460 -16.24 -8.70 10.42
N ILE B 461 -15.73 -7.52 10.07
CA ILE B 461 -14.41 -7.38 9.44
C ILE B 461 -13.66 -6.27 10.18
N ILE B 462 -12.41 -6.56 10.52
CA ILE B 462 -11.51 -5.57 11.13
C ILE B 462 -10.17 -5.62 10.41
N CYS B 463 -9.60 -4.45 10.13
CA CYS B 463 -8.28 -4.35 9.51
C CYS B 463 -7.48 -3.26 10.22
N ASN B 464 -6.17 -3.45 10.27
CA ASN B 464 -5.27 -2.48 10.90
C ASN B 464 -4.75 -1.45 9.91
N MET B 465 -5.66 -0.83 9.18
CA MET B 465 -5.33 0.21 8.21
C MET B 465 -6.30 1.37 8.39
N GLN B 466 -5.78 2.59 8.26
CA GLN B 466 -6.56 3.79 8.52
C GLN B 466 -7.35 4.21 7.28
N SER B 467 -8.60 4.62 7.51
CA SER B 467 -9.48 5.17 6.47
C SER B 467 -9.77 4.14 5.38
N VAL B 468 -10.40 3.04 5.80
CA VAL B 468 -10.83 1.99 4.89
C VAL B 468 -12.32 1.76 5.10
N GLY B 469 -13.08 1.77 4.01
CA GLY B 469 -14.50 1.52 4.05
C GLY B 469 -14.81 0.08 3.69
N LEU B 470 -15.41 -0.64 4.64
CA LEU B 470 -15.62 -2.08 4.51
C LEU B 470 -17.10 -2.46 4.44
N ASN B 471 -18.00 -1.49 4.30
CA ASN B 471 -19.43 -1.81 4.31
C ASN B 471 -19.84 -2.62 3.09
N SER B 472 -19.36 -2.23 1.90
CA SER B 472 -19.77 -2.91 0.68
C SER B 472 -19.28 -4.36 0.66
N THR B 473 -18.05 -4.59 1.10
CA THR B 473 -17.53 -5.96 1.14
C THR B 473 -18.33 -6.83 2.09
N ALA B 474 -18.67 -6.29 3.27
CA ALA B 474 -19.49 -7.04 4.22
C ALA B 474 -20.87 -7.33 3.64
N LEU B 475 -21.47 -6.37 2.95
CA LEU B 475 -22.78 -6.59 2.34
C LEU B 475 -22.71 -7.69 1.29
N LYS B 476 -21.67 -7.68 0.44
CA LYS B 476 -21.53 -8.70 -0.58
C LYS B 476 -21.33 -10.08 0.05
N ILE B 477 -20.49 -10.17 1.09
CA ILE B 477 -20.25 -11.43 1.76
C ILE B 477 -21.54 -11.96 2.38
N ALA B 478 -22.31 -11.08 3.04
CA ALA B 478 -23.56 -11.48 3.65
C ALA B 478 -24.55 -11.97 2.61
N LEU B 479 -24.65 -11.26 1.48
CA LEU B 479 -25.58 -11.68 0.43
C LEU B 479 -25.19 -13.04 -0.13
N GLU B 480 -23.89 -13.27 -0.34
CA GLU B 480 -23.48 -14.55 -0.92
C GLU B 480 -23.69 -15.70 0.06
N PHE B 481 -23.47 -15.46 1.36
CA PHE B 481 -23.79 -16.49 2.34
C PHE B 481 -25.30 -16.69 2.45
N ASP B 482 -26.07 -15.64 2.17
CA ASP B 482 -27.53 -15.77 2.11
C ASP B 482 -27.95 -16.67 0.95
N LYS B 483 -27.22 -16.64 -0.16
CA LYS B 483 -27.54 -17.52 -1.28
C LYS B 483 -27.31 -19.00 -0.99
N ASP B 484 -26.15 -19.33 -0.41
CA ASP B 484 -25.82 -20.73 -0.11
C ASP B 484 -26.75 -21.39 0.90
N ARG B 485 -27.20 -20.65 1.90
CA ARG B 485 -28.03 -21.24 2.94
C ARG B 485 -29.32 -21.78 2.35
N SER B 486 -29.71 -22.97 2.78
CA SER B 486 -30.94 -23.58 2.27
C SER B 486 -31.85 -24.00 3.42
N CYS C 43 34.90 -26.68 21.83
CA CYS C 43 36.00 -26.40 22.74
C CYS C 43 35.48 -25.61 23.93
N PHE C 44 34.42 -24.86 23.72
CA PHE C 44 33.86 -24.03 24.79
C PHE C 44 32.59 -24.64 25.35
N ALA C 45 32.34 -25.91 25.06
CA ALA C 45 31.09 -26.54 25.49
C ALA C 45 30.88 -26.55 27.00
N ARG C 46 31.93 -26.83 27.76
CA ARG C 46 31.81 -26.80 29.22
C ARG C 46 31.46 -25.40 29.73
N ALA C 47 32.09 -24.38 29.16
CA ALA C 47 31.85 -23.01 29.61
C ALA C 47 30.46 -22.53 29.22
N ILE C 48 29.97 -22.94 28.05
CA ILE C 48 28.68 -22.50 27.58
C ILE C 48 27.58 -22.99 28.51
N GLU C 49 27.65 -24.25 28.92
CA GLU C 49 26.61 -24.78 29.79
C GLU C 49 26.58 -24.03 31.13
N SER C 50 27.77 -23.80 31.69
CA SER C 50 27.79 -23.12 32.98
C SER C 50 27.27 -21.69 32.86
N SER C 51 27.62 -21.02 31.77
CA SER C 51 27.17 -19.66 31.56
C SER C 51 25.66 -19.61 31.42
N ARG C 52 25.09 -20.60 30.73
CA ARG C 52 23.64 -20.67 30.60
C ARG C 52 23.02 -20.86 31.97
N ASP C 53 23.63 -21.69 32.81
CA ASP C 53 23.12 -21.85 34.15
C ASP C 53 23.16 -20.53 34.92
N LEU C 54 24.25 -19.78 34.77
CA LEU C 54 24.35 -18.48 35.44
C LEU C 54 23.28 -17.52 34.95
N LEU C 55 23.00 -17.53 33.64
CA LEU C 55 21.95 -16.68 33.08
C LEU C 55 20.59 -17.05 33.63
N HIS C 56 20.34 -18.35 33.78
CA HIS C 56 19.07 -18.75 34.39
C HIS C 56 19.00 -18.26 35.83
N ARG C 57 20.10 -18.37 36.56
CA ARG C 57 20.12 -17.87 37.93
C ARG C 57 19.69 -16.42 38.05
N ILE C 58 20.26 -15.53 37.25
CA ILE C 58 19.94 -14.11 37.34
C ILE C 58 18.52 -13.85 36.82
N LYS C 59 18.10 -14.56 35.76
CA LYS C 59 16.77 -14.36 35.20
C LYS C 59 15.69 -14.73 36.21
N ASP C 60 15.86 -15.84 36.92
CA ASP C 60 14.88 -16.21 37.94
C ASP C 60 14.98 -15.32 39.16
N GLU C 61 16.17 -14.82 39.49
CA GLU C 61 16.30 -13.94 40.64
C GLU C 61 15.54 -12.63 40.43
N VAL C 62 15.65 -12.04 39.23
CA VAL C 62 14.98 -10.76 38.99
C VAL C 62 13.62 -10.90 38.34
N GLY C 63 13.24 -12.10 37.89
CA GLY C 63 11.97 -12.28 37.20
C GLY C 63 11.90 -11.58 35.86
N ALA C 64 12.97 -11.63 35.09
CA ALA C 64 12.99 -10.98 33.78
C ALA C 64 12.27 -11.85 32.75
N PRO C 65 11.32 -11.29 32.01
CA PRO C 65 10.64 -12.09 30.96
C PRO C 65 11.56 -12.58 29.86
N GLY C 66 12.69 -11.90 29.62
CA GLY C 66 13.58 -12.30 28.55
C GLY C 66 14.98 -11.77 28.78
N ILE C 67 15.96 -12.46 28.19
CA ILE C 67 17.36 -12.07 28.33
C ILE C 67 18.13 -12.63 27.14
N VAL C 68 19.10 -11.86 26.65
CA VAL C 68 19.93 -12.24 25.52
C VAL C 68 21.39 -12.04 25.89
N VAL C 69 22.25 -12.96 25.46
CA VAL C 69 23.66 -12.93 25.78
C VAL C 69 24.47 -13.07 24.49
N GLY C 70 25.70 -12.56 24.52
CA GLY C 70 26.62 -12.69 23.40
C GLY C 70 28.06 -12.72 23.87
N VAL C 71 28.82 -13.72 23.43
CA VAL C 71 30.20 -13.92 23.87
C VAL C 71 31.09 -14.01 22.64
N SER C 72 32.20 -13.28 22.67
CA SER C 72 33.20 -13.30 21.61
C SER C 72 34.57 -13.62 22.22
N VAL C 73 35.27 -14.57 21.63
CA VAL C 73 36.59 -15.00 22.11
C VAL C 73 37.60 -14.80 21.00
N ASP C 74 38.61 -13.98 21.27
CA ASP C 74 39.72 -13.73 20.33
C ASP C 74 39.22 -13.22 18.99
N GLY C 75 38.20 -12.35 19.03
CA GLY C 75 37.69 -11.73 17.83
C GLY C 75 36.65 -12.54 17.08
N LYS C 76 36.33 -13.75 17.53
CA LYS C 76 35.34 -14.60 16.88
C LYS C 76 34.19 -14.85 17.84
N GLU C 77 32.96 -14.69 17.36
CA GLU C 77 31.78 -14.94 18.17
C GLU C 77 31.58 -16.44 18.30
N VAL C 78 31.59 -16.94 19.54
CA VAL C 78 31.51 -18.37 19.79
C VAL C 78 30.19 -18.79 20.44
N TRP C 79 29.41 -17.85 20.97
CA TRP C 79 28.15 -18.21 21.62
C TRP C 79 27.19 -17.04 21.54
N SER C 80 25.91 -17.36 21.31
CA SER C 80 24.86 -16.34 21.26
C SER C 80 23.54 -17.04 21.46
N GLU C 81 22.79 -16.63 22.48
CA GLU C 81 21.54 -17.30 22.82
C GLU C 81 20.57 -16.30 23.46
N GLY C 82 19.30 -16.65 23.42
CA GLY C 82 18.28 -15.88 24.09
C GLY C 82 17.34 -16.78 24.85
N LEU C 83 16.85 -16.27 25.99
CA LEU C 83 15.94 -17.00 26.84
C LEU C 83 14.72 -16.12 27.12
N GLY C 84 13.54 -16.74 27.11
CA GLY C 84 12.32 -16.04 27.43
C GLY C 84 11.62 -15.48 26.20
N TYR C 85 10.79 -14.47 26.44
CA TYR C 85 9.97 -13.86 25.41
C TYR C 85 10.29 -12.37 25.32
N ALA C 86 10.60 -11.91 24.10
CA ALA C 86 10.79 -10.48 23.88
C ALA C 86 9.47 -9.73 24.02
N ASP C 87 8.37 -10.33 23.56
CA ASP C 87 7.03 -9.77 23.70
C ASP C 87 6.14 -10.83 24.31
N VAL C 88 5.59 -10.55 25.50
CA VAL C 88 4.75 -11.52 26.19
C VAL C 88 3.30 -11.47 25.74
N GLU C 89 2.86 -10.37 25.13
CA GLU C 89 1.48 -10.30 24.66
C GLU C 89 1.27 -11.13 23.40
N ASN C 90 2.25 -11.11 22.48
CA ASN C 90 2.16 -11.83 21.23
C ASN C 90 3.00 -13.10 21.21
N ARG C 91 3.65 -13.44 22.32
CA ARG C 91 4.45 -14.66 22.46
C ARG C 91 5.55 -14.73 21.41
N VAL C 92 6.45 -13.74 21.46
CA VAL C 92 7.59 -13.64 20.56
C VAL C 92 8.83 -14.06 21.33
N PRO C 93 9.47 -15.18 21.00
CA PRO C 93 10.65 -15.62 21.77
C PRO C 93 11.84 -14.70 21.56
N CYS C 94 12.69 -14.66 22.58
CA CYS C 94 13.94 -13.91 22.48
C CYS C 94 14.93 -14.63 21.58
N LYS C 95 15.59 -13.86 20.72
CA LYS C 95 16.55 -14.36 19.77
C LYS C 95 17.75 -13.44 19.73
N PRO C 96 18.89 -13.89 19.21
CA PRO C 96 20.05 -13.00 19.10
C PRO C 96 19.81 -11.78 18.22
N GLU C 97 18.79 -11.81 17.35
CA GLU C 97 18.45 -10.67 16.50
C GLU C 97 17.57 -9.65 17.20
N THR C 98 17.21 -9.87 18.46
CA THR C 98 16.33 -8.96 19.17
C THR C 98 17.00 -7.60 19.35
N VAL C 99 16.22 -6.54 19.20
CA VAL C 99 16.68 -5.16 19.35
C VAL C 99 16.12 -4.61 20.64
N MET C 100 17.00 -4.25 21.57
CA MET C 100 16.61 -3.73 22.87
C MET C 100 17.30 -2.40 23.12
N ARG C 101 16.92 -1.73 24.21
CA ARG C 101 17.46 -0.41 24.53
C ARG C 101 18.74 -0.37 25.32
N ILE C 102 19.88 -0.21 24.65
CA ILE C 102 21.13 -0.04 25.37
C ILE C 102 20.99 1.40 25.84
N ALA C 103 21.27 1.66 27.10
CA ALA C 103 21.03 3.01 27.57
C ALA C 103 22.26 3.88 27.65
N SER C 104 23.13 3.56 28.58
CA SER C 104 24.28 4.41 28.79
C SER C 104 25.53 3.86 28.16
N ILE C 105 25.39 2.78 27.40
CA ILE C 105 26.53 2.27 26.64
C ILE C 105 26.68 3.26 25.50
N SER C 106 25.67 4.10 25.28
CA SER C 106 25.74 5.13 24.25
C SER C 106 26.87 6.10 24.54
N LYS C 107 27.08 6.43 25.80
CA LYS C 107 28.18 7.32 26.18
C LYS C 107 29.51 6.87 25.57
N SER C 108 29.73 5.57 25.47
CA SER C 108 30.93 5.02 24.86
C SER C 108 31.00 5.35 23.37
N LEU C 109 29.85 5.25 22.69
CA LEU C 109 29.84 5.62 21.26
C LEU C 109 30.16 7.10 21.06
N THR C 110 29.59 7.97 21.90
CA THR C 110 29.91 9.38 21.83
C THR C 110 31.38 9.63 22.13
N MET C 111 31.92 8.86 23.06
CA MET C 111 33.35 8.99 23.33
C MET C 111 34.19 8.58 22.14
N VAL C 112 33.78 7.54 21.42
CA VAL C 112 34.49 7.17 20.19
C VAL C 112 34.43 8.32 19.19
N ALA C 113 33.25 8.93 19.04
CA ALA C 113 33.13 10.08 18.15
C ALA C 113 34.05 11.23 18.56
N LEU C 114 34.06 11.54 19.86
CA LEU C 114 34.90 12.63 20.37
C LEU C 114 36.37 12.34 20.17
N ALA C 115 36.78 11.09 20.39
CA ALA C 115 38.18 10.71 20.21
C ALA C 115 38.59 10.84 18.75
N LYS C 116 37.71 10.43 17.83
CA LYS C 116 38.03 10.58 16.41
C LYS C 116 38.14 12.05 16.03
N LEU C 117 37.23 12.88 16.55
CA LEU C 117 37.32 14.32 16.28
C LEU C 117 38.61 14.92 16.83
N TRP C 118 39.00 14.51 18.03
CA TRP C 118 40.24 15.00 18.64
C TRP C 118 41.46 14.54 17.83
N GLU C 119 41.43 13.30 17.34
CA GLU C 119 42.51 12.83 16.48
C GLU C 119 42.60 13.66 15.21
N ALA C 120 41.44 14.01 14.63
CA ALA C 120 41.44 14.85 13.43
C ALA C 120 41.94 16.27 13.69
N GLY C 121 42.08 16.66 14.95
CA GLY C 121 42.56 17.99 15.30
C GLY C 121 41.51 19.07 15.36
N LYS C 122 40.23 18.72 15.18
CA LYS C 122 39.17 19.72 15.21
C LYS C 122 38.81 20.15 16.63
N LEU C 123 39.03 19.30 17.61
CA LEU C 123 38.56 19.53 18.98
C LEU C 123 39.75 19.65 19.94
N ASP C 124 39.64 20.61 20.87
CA ASP C 124 40.61 20.78 21.94
C ASP C 124 39.91 20.55 23.27
N LEU C 125 40.51 19.70 24.11
CA LEU C 125 39.83 19.27 25.34
C LEU C 125 39.82 20.38 26.40
N ASP C 126 40.92 21.11 26.53
CA ASP C 126 41.04 22.07 27.63
C ASP C 126 40.41 23.42 27.33
N ILE C 127 40.00 23.67 26.09
CA ILE C 127 39.35 24.95 25.76
C ILE C 127 37.96 24.98 26.39
N PRO C 128 37.53 26.12 26.95
CA PRO C 128 36.17 26.19 27.53
C PRO C 128 35.11 25.91 26.47
N VAL C 129 34.00 25.33 26.92
CA VAL C 129 32.94 24.91 26.02
C VAL C 129 32.25 26.08 25.34
N GLN C 130 32.41 27.30 25.86
CA GLN C 130 31.78 28.46 25.24
C GLN C 130 32.40 28.80 23.88
N HIS C 131 33.58 28.24 23.58
CA HIS C 131 34.17 28.44 22.26
C HIS C 131 33.30 27.80 21.17
N TYR C 132 32.77 26.61 21.43
CA TYR C 132 31.95 25.91 20.46
C TYR C 132 30.46 26.20 20.64
N VAL C 133 29.99 26.26 21.89
CA VAL C 133 28.57 26.49 22.17
C VAL C 133 28.43 27.77 22.99
N PRO C 134 28.21 28.93 22.36
CA PRO C 134 28.05 30.17 23.13
C PRO C 134 26.68 30.31 23.77
N GLU C 135 25.72 29.44 23.43
CA GLU C 135 24.40 29.51 24.05
C GLU C 135 24.42 29.09 25.51
N PHE C 136 25.42 28.33 25.93
CA PHE C 136 25.52 27.93 27.33
C PHE C 136 26.02 29.10 28.17
N PRO C 137 25.25 29.56 29.16
CA PRO C 137 25.70 30.70 29.97
C PRO C 137 26.90 30.35 30.83
N GLU C 138 27.72 31.35 31.09
CA GLU C 138 28.82 31.19 32.03
C GLU C 138 28.29 31.14 33.46
N LYS C 139 28.98 30.38 34.30
CA LYS C 139 28.53 30.09 35.65
C LYS C 139 29.49 30.66 36.69
N GLU C 140 28.96 30.98 37.86
CA GLU C 140 29.74 31.49 38.97
C GLU C 140 29.46 30.64 40.20
N TYR C 141 30.44 30.61 41.10
CA TYR C 141 30.39 29.78 42.31
C TYR C 141 30.80 30.68 43.48
N GLU C 142 29.81 31.10 44.27
CA GLU C 142 29.91 32.25 45.17
C GLU C 142 30.76 33.37 44.57
N GLY C 143 30.42 33.74 43.35
CA GLY C 143 31.06 34.87 42.69
C GLY C 143 32.51 34.68 42.32
N GLU C 144 32.89 33.47 41.89
CA GLU C 144 34.22 33.21 41.39
C GLU C 144 34.13 32.57 40.02
N LYS C 145 35.10 32.90 39.17
CA LYS C 145 35.07 32.41 37.79
C LYS C 145 35.43 30.93 37.76
N VAL C 146 34.59 30.14 37.10
CA VAL C 146 34.83 28.72 36.91
C VAL C 146 34.71 28.40 35.43
N SER C 147 35.48 27.41 34.98
CA SER C 147 35.53 27.02 33.58
C SER C 147 35.03 25.59 33.43
N VAL C 148 34.12 25.38 32.49
CA VAL C 148 33.62 24.06 32.14
C VAL C 148 34.25 23.67 30.81
N THR C 149 34.95 22.54 30.80
CA THR C 149 35.67 22.07 29.62
C THR C 149 35.18 20.68 29.23
N THR C 150 35.61 20.26 28.03
CA THR C 150 35.23 18.93 27.54
C THR C 150 35.78 17.83 28.43
N ARG C 151 37.02 18.00 28.93
CA ARG C 151 37.63 16.98 29.76
C ARG C 151 36.84 16.76 31.05
N LEU C 152 36.36 17.85 31.66
CA LEU C 152 35.55 17.72 32.87
C LEU C 152 34.20 17.09 32.56
N LEU C 153 33.60 17.45 31.41
CA LEU C 153 32.30 16.89 31.05
C LEU C 153 32.38 15.40 30.80
N ILE C 154 33.48 14.94 30.22
CA ILE C 154 33.63 13.50 29.91
C ILE C 154 33.66 12.66 31.18
N SER C 155 34.42 13.09 32.18
CA SER C 155 34.56 12.29 33.40
C SER C 155 33.53 12.59 34.47
N HIS C 156 32.54 13.42 34.15
CA HIS C 156 31.49 13.80 35.11
C HIS C 156 31.99 14.65 36.28
N LEU C 157 33.19 15.20 36.16
CA LEU C 157 33.73 16.03 37.24
C LEU C 157 33.11 17.42 37.19
N SER C 158 32.29 17.68 36.18
CA SER C 158 31.64 18.98 36.05
C SER C 158 30.49 19.18 37.04
N GLY C 159 30.12 20.44 37.28
CA GLY C 159 29.05 20.75 38.23
C GLY C 159 27.63 20.43 37.81
N ILE C 160 27.40 20.10 36.54
CA ILE C 160 26.03 19.89 36.06
C ILE C 160 25.26 18.79 36.80
N ARG C 161 23.99 19.04 37.09
CA ARG C 161 23.18 18.09 37.87
C ARG C 161 22.66 16.89 37.09
N HIS C 162 21.99 15.98 37.79
CA HIS C 162 21.42 14.83 37.12
C HIS C 162 19.92 15.14 37.13
N TYR C 163 19.09 14.13 37.30
CA TYR C 163 17.64 14.35 37.34
C TYR C 163 17.14 15.21 38.50
N GLU C 164 17.72 15.07 39.69
CA GLU C 164 17.34 15.89 40.85
C GLU C 164 17.71 17.38 40.74
N LYS C 165 16.81 18.27 41.14
CA LYS C 165 17.05 19.71 41.06
C LYS C 165 17.30 20.36 42.41
N ASP C 166 17.11 19.63 43.51
CA ASP C 166 17.29 20.20 44.84
C ASP C 166 18.74 20.04 45.27
N ILE C 167 19.43 21.16 45.48
CA ILE C 167 20.84 21.12 45.84
C ILE C 167 21.03 20.52 47.23
N LYS C 168 20.10 20.79 48.16
CA LYS C 168 20.27 20.36 49.54
C LYS C 168 20.33 18.84 49.66
N LYS C 169 19.41 18.15 48.97
CA LYS C 169 19.40 16.69 49.03
C LYS C 169 20.65 16.10 48.40
N VAL C 170 21.10 16.66 47.28
CA VAL C 170 22.32 16.16 46.64
C VAL C 170 23.53 16.35 47.55
N LYS C 171 23.62 17.52 48.20
CA LYS C 171 24.72 17.77 49.12
C LYS C 171 24.68 16.84 50.31
N GLU C 172 23.47 16.57 50.84
CA GLU C 172 23.33 15.64 51.95
C GLU C 172 23.76 14.23 51.56
N GLU C 173 23.35 13.79 50.37
CA GLU C 173 23.75 12.46 49.89
C GLU C 173 25.26 12.38 49.68
N LYS C 174 25.86 13.42 49.10
CA LYS C 174 27.30 13.42 48.86
C LYS C 174 28.08 13.41 50.17
N ALA C 175 27.61 14.16 51.17
CA ALA C 175 28.28 14.22 52.46
C ALA C 175 28.07 12.92 53.25
N ASP C 226 16.13 7.99 39.57
CA ASP C 226 15.51 7.17 40.60
C ASP C 226 14.26 6.54 40.04
N PHE C 227 13.94 6.84 38.77
CA PHE C 227 12.73 6.32 38.12
C PHE C 227 11.50 6.92 38.74
N GLU C 228 11.66 7.67 39.82
CA GLU C 228 10.53 8.38 40.40
C GLU C 228 10.58 9.79 39.83
N GLN C 229 11.64 10.10 39.08
CA GLN C 229 11.81 11.43 38.51
C GLN C 229 10.87 11.76 37.36
N GLY C 230 10.50 13.03 37.23
CA GLY C 230 9.61 13.44 36.16
C GLY C 230 10.29 13.54 34.81
N GLU C 231 11.46 14.18 34.77
CA GLU C 231 12.19 14.32 33.51
C GLU C 231 12.50 12.98 32.85
N LEU C 232 12.45 11.88 33.60
CA LEU C 232 12.73 10.57 33.04
C LEU C 232 11.56 10.01 32.23
N TYR C 233 10.39 10.63 32.29
CA TYR C 233 9.21 10.16 31.60
C TYR C 233 8.66 11.23 30.67
N LEU C 234 9.54 12.01 30.06
CA LEU C 234 9.12 13.04 29.12
C LEU C 234 8.65 12.41 27.81
N ARG C 235 7.77 13.13 27.11
CA ARG C 235 7.25 12.67 25.82
C ARG C 235 7.38 13.71 24.72
N GLU C 236 7.95 14.87 25.00
CA GLU C 236 8.13 15.89 23.98
C GLU C 236 9.21 15.48 22.99
N LYS C 237 9.07 15.96 21.75
CA LYS C 237 10.04 15.70 20.69
C LYS C 237 10.92 16.93 20.51
N PHE C 238 12.23 16.71 20.47
CA PHE C 238 13.19 17.81 20.33
C PHE C 238 13.96 17.65 19.03
N GLU C 239 13.82 18.62 18.12
CA GLU C 239 14.49 18.54 16.82
C GLU C 239 16.02 18.56 16.85
N ASN C 240 16.60 19.40 17.70
CA ASN C 240 18.06 19.54 17.71
C ASN C 240 18.67 19.65 19.10
N SER C 241 19.98 19.38 19.21
CA SER C 241 20.66 19.43 20.50
C SER C 241 20.58 20.79 21.19
N ILE C 242 20.59 21.86 20.40
CA ILE C 242 20.47 23.21 20.96
C ILE C 242 19.12 23.40 21.62
N GLU C 243 18.06 22.88 20.99
CA GLU C 243 16.74 22.91 21.61
C GLU C 243 16.72 22.08 22.89
N SER C 244 17.39 20.93 22.89
CA SER C 244 17.44 20.07 24.06
C SER C 244 18.22 20.70 25.21
N LEU C 245 19.13 21.63 24.92
CA LEU C 245 19.93 22.24 25.97
C LEU C 245 19.11 23.08 26.94
N ARG C 246 17.89 23.49 26.57
CA ARG C 246 17.10 24.37 27.39
C ARG C 246 16.60 23.73 28.68
N LEU C 247 16.72 22.41 28.82
CA LEU C 247 16.20 21.75 30.01
C LEU C 247 17.06 22.04 31.23
N PHE C 248 18.36 22.32 31.04
CA PHE C 248 19.26 22.47 32.17
C PHE C 248 20.25 23.62 32.02
N LYS C 249 20.13 24.44 30.97
CA LYS C 249 21.12 25.49 30.73
C LYS C 249 21.00 26.66 31.68
N ASN C 250 19.92 26.75 32.47
CA ASN C 250 19.73 27.83 33.40
C ASN C 250 19.94 27.44 34.86
N ASP C 251 20.12 26.15 35.14
CA ASP C 251 20.30 25.71 36.52
C ASP C 251 21.71 26.04 37.00
N PRO C 252 21.86 26.43 38.26
CA PRO C 252 23.21 26.71 38.78
C PRO C 252 24.02 25.44 38.99
N LEU C 253 25.33 25.60 38.98
CA LEU C 253 26.23 24.48 39.20
C LEU C 253 26.09 23.95 40.62
N PHE C 254 26.17 22.63 40.76
CA PHE C 254 26.03 21.99 42.06
C PHE C 254 27.34 21.94 42.83
N PHE C 255 28.45 21.69 42.14
CA PHE C 255 29.76 21.63 42.77
C PHE C 255 30.75 22.41 41.91
N LYS C 256 31.93 22.65 42.46
CA LYS C 256 33.00 23.27 41.69
C LYS C 256 33.48 22.32 40.60
N PRO C 257 33.69 22.80 39.38
CA PRO C 257 34.19 21.93 38.31
C PRO C 257 35.52 21.31 38.68
N GLY C 258 35.62 19.98 38.49
CA GLY C 258 36.83 19.26 38.82
C GLY C 258 37.01 18.92 40.27
N SER C 259 36.03 19.20 41.12
CA SER C 259 36.14 18.99 42.56
C SER C 259 35.36 17.80 43.08
N GLN C 260 34.15 17.56 42.56
CA GLN C 260 33.29 16.50 43.05
C GLN C 260 32.78 15.68 41.88
N PHE C 261 32.76 14.35 42.06
CA PHE C 261 32.24 13.45 41.04
C PHE C 261 30.73 13.33 41.16
N LEU C 262 30.03 13.57 40.05
CA LEU C 262 28.58 13.45 40.02
C LEU C 262 28.18 12.93 38.65
N TYR C 263 27.71 11.68 38.60
CA TYR C 263 27.29 11.09 37.34
C TYR C 263 26.12 11.89 36.77
N SER C 264 26.20 12.20 35.47
CA SER C 264 25.19 13.03 34.84
C SER C 264 24.98 12.59 33.41
N THR C 265 23.78 12.85 32.89
CA THR C 265 23.42 12.57 31.51
C THR C 265 23.31 13.80 30.64
N PHE C 266 23.02 14.97 31.23
CA PHE C 266 22.93 16.19 30.45
C PHE C 266 24.30 16.68 29.99
N GLY C 267 25.35 16.33 30.73
CA GLY C 267 26.69 16.66 30.28
C GLY C 267 27.00 16.07 28.93
N TYR C 268 26.52 14.85 28.68
CA TYR C 268 26.72 14.25 27.36
C TYR C 268 25.80 14.83 26.31
N THR C 269 24.66 15.41 26.69
CA THR C 269 23.90 16.22 25.74
C THR C 269 24.70 17.44 25.31
N LEU C 270 25.35 18.11 26.26
CA LEU C 270 26.24 19.21 25.92
C LEU C 270 27.40 18.73 25.06
N LEU C 271 27.92 17.54 25.34
CA LEU C 271 28.99 16.96 24.54
C LEU C 271 28.53 16.70 23.11
N ALA C 272 27.29 16.23 22.94
CA ALA C 272 26.74 16.02 21.60
C ALA C 272 26.60 17.34 20.86
N ALA C 273 26.15 18.39 21.55
CA ALA C 273 26.09 19.71 20.93
C ALA C 273 27.48 20.18 20.50
N ILE C 274 28.47 19.97 21.35
CA ILE C 274 29.85 20.33 21.01
C ILE C 274 30.32 19.55 19.80
N VAL C 275 29.99 18.26 19.73
CA VAL C 275 30.41 17.43 18.62
C VAL C 275 29.80 17.93 17.31
N GLU C 276 28.50 18.22 17.33
CA GLU C 276 27.85 18.66 16.09
C GLU C 276 28.28 20.06 15.70
N ARG C 277 28.71 20.89 16.66
CA ARG C 277 29.24 22.20 16.30
C ARG C 277 30.64 22.08 15.71
N ALA C 278 31.50 21.25 16.30
CA ALA C 278 32.89 21.18 15.88
C ALA C 278 33.06 20.39 14.58
N SER C 279 32.27 19.34 14.38
CA SER C 279 32.41 18.52 13.19
C SER C 279 31.83 19.17 11.94
N GLY C 280 30.93 20.14 12.10
CA GLY C 280 30.29 20.78 10.98
C GLY C 280 29.08 20.06 10.42
N CYS C 281 28.69 18.93 11.01
CA CYS C 281 27.55 18.16 10.56
C CYS C 281 26.71 17.77 11.77
N LYS C 282 25.51 17.25 11.50
CA LYS C 282 24.61 16.84 12.57
C LYS C 282 25.19 15.64 13.33
N TYR C 283 24.82 15.56 14.61
CA TYR C 283 25.34 14.49 15.46
C TYR C 283 24.90 13.12 14.97
N LEU C 284 23.63 12.98 14.60
CA LEU C 284 23.11 11.67 14.19
C LEU C 284 23.78 11.19 12.92
N ASP C 285 24.07 12.09 11.97
CA ASP C 285 24.77 11.69 10.76
C ASP C 285 26.19 11.21 11.06
N TYR C 286 26.88 11.92 11.95
CA TYR C 286 28.23 11.51 12.33
C TYR C 286 28.23 10.13 12.99
N MET C 287 27.29 9.90 13.90
CA MET C 287 27.19 8.59 14.55
C MET C 287 26.81 7.50 13.55
N GLN C 288 25.93 7.82 12.59
CA GLN C 288 25.57 6.84 11.57
C GLN C 288 26.78 6.46 10.73
N LYS C 289 27.59 7.45 10.35
CA LYS C 289 28.82 7.17 9.61
C LYS C 289 29.77 6.31 10.42
N ILE C 290 29.91 6.60 11.72
CA ILE C 290 30.79 5.80 12.57
C ILE C 290 30.29 4.38 12.68
N PHE C 291 28.97 4.19 12.85
CA PHE C 291 28.40 2.85 12.92
C PHE C 291 28.62 2.09 11.62
N HIS C 292 28.49 2.79 10.49
CA HIS C 292 28.76 2.15 9.21
C HIS C 292 30.22 1.72 9.10
N ASP C 293 31.14 2.54 9.61
CA ASP C 293 32.55 2.18 9.58
C ASP C 293 32.82 0.92 10.41
N LEU C 294 32.16 0.79 11.55
CA LEU C 294 32.38 -0.32 12.47
C LEU C 294 31.49 -1.52 12.20
N ASP C 295 30.67 -1.48 11.14
CA ASP C 295 29.81 -2.60 10.73
C ASP C 295 28.72 -2.88 11.77
N MET C 296 28.19 -1.83 12.39
CA MET C 296 27.07 -1.95 13.31
C MET C 296 25.80 -1.53 12.57
N LEU C 297 25.22 -2.49 11.85
CA LEU C 297 24.12 -2.18 10.93
C LEU C 297 22.77 -2.12 11.62
N THR C 298 22.65 -2.61 12.85
CA THR C 298 21.38 -2.63 13.56
C THR C 298 21.30 -1.59 14.67
N THR C 299 22.25 -0.66 14.73
CA THR C 299 22.28 0.37 15.77
C THR C 299 21.57 1.61 15.24
N VAL C 300 20.41 1.92 15.81
CA VAL C 300 19.60 3.07 15.41
C VAL C 300 19.18 3.83 16.65
N GLN C 301 18.53 4.96 16.45
CA GLN C 301 18.06 5.80 17.54
C GLN C 301 16.61 5.47 17.89
N GLU C 302 16.25 5.77 19.14
CA GLU C 302 14.91 5.48 19.65
C GLU C 302 13.88 6.37 18.96
N GLU C 303 13.09 5.76 18.06
CA GLU C 303 12.02 6.48 17.39
C GLU C 303 10.80 5.56 17.27
N ASN C 304 9.63 6.17 17.22
CA ASN C 304 8.37 5.45 17.17
C ASN C 304 7.81 5.30 15.76
N GLU C 305 7.85 6.36 14.95
CA GLU C 305 7.25 6.30 13.62
C GLU C 305 7.91 5.28 12.70
N PRO C 306 9.23 5.22 12.54
CA PRO C 306 9.81 4.24 11.61
C PRO C 306 9.58 2.82 12.07
N VAL C 307 9.51 1.91 11.10
CA VAL C 307 9.35 0.50 11.36
C VAL C 307 10.72 -0.12 11.60
N ILE C 308 10.94 -0.61 12.81
CA ILE C 308 12.20 -1.24 13.20
C ILE C 308 11.92 -2.71 13.49
N TYR C 309 12.52 -3.60 12.71
CA TYR C 309 12.24 -5.01 12.83
C TYR C 309 12.87 -5.58 14.10
N ASN C 310 12.20 -6.58 14.67
CA ASN C 310 12.67 -7.31 15.85
C ASN C 310 12.81 -6.41 17.08
N ARG C 311 12.00 -5.35 17.15
CA ARG C 311 11.99 -4.48 18.31
C ARG C 311 11.21 -5.13 19.44
N ALA C 312 11.78 -5.13 20.64
CA ALA C 312 11.19 -5.82 21.78
C ALA C 312 10.33 -4.87 22.60
N ARG C 313 9.73 -5.41 23.66
CA ARG C 313 8.92 -4.66 24.60
C ARG C 313 9.61 -4.62 25.96
N PHE C 314 9.21 -3.66 26.79
CA PHE C 314 9.86 -3.42 28.08
C PHE C 314 8.82 -3.40 29.18
N TYR C 315 9.15 -4.04 30.30
CA TYR C 315 8.18 -4.33 31.35
C TYR C 315 8.73 -3.92 32.71
N VAL C 316 7.83 -3.85 33.69
CA VAL C 316 8.13 -3.53 35.07
C VAL C 316 7.09 -4.19 35.96
N TYR C 317 7.36 -4.28 37.25
CA TYR C 317 6.43 -4.85 38.22
C TYR C 317 5.74 -3.73 38.98
N ASN C 318 4.44 -3.88 39.21
CA ASN C 318 3.65 -2.88 39.91
C ASN C 318 3.61 -3.19 41.41
N LYS C 319 2.75 -2.47 42.14
CA LYS C 319 2.65 -2.67 43.58
C LYS C 319 2.02 -4.00 43.96
N LYS C 320 1.23 -4.61 43.07
CA LYS C 320 0.62 -5.89 43.32
C LYS C 320 1.50 -7.06 42.88
N LYS C 321 2.75 -6.80 42.53
CA LYS C 321 3.69 -7.82 42.04
C LYS C 321 3.15 -8.50 40.79
N ARG C 322 2.71 -7.69 39.83
CA ARG C 322 2.21 -8.18 38.56
C ARG C 322 2.93 -7.47 37.42
N LEU C 323 3.27 -8.23 36.39
CA LEU C 323 3.99 -7.68 35.25
C LEU C 323 3.09 -6.76 34.43
N VAL C 324 3.58 -5.55 34.17
CA VAL C 324 2.84 -4.54 33.40
C VAL C 324 3.78 -3.91 32.40
N ASN C 325 3.19 -3.16 31.46
CA ASN C 325 3.96 -2.44 30.46
C ASN C 325 4.50 -1.14 31.03
N THR C 326 5.68 -0.74 30.56
CA THR C 326 6.24 0.54 30.95
C THR C 326 5.54 1.66 30.20
N PRO C 327 5.46 2.85 30.80
CA PRO C 327 4.82 3.97 30.10
C PRO C 327 5.60 4.42 28.88
N TYR C 328 4.89 5.02 27.93
CA TYR C 328 5.52 5.51 26.72
C TYR C 328 6.37 6.73 27.02
N VAL C 329 7.59 6.74 26.49
CA VAL C 329 8.53 7.83 26.72
C VAL C 329 9.20 8.20 25.39
N ASP C 330 9.71 9.43 25.35
CA ASP C 330 10.48 9.93 24.21
C ASP C 330 11.87 10.32 24.70
N ASN C 331 12.89 9.78 24.03
CA ASN C 331 14.28 9.97 24.44
C ASN C 331 15.06 10.88 23.49
N SER C 332 14.36 11.76 22.75
CA SER C 332 15.02 12.61 21.79
C SER C 332 15.89 13.68 22.44
N TYR C 333 15.60 14.04 23.70
CA TYR C 333 16.39 15.07 24.36
C TYR C 333 17.76 14.58 24.81
N LYS C 334 17.97 13.27 24.86
CA LYS C 334 19.26 12.69 25.21
C LYS C 334 19.61 11.60 24.19
N TRP C 335 20.17 11.98 23.05
CA TRP C 335 20.60 10.95 22.11
C TRP C 335 21.92 10.40 22.60
N ALA C 336 22.87 11.29 22.84
CA ALA C 336 24.20 10.87 23.29
C ALA C 336 24.22 10.17 24.63
N GLY C 337 23.48 10.69 25.61
CA GLY C 337 23.42 10.02 26.89
C GLY C 337 22.70 8.69 27.00
N GLY C 338 21.50 8.60 26.42
CA GLY C 338 20.70 7.36 26.50
C GLY C 338 19.60 7.32 25.47
N GLY C 339 19.95 7.07 24.20
CA GLY C 339 18.92 7.14 23.13
C GLY C 339 19.08 6.05 22.09
N PHE C 340 20.12 5.20 22.18
CA PHE C 340 20.31 4.21 21.12
C PHE C 340 19.68 2.82 21.27
N LEU C 341 19.47 2.13 20.14
CA LEU C 341 18.90 0.77 20.14
C LEU C 341 19.89 -0.14 19.48
N SER C 342 20.14 -1.33 20.03
CA SER C 342 21.15 -2.20 19.46
C SER C 342 20.97 -3.68 19.75
N THR C 343 21.81 -4.52 19.14
CA THR C 343 21.78 -5.94 19.42
C THR C 343 23.06 -6.33 20.17
N VAL C 344 23.24 -7.63 20.39
CA VAL C 344 24.46 -8.09 21.05
C VAL C 344 25.62 -8.19 20.08
N GLY C 345 25.35 -8.51 18.81
CA GLY C 345 26.42 -8.60 17.83
C GLY C 345 27.11 -7.27 17.58
N ASP C 346 26.34 -6.19 17.54
CA ASP C 346 26.93 -4.87 17.34
C ASP C 346 27.82 -4.49 18.51
N LEU C 347 27.40 -4.79 19.73
CA LEU C 347 28.24 -4.52 20.90
C LEU C 347 29.49 -5.38 20.88
N LEU C 348 29.38 -6.64 20.45
CA LEU C 348 30.56 -7.48 20.33
C LEU C 348 31.54 -6.91 19.32
N LYS C 349 31.04 -6.44 18.17
CA LYS C 349 31.91 -5.84 17.16
C LYS C 349 32.58 -4.58 17.68
N PHE C 350 31.83 -3.74 18.38
CA PHE C 350 32.39 -2.51 18.95
C PHE C 350 33.49 -2.83 19.96
N GLY C 351 33.24 -3.80 20.84
CA GLY C 351 34.25 -4.19 21.80
C GLY C 351 35.49 -4.78 21.16
N ASN C 352 35.30 -5.58 20.11
CA ASN C 352 36.43 -6.15 19.39
C ASN C 352 37.27 -5.05 18.74
N ALA C 353 36.61 -4.05 18.16
CA ALA C 353 37.35 -2.94 17.56
C ALA C 353 38.14 -2.17 18.60
N MET C 354 37.54 -1.90 19.76
CA MET C 354 38.27 -1.20 20.82
C MET C 354 39.45 -2.04 21.31
N LEU C 355 39.25 -3.35 21.48
CA LEU C 355 40.33 -4.21 21.94
C LEU C 355 41.48 -4.25 20.94
N TYR C 356 41.16 -4.33 19.64
CA TYR C 356 42.20 -4.32 18.63
C TYR C 356 42.98 -3.00 18.64
N GLY C 357 42.26 -1.89 18.73
CA GLY C 357 42.93 -0.60 18.80
C GLY C 357 43.81 -0.47 20.04
N TYR C 358 43.39 -1.09 21.14
CA TYR C 358 44.19 -1.07 22.36
C TYR C 358 45.45 -1.92 22.23
N GLN C 359 45.34 -3.10 21.61
CA GLN C 359 46.41 -4.08 21.65
C GLN C 359 47.32 -4.07 20.42
N VAL C 360 47.00 -3.30 19.38
CA VAL C 360 47.80 -3.37 18.16
C VAL C 360 49.21 -2.83 18.37
N GLY C 361 49.38 -1.89 19.31
CA GLY C 361 50.69 -1.30 19.51
C GLY C 361 51.72 -2.30 20.04
N LEU C 362 51.28 -3.23 20.89
CA LEU C 362 52.20 -4.23 21.41
C LEU C 362 52.64 -5.21 20.33
N PHE C 363 51.74 -5.57 19.42
CA PHE C 363 52.05 -6.51 18.36
C PHE C 363 52.71 -5.87 17.15
N LYS C 364 52.74 -4.54 17.07
CA LYS C 364 53.32 -3.87 15.91
C LYS C 364 54.79 -4.21 15.72
N ASN C 365 55.52 -4.43 16.82
CA ASN C 365 56.97 -4.67 16.71
C ASN C 365 57.27 -5.97 15.97
N SER C 366 56.53 -7.03 16.27
CA SER C 366 56.84 -8.34 15.70
C SER C 366 56.43 -8.42 14.23
N ASN C 367 55.24 -7.91 13.90
CA ASN C 367 54.70 -8.01 12.55
C ASN C 367 54.30 -6.63 12.05
N GLU C 368 54.74 -6.30 10.84
CA GLU C 368 54.41 -5.02 10.22
C GLU C 368 53.27 -5.11 9.22
N ASN C 369 52.64 -6.28 9.08
CA ASN C 369 51.55 -6.46 8.15
C ASN C 369 50.17 -6.23 8.78
N LEU C 370 50.13 -5.92 10.07
CA LEU C 370 48.85 -5.70 10.74
C LEU C 370 48.24 -4.37 10.32
N LEU C 371 46.94 -4.39 10.03
CA LEU C 371 46.24 -3.17 9.68
C LEU C 371 46.14 -2.25 10.89
N PRO C 372 46.13 -0.93 10.68
CA PRO C 372 46.01 -0.01 11.80
C PRO C 372 44.64 -0.08 12.46
N GLY C 373 44.61 0.25 13.75
CA GLY C 373 43.36 0.28 14.47
C GLY C 373 42.52 1.50 14.11
N TYR C 374 41.26 1.46 14.54
CA TYR C 374 40.35 2.57 14.25
C TYR C 374 40.81 3.85 14.91
N LEU C 375 41.48 3.75 16.06
CA LEU C 375 42.04 4.90 16.76
C LEU C 375 43.50 4.65 17.07
N LYS C 376 44.25 5.73 17.22
CA LYS C 376 45.68 5.62 17.46
C LYS C 376 45.94 4.98 18.82
N PRO C 377 47.07 4.27 18.97
CA PRO C 377 47.34 3.58 20.24
C PRO C 377 47.38 4.52 21.44
N GLU C 378 47.91 5.73 21.28
CA GLU C 378 47.94 6.67 22.40
C GLU C 378 46.53 7.12 22.76
N THR C 379 45.65 7.27 21.78
CA THR C 379 44.27 7.63 22.06
C THR C 379 43.58 6.55 22.89
N MET C 380 43.81 5.29 22.54
CA MET C 380 43.18 4.20 23.28
C MET C 380 43.63 4.13 24.73
N VAL C 381 44.91 4.37 24.96
CA VAL C 381 45.44 4.35 26.32
C VAL C 381 44.78 5.45 27.16
N MET C 382 44.63 6.63 26.59
CA MET C 382 43.99 7.75 27.30
C MET C 382 42.55 7.43 27.63
N MET C 383 41.85 6.79 26.70
CA MET C 383 40.45 6.48 26.92
C MET C 383 40.26 5.55 28.11
N TRP C 384 41.15 4.57 28.25
CA TRP C 384 41.01 3.61 29.34
C TRP C 384 41.84 3.94 30.58
N THR C 385 42.42 5.13 30.63
CA THR C 385 43.18 5.55 31.81
C THR C 385 42.26 6.04 32.97
N PRO C 386 42.30 5.39 34.17
CA PRO C 386 41.41 5.88 35.23
C PRO C 386 41.76 7.29 35.66
N VAL C 387 40.75 8.03 36.08
CA VAL C 387 40.88 9.41 36.50
C VAL C 387 40.74 9.46 38.02
N PRO C 388 41.62 10.17 38.73
CA PRO C 388 41.49 10.24 40.19
C PRO C 388 40.24 10.99 40.61
N ASN C 389 39.80 10.69 41.84
CA ASN C 389 38.60 11.29 42.43
C ASN C 389 37.35 10.96 41.60
N THR C 390 37.25 9.70 41.19
CA THR C 390 36.10 9.20 40.45
C THR C 390 35.64 7.89 41.07
N GLU C 391 34.39 7.54 40.81
CA GLU C 391 33.77 6.35 41.38
C GLU C 391 33.18 5.48 40.29
N MET C 392 33.10 4.18 40.55
CA MET C 392 32.53 3.19 39.65
C MET C 392 31.40 2.50 40.42
N SER C 393 30.16 2.86 40.11
CA SER C 393 29.03 2.43 40.93
C SER C 393 28.84 0.91 40.87
N TRP C 394 28.97 0.32 39.68
CA TRP C 394 28.71 -1.10 39.54
C TRP C 394 29.88 -1.97 40.02
N ASP C 395 31.00 -1.36 40.39
CA ASP C 395 32.10 -2.11 41.02
C ASP C 395 32.92 -1.12 41.83
N LYS C 396 32.81 -1.21 43.17
CA LYS C 396 33.53 -0.31 44.05
C LYS C 396 35.04 -0.51 44.01
N GLU C 397 35.50 -1.61 43.40
CA GLU C 397 36.91 -1.95 43.40
C GLU C 397 37.69 -1.18 42.33
N GLY C 398 37.00 -0.59 41.36
CA GLY C 398 37.64 0.17 40.29
C GLY C 398 37.21 1.62 40.29
N LYS C 399 37.66 2.36 39.27
CA LYS C 399 37.33 3.79 39.13
C LYS C 399 36.74 4.10 37.75
N TYR C 400 36.68 5.38 37.39
CA TYR C 400 36.10 5.78 36.11
C TYR C 400 37.15 6.40 35.21
N ALA C 401 37.02 6.20 33.90
CA ALA C 401 37.97 6.75 32.96
C ALA C 401 37.26 7.71 32.03
N MET C 402 37.35 7.46 30.72
CA MET C 402 36.59 8.28 29.79
C MET C 402 35.43 7.46 29.26
N ALA C 403 34.22 7.70 29.77
CA ALA C 403 33.03 6.97 29.34
C ALA C 403 33.14 5.47 29.55
N TRP C 404 33.94 5.06 30.52
CA TRP C 404 34.14 3.64 30.79
C TRP C 404 34.48 3.51 32.25
N GLY C 405 34.27 2.33 32.81
CA GLY C 405 34.69 2.10 34.18
C GLY C 405 35.81 1.13 34.09
N VAL C 406 36.97 1.46 34.67
CA VAL C 406 38.13 0.60 34.52
C VAL C 406 38.65 0.05 35.85
N VAL C 407 38.85 -1.26 35.93
CA VAL C 407 39.42 -1.86 37.12
C VAL C 407 40.81 -2.33 36.71
N GLU C 408 41.82 -1.92 37.46
CA GLU C 408 43.19 -2.28 37.11
C GLU C 408 43.62 -3.59 37.75
N ARG C 409 44.86 -4.02 37.48
CA ARG C 409 45.39 -5.23 38.09
C ARG C 409 46.44 -4.88 39.13
N LYS C 410 46.36 -5.55 40.28
CA LYS C 410 47.32 -5.33 41.35
C LYS C 410 47.22 -6.48 42.36
N GLN C 411 48.25 -6.58 43.18
CA GLN C 411 48.28 -7.56 44.26
C GLN C 411 49.12 -7.00 45.39
N THR C 412 48.52 -6.86 46.58
CA THR C 412 49.20 -6.20 47.69
C THR C 412 49.93 -7.18 48.60
N TYR C 413 49.31 -8.33 48.90
CA TYR C 413 49.89 -9.30 49.82
C TYR C 413 50.02 -10.65 49.13
N GLY C 414 50.99 -11.44 49.60
CA GLY C 414 51.21 -12.75 49.01
C GLY C 414 50.13 -13.73 49.42
N SER C 415 49.77 -14.63 48.50
CA SER C 415 48.70 -15.60 48.74
C SER C 415 47.38 -14.91 49.03
N CYS C 416 47.15 -13.75 48.41
CA CYS C 416 45.92 -13.00 48.63
C CYS C 416 45.36 -12.51 47.30
N ARG C 417 44.10 -12.11 47.27
CA ARG C 417 43.44 -11.64 46.04
C ARG C 417 44.30 -11.01 44.95
N LYS C 418 44.22 -11.56 43.74
CA LYS C 418 44.95 -11.01 42.61
C LYS C 418 43.95 -10.31 41.70
N GLN C 419 44.03 -8.98 41.64
CA GLN C 419 43.10 -8.20 40.84
C GLN C 419 43.35 -8.44 39.36
N ARG C 420 42.28 -8.43 38.57
CA ARG C 420 42.33 -8.64 37.13
C ARG C 420 41.90 -7.37 36.41
N HIS C 421 42.56 -7.08 35.29
CA HIS C 421 42.33 -5.85 34.55
C HIS C 421 41.21 -6.05 33.54
N TYR C 422 40.20 -5.17 33.59
CA TYR C 422 39.09 -5.22 32.65
C TYR C 422 38.41 -3.86 32.63
N ALA C 423 37.55 -3.66 31.62
CA ALA C 423 36.77 -2.45 31.48
C ALA C 423 35.32 -2.81 31.21
N SER C 424 34.41 -1.98 31.72
CA SER C 424 32.99 -2.29 31.64
C SER C 424 32.17 -1.01 31.74
N HIS C 425 30.93 -1.10 31.26
CA HIS C 425 29.95 -0.04 31.41
C HIS C 425 28.57 -0.67 31.45
N THR C 426 27.73 -0.24 32.38
CA THR C 426 26.37 -0.76 32.53
C THR C 426 25.37 0.30 32.14
N GLY C 427 24.16 -0.12 31.81
CA GLY C 427 23.10 0.83 31.46
C GLY C 427 21.75 0.53 32.05
N GLY C 428 21.08 1.56 32.59
CA GLY C 428 19.75 1.39 33.16
C GLY C 428 18.74 2.29 32.47
N ALA C 429 17.74 1.70 31.85
CA ALA C 429 16.73 2.45 31.10
C ALA C 429 15.37 2.06 31.60
N VAL C 430 14.34 2.84 31.28
CA VAL C 430 13.00 2.45 31.69
C VAL C 430 12.71 1.15 30.97
N GLY C 431 12.40 0.11 31.74
CA GLY C 431 12.08 -1.18 31.17
C GLY C 431 13.23 -2.02 30.66
N ALA C 432 14.47 -1.58 30.85
CA ALA C 432 15.60 -2.32 30.29
C ALA C 432 16.90 -2.29 31.08
N SER C 433 17.74 -3.31 30.90
CA SER C 433 19.05 -3.35 31.56
C SER C 433 20.07 -3.97 30.63
N SER C 434 21.32 -3.50 30.65
CA SER C 434 22.34 -3.98 29.74
C SER C 434 23.72 -3.82 30.37
N VAL C 435 24.70 -4.47 29.77
CA VAL C 435 26.09 -4.41 30.23
C VAL C 435 26.99 -4.79 29.06
N LEU C 436 28.15 -4.13 28.98
CA LEU C 436 29.19 -4.48 28.03
C LEU C 436 30.52 -4.57 28.78
N LEU C 437 31.20 -5.71 28.65
CA LEU C 437 32.43 -5.97 29.38
C LEU C 437 33.53 -6.41 28.43
N VAL C 438 34.74 -5.91 28.67
CA VAL C 438 35.92 -6.29 27.91
C VAL C 438 36.97 -6.81 28.89
N LEU C 439 37.48 -8.01 28.62
CA LEU C 439 38.49 -8.63 29.48
C LEU C 439 39.76 -8.86 28.68
N PRO C 440 40.74 -7.96 28.73
CA PRO C 440 41.99 -8.18 28.01
C PRO C 440 42.77 -9.34 28.61
N GLU C 441 43.56 -9.99 27.76
CA GLU C 441 44.39 -11.12 28.15
C GLU C 441 45.82 -10.66 28.40
N GLU C 442 46.42 -11.16 29.48
CA GLU C 442 47.82 -10.85 29.77
C GLU C 442 48.71 -11.38 28.66
N LEU C 443 49.60 -10.51 28.17
CA LEU C 443 50.42 -10.82 27.00
C LEU C 443 51.85 -11.11 27.43
N ASP C 444 52.39 -12.23 26.96
CA ASP C 444 53.77 -12.61 27.19
C ASP C 444 54.58 -12.40 25.91
N THR C 445 55.86 -12.77 25.98
CA THR C 445 56.73 -12.58 24.82
C THR C 445 56.37 -13.54 23.69
N GLU C 446 56.17 -14.82 24.01
CA GLU C 446 55.87 -15.80 22.97
C GLU C 446 54.52 -15.52 22.32
N THR C 447 53.51 -15.14 23.12
CA THR C 447 52.20 -14.84 22.56
C THR C 447 52.27 -13.63 21.63
N ILE C 448 53.01 -12.59 22.03
CA ILE C 448 53.18 -11.42 21.18
C ILE C 448 53.89 -11.79 19.89
N ASN C 449 54.93 -12.63 19.98
CA ASN C 449 55.69 -13.01 18.80
C ASN C 449 54.88 -13.88 17.85
N ASN C 450 53.99 -14.73 18.38
CA ASN C 450 53.27 -15.71 17.57
C ASN C 450 51.84 -15.30 17.25
N LYS C 451 51.05 -14.98 18.26
CA LYS C 451 49.64 -14.69 18.06
C LYS C 451 49.45 -13.29 17.48
N VAL C 452 48.19 -12.99 17.13
CA VAL C 452 47.83 -11.70 16.54
C VAL C 452 46.66 -11.11 17.32
N PRO C 453 46.53 -9.79 17.38
CA PRO C 453 45.42 -9.19 18.12
C PRO C 453 44.12 -9.31 17.34
N PRO C 454 42.96 -9.17 18.00
CA PRO C 454 42.79 -8.95 19.43
C PRO C 454 42.86 -10.24 20.26
N ARG C 455 43.28 -10.12 21.52
CA ARG C 455 43.38 -11.24 22.45
C ARG C 455 42.57 -10.89 23.70
N GLY C 456 41.38 -11.44 23.81
CA GLY C 456 40.54 -11.14 24.95
C GLY C 456 39.14 -11.71 24.75
N ILE C 457 38.24 -11.30 25.64
CA ILE C 457 36.86 -11.77 25.65
C ILE C 457 35.95 -10.56 25.84
N ILE C 458 34.89 -10.48 25.04
CA ILE C 458 33.87 -9.44 25.17
C ILE C 458 32.54 -10.13 25.44
N VAL C 459 31.81 -9.64 26.45
CA VAL C 459 30.53 -10.21 26.86
C VAL C 459 29.48 -9.11 26.86
N SER C 460 28.32 -9.39 26.27
CA SER C 460 27.21 -8.45 26.24
C SER C 460 25.94 -9.17 26.69
N ILE C 461 25.22 -8.56 27.63
CA ILE C 461 23.95 -9.09 28.13
C ILE C 461 22.93 -7.96 28.13
N ILE C 462 21.74 -8.22 27.61
CA ILE C 462 20.63 -7.28 27.64
C ILE C 462 19.38 -8.02 28.10
N CYS C 463 18.60 -7.38 28.97
CA CYS C 463 17.34 -7.93 29.43
C CYS C 463 16.29 -6.84 29.44
N ASN C 464 15.04 -7.23 29.21
CA ASN C 464 13.92 -6.28 29.20
C ASN C 464 13.26 -6.17 30.57
N MET C 465 14.07 -5.92 31.58
CA MET C 465 13.61 -5.75 32.95
C MET C 465 14.30 -4.54 33.57
N GLN C 466 13.55 -3.77 34.34
CA GLN C 466 14.04 -2.52 34.90
C GLN C 466 14.81 -2.76 36.20
N SER C 467 15.92 -2.04 36.35
CA SER C 467 16.75 -2.04 37.56
C SER C 467 17.31 -3.44 37.86
N VAL C 468 18.11 -3.93 36.92
CA VAL C 468 18.82 -5.20 37.06
C VAL C 468 20.31 -4.95 36.86
N GLY C 469 21.13 -5.42 37.81
CA GLY C 469 22.57 -5.30 37.72
C GLY C 469 23.18 -6.57 37.19
N LEU C 470 23.85 -6.45 36.03
CA LEU C 470 24.37 -7.62 35.31
C LEU C 470 25.89 -7.65 35.25
N ASN C 471 26.58 -6.79 35.98
CA ASN C 471 28.03 -6.73 35.89
C ASN C 471 28.69 -8.00 36.42
N SER C 472 28.21 -8.50 37.57
CA SER C 472 28.83 -9.67 38.19
C SER C 472 28.66 -10.91 37.33
N THR C 473 27.47 -11.09 36.73
CA THR C 473 27.24 -12.24 35.87
C THR C 473 28.14 -12.19 34.65
N ALA C 474 28.29 -11.01 34.04
CA ALA C 474 29.18 -10.87 32.89
C ALA C 474 30.62 -11.16 33.28
N LEU C 475 31.05 -10.68 34.45
CA LEU C 475 32.42 -10.96 34.90
C LEU C 475 32.66 -12.45 35.10
N LYS C 476 31.70 -13.14 35.71
CA LYS C 476 31.84 -14.58 35.91
C LYS C 476 31.88 -15.33 34.58
N ILE C 477 31.01 -14.95 33.64
CA ILE C 477 30.99 -15.60 32.34
C ILE C 477 32.33 -15.37 31.62
N ALA C 478 32.83 -14.14 31.66
CA ALA C 478 34.11 -13.84 31.02
C ALA C 478 35.25 -14.63 31.64
N LEU C 479 35.27 -14.73 32.97
CA LEU C 479 36.34 -15.48 33.63
C LEU C 479 36.28 -16.95 33.26
N GLU C 480 35.07 -17.53 33.20
CA GLU C 480 34.96 -18.95 32.88
C GLU C 480 35.35 -19.22 31.43
N PHE C 481 34.99 -18.32 30.51
CA PHE C 481 35.45 -18.48 29.14
C PHE C 481 36.95 -18.26 29.04
N ASP C 482 37.52 -17.44 29.94
CA ASP C 482 38.97 -17.29 30.01
C ASP C 482 39.64 -18.59 30.44
N LYS C 483 39.00 -19.37 31.30
CA LYS C 483 39.57 -20.66 31.71
C LYS C 483 39.62 -21.69 30.58
N ASP C 484 38.53 -21.84 29.85
CA ASP C 484 38.47 -22.82 28.76
C ASP C 484 39.45 -22.55 27.62
N ARG C 485 39.66 -21.29 27.28
CA ARG C 485 40.54 -20.96 26.16
C ARG C 485 41.94 -21.47 26.41
N SER C 486 42.54 -22.07 25.38
CA SER C 486 43.89 -22.59 25.52
C SER C 486 44.80 -22.06 24.40
N CYS D 43 -36.39 -27.63 -18.01
CA CYS D 43 -37.49 -27.42 -18.95
C CYS D 43 -36.94 -26.85 -20.24
N PHE D 44 -35.83 -26.11 -20.13
CA PHE D 44 -35.24 -25.49 -21.30
C PHE D 44 -34.00 -26.23 -21.78
N ALA D 45 -33.82 -27.46 -21.31
CA ALA D 45 -32.61 -28.21 -21.64
C ALA D 45 -32.41 -28.44 -23.13
N ARG D 46 -33.47 -28.76 -23.85
CA ARG D 46 -33.35 -28.94 -25.30
C ARG D 46 -32.93 -27.66 -26.00
N ALA D 47 -33.50 -26.53 -25.58
CA ALA D 47 -33.19 -25.26 -26.21
C ALA D 47 -31.78 -24.81 -25.89
N ILE D 48 -31.31 -25.07 -24.68
CA ILE D 48 -29.99 -24.64 -24.27
C ILE D 48 -28.92 -25.31 -25.12
N GLU D 49 -29.06 -26.62 -25.35
CA GLU D 49 -28.07 -27.31 -26.13
C GLU D 49 -28.00 -26.76 -27.56
N SER D 50 -29.17 -26.55 -28.16
CA SER D 50 -29.16 -26.06 -29.52
C SER D 50 -28.57 -24.66 -29.62
N SER D 51 -28.87 -23.83 -28.63
CA SER D 51 -28.35 -22.47 -28.60
C SER D 51 -26.84 -22.48 -28.46
N ARG D 52 -26.32 -23.40 -27.65
CA ARG D 52 -24.87 -23.54 -27.50
C ARG D 52 -24.26 -23.94 -28.83
N ASP D 53 -24.93 -24.85 -29.54
CA ASP D 53 -24.42 -25.22 -30.86
C ASP D 53 -24.40 -24.03 -31.79
N LEU D 54 -25.45 -23.20 -31.75
CA LEU D 54 -25.48 -22.00 -32.60
C LEU D 54 -24.36 -21.04 -32.24
N LEU D 55 -24.07 -20.89 -30.96
CA LEU D 55 -22.98 -20.03 -30.52
C LEU D 55 -21.64 -20.55 -31.01
N HIS D 56 -21.46 -21.86 -30.97
CA HIS D 56 -20.23 -22.42 -31.51
C HIS D 56 -20.14 -22.13 -33.00
N ARG D 57 -21.24 -22.28 -33.71
CA ARG D 57 -21.24 -21.99 -35.15
C ARG D 57 -20.73 -20.59 -35.46
N ILE D 58 -21.25 -19.57 -34.79
CA ILE D 58 -20.84 -18.20 -35.08
C ILE D 58 -19.41 -17.94 -34.60
N LYS D 59 -19.03 -18.51 -33.46
CA LYS D 59 -17.69 -18.31 -32.92
C LYS D 59 -16.63 -18.87 -33.87
N ASP D 60 -16.87 -20.08 -34.42
CA ASP D 60 -15.91 -20.63 -35.37
C ASP D 60 -15.97 -19.91 -36.71
N GLU D 61 -17.13 -19.41 -37.10
CA GLU D 61 -17.23 -18.68 -38.36
C GLU D 61 -16.40 -17.40 -38.33
N VAL D 62 -16.46 -16.64 -37.23
CA VAL D 62 -15.73 -15.38 -37.17
C VAL D 62 -14.36 -15.52 -36.51
N GLY D 63 -14.06 -16.66 -35.89
CA GLY D 63 -12.79 -16.81 -35.19
C GLY D 63 -12.67 -15.93 -33.96
N ALA D 64 -13.74 -15.81 -33.18
CA ALA D 64 -13.72 -14.98 -31.99
C ALA D 64 -13.05 -15.73 -30.84
N PRO D 65 -12.06 -15.14 -30.18
CA PRO D 65 -11.43 -15.82 -29.04
C PRO D 65 -12.37 -16.09 -27.87
N GLY D 66 -13.45 -15.33 -27.73
CA GLY D 66 -14.36 -15.52 -26.62
C GLY D 66 -15.72 -14.97 -26.92
N ILE D 67 -16.74 -15.51 -26.25
CA ILE D 67 -18.12 -15.06 -26.44
C ILE D 67 -18.90 -15.41 -25.18
N VAL D 68 -19.83 -14.53 -24.81
CA VAL D 68 -20.68 -14.69 -23.64
C VAL D 68 -22.13 -14.47 -24.05
N VAL D 69 -23.03 -15.27 -23.49
CA VAL D 69 -24.45 -15.21 -23.80
C VAL D 69 -25.25 -15.12 -22.52
N GLY D 70 -26.45 -14.55 -22.61
CA GLY D 70 -27.37 -14.47 -21.49
C GLY D 70 -28.81 -14.49 -21.95
N VAL D 71 -29.63 -15.38 -21.38
CA VAL D 71 -31.01 -15.56 -21.79
C VAL D 71 -31.91 -15.43 -20.57
N SER D 72 -32.98 -14.64 -20.71
CA SER D 72 -33.97 -14.47 -19.66
C SER D 72 -35.35 -14.79 -20.22
N VAL D 73 -36.11 -15.61 -19.50
CA VAL D 73 -37.44 -16.03 -19.92
C VAL D 73 -38.44 -15.62 -18.85
N ASP D 74 -39.42 -14.79 -19.24
CA ASP D 74 -40.50 -14.36 -18.35
C ASP D 74 -39.96 -13.68 -17.09
N GLY D 75 -38.90 -12.88 -17.25
CA GLY D 75 -38.34 -12.14 -16.15
C GLY D 75 -37.35 -12.89 -15.29
N LYS D 76 -37.09 -14.16 -15.56
CA LYS D 76 -36.15 -14.97 -14.81
C LYS D 76 -35.02 -15.42 -15.72
N GLU D 77 -33.79 -15.25 -15.25
CA GLU D 77 -32.62 -15.68 -16.01
C GLU D 77 -32.51 -17.20 -15.93
N VAL D 78 -32.54 -17.86 -17.09
CA VAL D 78 -32.55 -19.32 -17.14
C VAL D 78 -31.26 -19.89 -17.71
N TRP D 79 -30.43 -19.08 -18.38
CA TRP D 79 -29.20 -19.60 -18.97
C TRP D 79 -28.17 -18.48 -19.05
N SER D 80 -26.92 -18.83 -18.78
CA SER D 80 -25.81 -17.88 -18.86
C SER D 80 -24.51 -18.67 -18.96
N GLU D 81 -23.75 -18.44 -20.02
CA GLU D 81 -22.55 -19.23 -20.27
C GLU D 81 -21.54 -18.39 -21.03
N GLY D 82 -20.28 -18.80 -20.94
CA GLY D 82 -19.23 -18.18 -21.72
C GLY D 82 -18.33 -19.23 -22.34
N LEU D 83 -17.83 -18.91 -23.53
CA LEU D 83 -16.96 -19.80 -24.28
C LEU D 83 -15.69 -19.05 -24.67
N GLY D 84 -14.56 -19.72 -24.57
CA GLY D 84 -13.29 -19.13 -24.98
C GLY D 84 -12.57 -18.45 -23.84
N TYR D 85 -11.68 -17.53 -24.22
CA TYR D 85 -10.82 -16.82 -23.28
C TYR D 85 -11.06 -15.33 -23.40
N ALA D 86 -11.33 -14.69 -22.25
CA ALA D 86 -11.45 -13.23 -22.24
C ALA D 86 -10.08 -12.58 -22.48
N ASP D 87 -9.03 -13.17 -21.94
CA ASP D 87 -7.66 -12.70 -22.16
C ASP D 87 -6.82 -13.90 -22.61
N VAL D 88 -6.27 -13.81 -23.82
CA VAL D 88 -5.49 -14.91 -24.36
C VAL D 88 -4.03 -14.89 -23.92
N GLU D 89 -3.52 -13.73 -23.47
CA GLU D 89 -2.14 -13.67 -23.01
C GLU D 89 -1.98 -14.33 -21.65
N ASN D 90 -2.94 -14.13 -20.75
CA ASN D 90 -2.89 -14.68 -19.40
C ASN D 90 -3.80 -15.87 -19.20
N ARG D 91 -4.47 -16.32 -20.26
CA ARG D 91 -5.34 -17.51 -20.24
C ARG D 91 -6.44 -17.37 -19.18
N VAL D 92 -7.28 -16.36 -19.37
CA VAL D 92 -8.40 -16.08 -18.49
C VAL D 92 -9.68 -16.52 -19.21
N PRO D 93 -10.37 -17.54 -18.73
CA PRO D 93 -11.58 -18.02 -19.43
C PRO D 93 -12.71 -17.01 -19.36
N CYS D 94 -13.57 -17.08 -20.37
CA CYS D 94 -14.77 -16.24 -20.38
C CYS D 94 -15.80 -16.77 -19.39
N LYS D 95 -16.41 -15.86 -18.65
CA LYS D 95 -17.40 -16.18 -17.64
C LYS D 95 -18.54 -15.19 -17.73
N PRO D 96 -19.70 -15.50 -17.16
CA PRO D 96 -20.82 -14.54 -17.17
C PRO D 96 -20.49 -13.22 -16.48
N GLU D 97 -19.47 -13.19 -15.61
CA GLU D 97 -19.07 -11.96 -14.93
C GLU D 97 -18.13 -11.10 -15.75
N THR D 98 -17.79 -11.52 -16.98
CA THR D 98 -16.87 -10.76 -17.81
C THR D 98 -17.47 -9.40 -18.18
N VAL D 99 -16.62 -8.38 -18.18
CA VAL D 99 -17.02 -7.02 -18.51
C VAL D 99 -16.43 -6.68 -19.87
N MET D 100 -17.29 -6.40 -20.84
CA MET D 100 -16.89 -6.09 -22.20
C MET D 100 -17.50 -4.78 -22.64
N ARG D 101 -17.09 -4.29 -23.81
CA ARG D 101 -17.57 -2.99 -24.31
C ARG D 101 -18.85 -2.99 -25.10
N ILE D 102 -19.97 -2.69 -24.45
CA ILE D 102 -21.20 -2.54 -25.20
C ILE D 102 -20.99 -1.20 -25.87
N ALA D 103 -21.27 -1.09 -27.15
CA ALA D 103 -20.94 0.16 -27.81
C ALA D 103 -22.12 1.07 -28.01
N SER D 104 -23.02 0.68 -28.89
CA SER D 104 -24.13 1.55 -29.22
C SER D 104 -25.40 1.17 -28.52
N ILE D 105 -25.31 0.20 -27.62
CA ILE D 105 -26.47 -0.14 -26.80
C ILE D 105 -26.57 1.00 -25.80
N SER D 106 -25.51 1.81 -25.71
CA SER D 106 -25.52 2.98 -24.83
C SER D 106 -26.59 3.96 -25.25
N LYS D 107 -26.79 4.12 -26.55
CA LYS D 107 -27.85 5.01 -27.05
C LYS D 107 -29.19 4.72 -26.39
N SER D 108 -29.49 3.46 -26.11
CA SER D 108 -30.72 3.07 -25.43
C SER D 108 -30.75 3.61 -24.00
N LEU D 109 -29.61 3.55 -23.30
CA LEU D 109 -29.56 4.10 -21.95
C LEU D 109 -29.81 5.61 -21.96
N THR D 110 -29.19 6.32 -22.91
CA THR D 110 -29.42 7.75 -23.04
C THR D 110 -30.89 8.04 -23.37
N MET D 111 -31.48 7.18 -24.19
CA MET D 111 -32.90 7.34 -24.48
C MET D 111 -33.75 7.15 -23.23
N VAL D 112 -33.39 6.20 -22.38
CA VAL D 112 -34.12 6.04 -21.11
C VAL D 112 -34.00 7.31 -20.28
N ALA D 113 -32.79 7.88 -20.22
CA ALA D 113 -32.59 9.13 -19.49
C ALA D 113 -33.45 10.26 -20.08
N LEU D 114 -33.45 10.38 -21.40
CA LEU D 114 -34.22 11.44 -22.06
C LEU D 114 -35.72 11.26 -21.83
N ALA D 115 -36.19 10.01 -21.88
CA ALA D 115 -37.61 9.74 -21.64
C ALA D 115 -38.00 10.09 -20.21
N LYS D 116 -37.14 9.77 -19.24
CA LYS D 116 -37.45 10.14 -17.86
C LYS D 116 -37.48 11.65 -17.69
N LEU D 117 -36.53 12.35 -18.31
CA LEU D 117 -36.53 13.82 -18.24
C LEU D 117 -37.79 14.40 -18.88
N TRP D 118 -38.21 13.85 -20.02
CA TRP D 118 -39.42 14.32 -20.68
C TRP D 118 -40.66 14.05 -19.83
N GLU D 119 -40.70 12.89 -19.18
CA GLU D 119 -41.80 12.61 -18.26
C GLU D 119 -41.84 13.60 -17.10
N ALA D 120 -40.66 13.97 -16.59
CA ALA D 120 -40.60 14.96 -15.52
C ALA D 120 -41.02 16.35 -15.97
N GLY D 121 -41.15 16.58 -17.28
CA GLY D 121 -41.57 17.87 -17.81
C GLY D 121 -40.45 18.87 -18.02
N LYS D 122 -39.20 18.48 -17.79
CA LYS D 122 -38.08 19.41 -17.94
C LYS D 122 -37.70 19.62 -19.41
N LEU D 123 -37.98 18.64 -20.28
CA LEU D 123 -37.51 18.66 -21.65
C LEU D 123 -38.68 18.72 -22.63
N ASP D 124 -38.52 19.51 -23.67
CA ASP D 124 -39.49 19.59 -24.77
C ASP D 124 -38.82 19.14 -26.05
N LEU D 125 -39.46 18.22 -26.77
CA LEU D 125 -38.81 17.59 -27.92
C LEU D 125 -38.74 18.52 -29.12
N ASP D 126 -39.80 19.30 -29.37
CA ASP D 126 -39.88 20.09 -30.58
C ASP D 126 -39.17 21.45 -30.48
N ILE D 127 -38.74 21.84 -29.29
CA ILE D 127 -38.03 23.11 -29.13
C ILE D 127 -36.64 22.99 -29.76
N PRO D 128 -36.14 23.99 -30.47
CA PRO D 128 -34.79 23.91 -31.03
C PRO D 128 -33.74 23.73 -29.96
N VAL D 129 -32.67 23.03 -30.32
CA VAL D 129 -31.63 22.68 -29.36
C VAL D 129 -30.87 23.90 -28.85
N GLN D 130 -30.96 25.04 -29.54
CA GLN D 130 -30.28 26.24 -29.09
C GLN D 130 -30.87 26.79 -27.80
N HIS D 131 -32.07 26.35 -27.42
CA HIS D 131 -32.64 26.76 -26.14
C HIS D 131 -31.81 26.24 -24.97
N TYR D 132 -31.34 25.00 -25.06
CA TYR D 132 -30.54 24.39 -23.99
C TYR D 132 -29.05 24.58 -24.21
N VAL D 133 -28.58 24.44 -25.45
CA VAL D 133 -27.17 24.55 -25.76
C VAL D 133 -26.96 25.68 -26.75
N PRO D 134 -26.67 26.90 -26.28
CA PRO D 134 -26.44 28.01 -27.22
C PRO D 134 -25.07 27.99 -27.87
N GLU D 135 -24.16 27.12 -27.42
CA GLU D 135 -22.84 27.04 -28.03
C GLU D 135 -22.88 26.42 -29.41
N PHE D 136 -23.93 25.67 -29.74
CA PHE D 136 -24.05 25.08 -31.06
C PHE D 136 -24.49 26.15 -32.06
N PRO D 137 -23.71 26.42 -33.10
CA PRO D 137 -24.10 27.45 -34.06
C PRO D 137 -25.32 27.05 -34.88
N GLU D 138 -26.09 28.06 -35.27
CA GLU D 138 -27.20 27.83 -36.19
C GLU D 138 -26.69 27.55 -37.59
N LYS D 139 -27.42 26.71 -38.32
CA LYS D 139 -26.98 26.21 -39.61
C LYS D 139 -27.93 26.69 -40.71
N GLU D 140 -27.38 26.81 -41.91
CA GLU D 140 -28.13 27.20 -43.10
C GLU D 140 -27.91 26.18 -44.20
N TYR D 141 -28.89 26.08 -45.10
CA TYR D 141 -28.89 25.09 -46.16
C TYR D 141 -29.25 25.82 -47.45
N GLU D 142 -28.25 26.08 -48.29
CA GLU D 142 -28.29 27.09 -49.35
C GLU D 142 -29.08 28.34 -48.92
N GLY D 143 -28.71 28.85 -47.75
CA GLY D 143 -29.29 30.10 -47.26
C GLY D 143 -30.74 30.04 -46.87
N GLU D 144 -31.18 28.93 -46.27
CA GLU D 144 -32.54 28.82 -45.75
C GLU D 144 -32.47 28.37 -44.30
N LYS D 145 -33.41 28.87 -43.51
CA LYS D 145 -33.41 28.57 -42.08
C LYS D 145 -33.85 27.14 -41.83
N VAL D 146 -33.05 26.40 -41.07
CA VAL D 146 -33.36 25.03 -40.68
C VAL D 146 -33.25 24.92 -39.17
N SER D 147 -34.07 24.04 -38.60
CA SER D 147 -34.14 23.85 -37.15
C SER D 147 -33.72 22.43 -36.80
N VAL D 148 -32.81 22.31 -35.83
CA VAL D 148 -32.38 21.02 -35.31
C VAL D 148 -33.04 20.86 -33.94
N THR D 149 -33.79 19.78 -33.77
CA THR D 149 -34.53 19.52 -32.54
C THR D 149 -34.12 18.19 -31.96
N THR D 150 -34.56 17.95 -30.71
CA THR D 150 -34.25 16.69 -30.04
C THR D 150 -34.87 15.51 -30.77
N ARG D 151 -36.09 15.67 -31.28
CA ARG D 151 -36.77 14.57 -31.97
C ARG D 151 -36.00 14.14 -33.21
N LEU D 152 -35.46 15.10 -33.97
CA LEU D 152 -34.67 14.75 -35.15
C LEU D 152 -33.35 14.11 -34.75
N LEU D 153 -32.73 14.59 -33.67
CA LEU D 153 -31.45 14.02 -33.22
C LEU D 153 -31.62 12.58 -32.76
N ILE D 154 -32.74 12.26 -32.13
CA ILE D 154 -32.96 10.91 -31.63
C ILE D 154 -33.05 9.89 -32.76
N SER D 155 -33.78 10.22 -33.82
CA SER D 155 -33.99 9.26 -34.91
C SER D 155 -32.94 9.36 -36.01
N HIS D 156 -31.90 10.17 -35.80
CA HIS D 156 -30.84 10.36 -36.80
C HIS D 156 -31.29 11.05 -38.08
N LEU D 157 -32.47 11.67 -38.05
CA LEU D 157 -32.96 12.38 -39.23
C LEU D 157 -32.26 13.72 -39.38
N SER D 158 -31.44 14.08 -38.41
CA SER D 158 -30.70 15.34 -38.46
C SER D 158 -29.56 15.34 -39.47
N GLY D 159 -29.12 16.53 -39.88
CA GLY D 159 -28.05 16.65 -40.86
C GLY D 159 -26.63 16.31 -40.40
N ILE D 160 -26.42 16.15 -39.09
CA ILE D 160 -25.06 15.94 -38.57
C ILE D 160 -24.36 14.71 -39.16
N ARG D 161 -23.07 14.84 -39.49
CA ARG D 161 -22.32 13.75 -40.11
C ARG D 161 -21.87 12.64 -39.17
N HIS D 162 -21.24 11.61 -39.73
CA HIS D 162 -20.73 10.52 -38.91
C HIS D 162 -19.23 10.76 -38.97
N TYR D 163 -18.45 9.69 -38.99
CA TYR D 163 -16.99 9.81 -39.05
C TYR D 163 -16.45 10.48 -40.33
N GLU D 164 -17.05 10.21 -41.48
CA GLU D 164 -16.62 10.83 -42.75
C GLU D 164 -16.91 12.33 -42.84
N LYS D 165 -15.96 13.12 -43.36
CA LYS D 165 -16.12 14.57 -43.48
C LYS D 165 -16.34 15.03 -44.91
N ASP D 166 -16.21 14.15 -45.90
CA ASP D 166 -16.36 14.54 -47.30
C ASP D 166 -17.82 14.39 -47.71
N ILE D 167 -18.44 15.51 -48.07
CA ILE D 167 -19.86 15.49 -48.43
C ILE D 167 -20.08 14.72 -49.73
N LYS D 168 -19.14 14.81 -50.68
CA LYS D 168 -19.35 14.20 -51.98
C LYS D 168 -19.48 12.68 -51.88
N LYS D 169 -18.61 12.04 -51.11
CA LYS D 169 -18.68 10.59 -50.96
C LYS D 169 -19.96 10.16 -50.27
N VAL D 170 -20.37 10.90 -49.23
CA VAL D 170 -21.61 10.57 -48.53
C VAL D 170 -22.81 10.69 -49.46
N LYS D 171 -22.84 11.76 -50.27
CA LYS D 171 -23.94 11.94 -51.21
C LYS D 171 -23.94 10.85 -52.27
N GLU D 172 -22.76 10.45 -52.74
CA GLU D 172 -22.68 9.37 -53.72
C GLU D 172 -23.18 8.05 -53.13
N GLU D 173 -22.80 7.76 -51.89
CA GLU D 173 -23.26 6.53 -51.24
C GLU D 173 -24.77 6.56 -51.02
N LYS D 174 -25.31 7.72 -50.59
CA LYS D 174 -26.75 7.82 -50.37
C LYS D 174 -27.52 7.67 -51.67
N ALA D 175 -27.03 8.25 -52.74
CA ALA D 175 -27.69 8.16 -54.04
C ALA D 175 -27.57 6.76 -54.63
N ASP D 226 -15.84 3.13 -40.37
CA ASP D 226 -15.28 2.14 -41.27
C ASP D 226 -14.05 1.53 -40.62
N PHE D 227 -13.72 1.98 -39.42
CA PHE D 227 -12.54 1.49 -38.69
C PHE D 227 -11.27 1.94 -39.39
N GLU D 228 -11.40 2.53 -40.57
CA GLU D 228 -10.24 3.10 -41.23
C GLU D 228 -10.20 4.57 -40.86
N GLN D 229 -11.24 5.03 -40.16
CA GLN D 229 -11.34 6.45 -39.79
C GLN D 229 -10.37 6.88 -38.69
N GLY D 230 -9.93 8.13 -38.75
CA GLY D 230 -9.02 8.64 -37.74
C GLY D 230 -9.69 8.97 -36.42
N GLU D 231 -10.81 9.67 -36.46
CA GLU D 231 -11.54 10.02 -35.24
C GLU D 231 -11.90 8.81 -34.41
N LEU D 232 -11.93 7.61 -35.00
CA LEU D 232 -12.27 6.40 -34.26
C LEU D 232 -11.14 5.90 -33.38
N TYR D 233 -9.94 6.44 -33.52
CA TYR D 233 -8.76 6.02 -32.76
C TYR D 233 -8.16 7.17 -31.99
N LEU D 234 -8.99 8.08 -31.50
CA LEU D 234 -8.51 9.20 -30.71
C LEU D 234 -8.08 8.73 -29.32
N ARG D 235 -7.16 9.50 -28.73
CA ARG D 235 -6.66 9.19 -27.39
C ARG D 235 -6.72 10.37 -26.44
N GLU D 236 -7.23 11.52 -26.88
CA GLU D 236 -7.34 12.68 -26.01
C GLU D 236 -8.44 12.48 -24.98
N LYS D 237 -8.26 13.11 -23.83
CA LYS D 237 -9.24 13.06 -22.74
C LYS D 237 -10.06 14.35 -22.73
N PHE D 238 -11.38 14.20 -22.66
CA PHE D 238 -12.26 15.36 -22.68
C PHE D 238 -13.04 15.44 -21.38
N GLU D 239 -12.84 16.51 -20.61
CA GLU D 239 -13.51 16.65 -19.31
C GLU D 239 -15.03 16.75 -19.35
N ASN D 240 -15.58 17.50 -20.31
CA ASN D 240 -17.03 17.72 -20.35
C ASN D 240 -17.64 17.66 -21.75
N SER D 241 -18.95 17.45 -21.81
CA SER D 241 -19.64 17.36 -23.10
C SER D 241 -19.49 18.60 -23.97
N ILE D 242 -19.43 19.78 -23.34
CA ILE D 242 -19.25 21.02 -24.09
C ILE D 242 -17.89 21.04 -24.76
N GLU D 243 -16.85 20.56 -24.06
CA GLU D 243 -15.54 20.42 -24.68
C GLU D 243 -15.58 19.43 -25.83
N SER D 244 -16.31 18.32 -25.66
CA SER D 244 -16.41 17.32 -26.70
C SER D 244 -17.15 17.82 -27.93
N LEU D 245 -18.01 18.83 -27.78
CA LEU D 245 -18.79 19.34 -28.91
C LEU D 245 -17.92 19.97 -29.98
N ARG D 246 -16.69 20.36 -29.66
CA ARG D 246 -15.84 21.09 -30.61
C ARG D 246 -15.39 20.24 -31.79
N LEU D 247 -15.59 18.92 -31.74
CA LEU D 247 -15.12 18.07 -32.83
C LEU D 247 -15.96 18.23 -34.08
N PHE D 248 -17.24 18.62 -33.93
CA PHE D 248 -18.14 18.66 -35.08
C PHE D 248 -19.06 19.87 -35.09
N LYS D 249 -18.89 20.82 -34.16
CA LYS D 249 -19.82 21.94 -34.07
C LYS D 249 -19.64 22.97 -35.19
N ASN D 250 -18.56 22.87 -35.97
CA ASN D 250 -18.31 23.81 -37.04
C ASN D 250 -18.55 23.23 -38.44
N ASP D 251 -18.80 21.93 -38.54
CA ASP D 251 -19.02 21.31 -39.83
C ASP D 251 -20.41 21.64 -40.36
N PRO D 252 -20.55 21.86 -41.66
CA PRO D 252 -21.88 22.15 -42.23
C PRO D 252 -22.75 20.90 -42.24
N LEU D 253 -24.06 21.15 -42.27
CA LEU D 253 -25.02 20.05 -42.34
C LEU D 253 -24.92 19.32 -43.67
N PHE D 254 -25.08 18.00 -43.62
CA PHE D 254 -24.97 17.17 -44.82
C PHE D 254 -26.29 17.08 -45.58
N PHE D 255 -27.40 17.01 -44.86
CA PHE D 255 -28.72 16.93 -45.48
C PHE D 255 -29.66 17.87 -44.74
N LYS D 256 -30.84 18.09 -45.32
CA LYS D 256 -31.85 18.87 -44.65
C LYS D 256 -32.38 18.11 -43.44
N PRO D 257 -32.56 18.78 -42.30
CA PRO D 257 -33.10 18.09 -41.12
C PRO D 257 -34.47 17.48 -41.41
N GLY D 258 -34.64 16.22 -41.04
CA GLY D 258 -35.89 15.52 -41.25
C GLY D 258 -36.09 14.99 -42.65
N SER D 259 -35.09 15.10 -43.53
CA SER D 259 -35.23 14.70 -44.93
C SER D 259 -34.52 13.40 -45.26
N GLN D 260 -33.33 13.17 -44.72
CA GLN D 260 -32.53 12.00 -45.05
C GLN D 260 -32.06 11.32 -43.77
N PHE D 261 -32.11 9.99 -43.77
CA PHE D 261 -31.64 9.22 -42.63
C PHE D 261 -30.14 9.00 -42.73
N LEU D 262 -29.42 9.34 -41.67
CA LEU D 262 -27.97 9.16 -41.62
C LEU D 262 -27.60 8.81 -40.19
N TYR D 263 -27.20 7.56 -39.96
CA TYR D 263 -26.80 7.13 -38.62
C TYR D 263 -25.59 7.94 -38.17
N SER D 264 -25.64 8.43 -36.93
CA SER D 264 -24.59 9.28 -36.42
C SER D 264 -24.40 9.04 -34.93
N THR D 265 -23.18 9.30 -34.46
CA THR D 265 -22.84 9.18 -33.05
C THR D 265 -22.65 10.52 -32.36
N PHE D 266 -22.30 11.57 -33.10
CA PHE D 266 -22.13 12.90 -32.51
C PHE D 266 -23.47 13.51 -32.13
N GLY D 267 -24.55 13.12 -32.81
CA GLY D 267 -25.87 13.59 -32.41
C GLY D 267 -26.20 13.20 -30.99
N TYR D 268 -25.78 12.01 -30.57
CA TYR D 268 -26.01 11.61 -29.19
C TYR D 268 -25.05 12.28 -28.22
N THR D 269 -23.89 12.75 -28.68
CA THR D 269 -23.08 13.64 -27.84
C THR D 269 -23.81 14.95 -27.59
N LEU D 270 -24.42 15.52 -28.63
CA LEU D 270 -25.25 16.70 -28.45
C LEU D 270 -26.43 16.41 -27.53
N LEU D 271 -27.01 15.21 -27.65
CA LEU D 271 -28.11 14.82 -26.78
C LEU D 271 -27.65 14.74 -25.32
N ALA D 272 -26.45 14.23 -25.08
CA ALA D 272 -25.92 14.17 -23.73
C ALA D 272 -25.69 15.58 -23.18
N ALA D 273 -25.18 16.49 -24.01
CA ALA D 273 -25.04 17.88 -23.58
C ALA D 273 -26.40 18.48 -23.22
N ILE D 274 -27.42 18.20 -24.03
CA ILE D 274 -28.77 18.68 -23.76
C ILE D 274 -29.28 18.10 -22.44
N VAL D 275 -29.02 16.82 -22.21
CA VAL D 275 -29.47 16.17 -20.98
C VAL D 275 -28.83 16.83 -19.76
N GLU D 276 -27.51 17.05 -19.81
CA GLU D 276 -26.83 17.61 -18.65
C GLU D 276 -27.19 19.08 -18.45
N ARG D 277 -27.57 19.78 -19.53
CA ARG D 277 -28.04 21.15 -19.35
C ARG D 277 -29.43 21.20 -18.76
N ALA D 278 -30.34 20.34 -19.23
CA ALA D 278 -31.73 20.41 -18.80
C ALA D 278 -31.94 19.82 -17.40
N SER D 279 -31.21 18.77 -17.05
CA SER D 279 -31.39 18.13 -15.77
C SER D 279 -30.76 18.91 -14.62
N GLY D 280 -29.81 19.80 -14.92
CA GLY D 280 -29.13 20.55 -13.89
C GLY D 280 -27.96 19.85 -13.23
N CYS D 281 -27.65 18.63 -13.65
CA CYS D 281 -26.54 17.87 -13.11
C CYS D 281 -25.73 17.27 -14.25
N LYS D 282 -24.56 16.73 -13.89
CA LYS D 282 -23.69 16.12 -14.89
C LYS D 282 -24.33 14.87 -15.48
N TYR D 283 -23.97 14.58 -16.74
CA TYR D 283 -24.56 13.44 -17.44
C TYR D 283 -24.20 12.13 -16.75
N LEU D 284 -22.93 11.97 -16.36
CA LEU D 284 -22.49 10.71 -15.77
C LEU D 284 -23.18 10.44 -14.45
N ASP D 285 -23.40 11.48 -13.64
CA ASP D 285 -24.12 11.30 -12.38
C ASP D 285 -25.56 10.86 -12.62
N TYR D 286 -26.22 11.46 -13.60
CA TYR D 286 -27.59 11.08 -13.92
C TYR D 286 -27.67 9.63 -14.38
N MET D 287 -26.74 9.22 -15.26
CA MET D 287 -26.74 7.83 -15.70
C MET D 287 -26.40 6.88 -14.56
N GLN D 288 -25.50 7.27 -13.65
CA GLN D 288 -25.20 6.43 -12.51
C GLN D 288 -26.43 6.24 -11.63
N LYS D 289 -27.17 7.31 -11.39
CA LYS D 289 -28.40 7.20 -10.62
C LYS D 289 -29.41 6.29 -11.31
N ILE D 290 -29.54 6.42 -12.63
CA ILE D 290 -30.46 5.56 -13.37
C ILE D 290 -30.04 4.09 -13.28
N PHE D 291 -28.75 3.83 -13.42
CA PHE D 291 -28.25 2.45 -13.30
C PHE D 291 -28.50 1.90 -11.92
N HIS D 292 -28.32 2.73 -10.88
CA HIS D 292 -28.62 2.30 -9.52
C HIS D 292 -30.10 1.97 -9.36
N ASP D 293 -30.98 2.76 -9.99
CA ASP D 293 -32.41 2.48 -9.91
C ASP D 293 -32.76 1.14 -10.55
N LEU D 294 -32.10 0.81 -11.66
CA LEU D 294 -32.39 -0.39 -12.42
C LEU D 294 -31.56 -1.60 -11.98
N ASP D 295 -30.74 -1.45 -10.93
CA ASP D 295 -29.94 -2.55 -10.37
C ASP D 295 -28.88 -3.04 -11.36
N MET D 296 -28.28 -2.11 -12.11
CA MET D 296 -27.18 -2.43 -13.01
C MET D 296 -25.88 -1.98 -12.33
N LEU D 297 -25.36 -2.85 -11.47
CA LEU D 297 -24.24 -2.48 -10.61
C LEU D 297 -22.88 -2.59 -11.30
N THR D 298 -22.80 -3.25 -12.45
CA THR D 298 -21.53 -3.44 -13.14
C THR D 298 -21.41 -2.57 -14.39
N THR D 299 -22.31 -1.60 -14.58
CA THR D 299 -22.28 -0.74 -15.74
C THR D 299 -21.50 0.53 -15.39
N VAL D 300 -20.33 0.69 -16.00
CA VAL D 300 -19.45 1.83 -15.76
C VAL D 300 -19.00 2.38 -17.11
N GLN D 301 -18.29 3.50 -17.05
CA GLN D 301 -17.78 4.15 -18.25
C GLN D 301 -16.35 3.70 -18.56
N GLU D 302 -15.98 3.79 -19.83
CA GLU D 302 -14.66 3.37 -20.29
C GLU D 302 -13.59 4.28 -19.73
N GLU D 303 -12.82 3.78 -18.75
CA GLU D 303 -11.71 4.51 -18.19
C GLU D 303 -10.55 3.56 -17.93
N ASN D 304 -9.34 4.11 -17.96
CA ASN D 304 -8.12 3.32 -17.81
C ASN D 304 -7.57 3.34 -16.40
N GLU D 305 -7.54 4.50 -15.74
CA GLU D 305 -6.94 4.60 -14.42
C GLU D 305 -7.64 3.76 -13.36
N PRO D 306 -8.97 3.79 -13.20
CA PRO D 306 -9.60 3.00 -12.15
C PRO D 306 -9.45 1.50 -12.40
N VAL D 307 -9.42 0.75 -11.31
CA VAL D 307 -9.33 -0.71 -11.37
C VAL D 307 -10.75 -1.27 -11.53
N ILE D 308 -11.00 -1.92 -12.66
CA ILE D 308 -12.30 -2.53 -12.96
C ILE D 308 -12.09 -4.03 -13.04
N TYR D 309 -12.73 -4.76 -12.14
CA TYR D 309 -12.54 -6.20 -12.07
C TYR D 309 -13.21 -6.91 -13.25
N ASN D 310 -12.60 -8.01 -13.67
CA ASN D 310 -13.11 -8.87 -14.74
C ASN D 310 -13.20 -8.14 -16.08
N ARG D 311 -12.33 -7.16 -16.30
CA ARG D 311 -12.29 -6.45 -17.56
C ARG D 311 -11.54 -7.29 -18.60
N ALA D 312 -12.13 -7.44 -19.78
CA ALA D 312 -11.59 -8.30 -20.81
C ALA D 312 -10.67 -7.53 -21.76
N ARG D 313 -10.11 -8.25 -22.73
CA ARG D 313 -9.27 -7.67 -23.76
C ARG D 313 -9.96 -7.80 -25.12
N PHE D 314 -9.51 -6.99 -26.07
CA PHE D 314 -10.16 -6.89 -27.37
C PHE D 314 -9.12 -7.08 -28.48
N TYR D 315 -9.49 -7.85 -29.49
CA TYR D 315 -8.54 -8.34 -30.49
C TYR D 315 -9.07 -8.09 -31.90
N VAL D 316 -8.17 -8.22 -32.87
CA VAL D 316 -8.47 -8.07 -34.29
C VAL D 316 -7.45 -8.90 -35.06
N TYR D 317 -7.75 -9.17 -36.34
CA TYR D 317 -6.86 -9.90 -37.21
C TYR D 317 -6.10 -8.93 -38.13
N ASN D 318 -4.81 -9.20 -38.32
CA ASN D 318 -3.98 -8.35 -39.15
C ASN D 318 -3.96 -8.86 -40.59
N LYS D 319 -3.07 -8.31 -41.41
CA LYS D 319 -2.99 -8.71 -42.82
C LYS D 319 -2.44 -10.11 -43.01
N LYS D 320 -1.68 -10.63 -42.04
CA LYS D 320 -1.14 -11.97 -42.11
C LYS D 320 -2.07 -13.01 -41.50
N LYS D 321 -3.32 -12.64 -41.21
CA LYS D 321 -4.30 -13.52 -40.58
C LYS D 321 -3.80 -14.05 -39.24
N ARG D 322 -3.31 -13.14 -38.40
CA ARG D 322 -2.82 -13.47 -37.07
C ARG D 322 -3.50 -12.58 -36.04
N LEU D 323 -3.87 -13.17 -34.91
CA LEU D 323 -4.57 -12.43 -33.87
C LEU D 323 -3.61 -11.45 -33.19
N VAL D 324 -4.03 -10.19 -33.10
CA VAL D 324 -3.23 -9.13 -32.49
C VAL D 324 -4.14 -8.30 -31.57
N ASN D 325 -3.49 -7.48 -30.75
CA ASN D 325 -4.22 -6.58 -29.85
C ASN D 325 -4.69 -5.34 -30.60
N THR D 326 -5.84 -4.82 -30.20
CA THR D 326 -6.34 -3.58 -30.77
C THR D 326 -5.57 -2.39 -30.17
N PRO D 327 -5.43 -1.31 -30.93
CA PRO D 327 -4.72 -0.14 -30.40
C PRO D 327 -5.47 0.53 -29.26
N TYR D 328 -4.72 1.20 -28.40
CA TYR D 328 -5.31 1.89 -27.26
C TYR D 328 -6.10 3.11 -27.74
N VAL D 329 -7.33 3.26 -27.22
CA VAL D 329 -8.21 4.36 -27.60
C VAL D 329 -8.84 4.94 -26.34
N ASP D 330 -9.28 6.19 -26.47
CA ASP D 330 -10.02 6.88 -25.41
C ASP D 330 -11.39 7.28 -25.95
N ASN D 331 -12.44 6.90 -25.23
CA ASN D 331 -13.81 7.11 -25.66
C ASN D 331 -14.52 8.19 -24.85
N SER D 332 -13.78 9.10 -24.24
CA SER D 332 -14.39 10.13 -23.41
C SER D 332 -15.20 11.14 -24.21
N TYR D 333 -14.91 11.31 -25.50
CA TYR D 333 -15.64 12.28 -26.30
C TYR D 333 -17.03 11.80 -26.68
N LYS D 334 -17.32 10.51 -26.55
CA LYS D 334 -18.64 9.96 -26.82
C LYS D 334 -19.03 9.05 -25.65
N TRP D 335 -19.58 9.61 -24.59
CA TRP D 335 -20.05 8.75 -23.51
C TRP D 335 -21.40 8.21 -23.91
N ALA D 336 -22.31 9.11 -24.29
CA ALA D 336 -23.66 8.70 -24.68
C ALA D 336 -23.72 7.82 -25.90
N GLY D 337 -22.97 8.16 -26.94
CA GLY D 337 -22.94 7.32 -28.12
C GLY D 337 -22.29 5.94 -28.04
N GLY D 338 -21.11 5.84 -27.42
CA GLY D 338 -20.49 4.51 -27.26
C GLY D 338 -19.30 4.48 -26.30
N GLY D 339 -19.52 4.78 -25.02
CA GLY D 339 -18.43 4.80 -24.03
C GLY D 339 -18.69 3.99 -22.78
N PHE D 340 -19.60 3.00 -22.82
CA PHE D 340 -19.94 2.29 -21.56
C PHE D 340 -19.40 0.85 -21.52
N LEU D 341 -19.40 0.24 -20.32
CA LEU D 341 -18.91 -1.13 -20.14
C LEU D 341 -19.95 -1.89 -19.35
N SER D 342 -20.26 -3.12 -19.73
CA SER D 342 -21.31 -3.86 -19.05
C SER D 342 -21.23 -5.37 -19.13
N THR D 343 -22.09 -6.06 -18.41
CA THR D 343 -22.15 -7.52 -18.49
C THR D 343 -23.45 -7.93 -19.17
N VAL D 344 -23.71 -9.23 -19.22
CA VAL D 344 -24.95 -9.71 -19.81
C VAL D 344 -26.11 -9.61 -18.83
N GLY D 345 -25.85 -9.76 -17.53
CA GLY D 345 -26.92 -9.66 -16.56
C GLY D 345 -27.53 -8.28 -16.49
N ASP D 346 -26.70 -7.24 -16.60
CA ASP D 346 -27.22 -5.87 -16.59
C ASP D 346 -28.10 -5.62 -17.81
N LEU D 347 -27.70 -6.10 -18.97
CA LEU D 347 -28.52 -5.96 -20.16
C LEU D 347 -29.83 -6.73 -20.03
N LEU D 348 -29.78 -7.92 -19.43
CA LEU D 348 -31.00 -8.68 -19.19
C LEU D 348 -31.95 -7.92 -18.28
N LYS D 349 -31.41 -7.32 -17.21
CA LYS D 349 -32.25 -6.55 -16.29
C LYS D 349 -32.85 -5.32 -16.98
N PHE D 350 -32.05 -4.64 -17.80
CA PHE D 350 -32.55 -3.47 -18.53
C PHE D 350 -33.67 -3.87 -19.48
N GLY D 351 -33.48 -4.97 -20.22
CA GLY D 351 -34.52 -5.43 -21.13
C GLY D 351 -35.78 -5.85 -20.40
N ASN D 352 -35.62 -6.51 -19.26
CA ASN D 352 -36.79 -6.90 -18.47
C ASN D 352 -37.56 -5.68 -17.99
N ALA D 353 -36.84 -4.64 -17.54
CA ALA D 353 -37.51 -3.42 -17.10
C ALA D 353 -38.28 -2.77 -18.24
N MET D 354 -37.66 -2.69 -19.43
CA MET D 354 -38.36 -2.12 -20.57
C MET D 354 -39.58 -2.95 -20.96
N LEU D 355 -39.46 -4.27 -20.94
CA LEU D 355 -40.59 -5.13 -21.27
C LEU D 355 -41.73 -4.96 -20.27
N TYR D 356 -41.42 -4.88 -18.99
CA TYR D 356 -42.45 -4.67 -17.98
C TYR D 356 -43.14 -3.33 -18.18
N GLY D 357 -42.37 -2.27 -18.42
CA GLY D 357 -42.97 -0.97 -18.69
C GLY D 357 -43.85 -0.98 -19.92
N TYR D 358 -43.47 -1.77 -20.93
CA TYR D 358 -44.27 -1.87 -22.14
C TYR D 358 -45.57 -2.62 -21.90
N GLN D 359 -45.52 -3.71 -21.12
CA GLN D 359 -46.66 -4.63 -21.01
C GLN D 359 -47.55 -4.39 -19.81
N VAL D 360 -47.18 -3.50 -18.87
CA VAL D 360 -47.99 -3.36 -17.66
C VAL D 360 -49.37 -2.78 -17.96
N GLY D 361 -49.48 -1.97 -19.01
CA GLY D 361 -50.76 -1.34 -19.31
C GLY D 361 -51.84 -2.34 -19.69
N LEU D 362 -51.46 -3.40 -20.39
CA LEU D 362 -52.44 -4.42 -20.78
C LEU D 362 -52.93 -5.21 -19.58
N PHE D 363 -52.04 -5.48 -18.61
CA PHE D 363 -52.40 -6.26 -17.44
C PHE D 363 -53.02 -5.42 -16.33
N LYS D 364 -52.96 -4.09 -16.45
CA LYS D 364 -53.51 -3.24 -15.39
C LYS D 364 -54.99 -3.47 -15.15
N ASN D 365 -55.75 -3.79 -16.21
CA ASN D 365 -57.20 -3.93 -16.08
C ASN D 365 -57.57 -5.11 -15.17
N SER D 366 -56.89 -6.24 -15.31
CA SER D 366 -57.26 -7.43 -14.55
C SER D 366 -56.85 -7.32 -13.09
N ASN D 367 -55.63 -6.83 -12.84
CA ASN D 367 -55.09 -6.78 -11.48
C ASN D 367 -54.63 -5.36 -11.18
N GLU D 368 -55.03 -4.84 -10.02
CA GLU D 368 -54.64 -3.51 -9.59
C GLU D 368 -53.49 -3.52 -8.59
N ASN D 369 -52.93 -4.70 -8.28
CA ASN D 369 -51.84 -4.81 -7.33
C ASN D 369 -50.46 -4.74 -7.98
N LEU D 370 -50.40 -4.61 -9.32
CA LEU D 370 -49.13 -4.57 -10.00
C LEU D 370 -48.44 -3.22 -9.77
N LEU D 371 -47.15 -3.28 -9.48
CA LEU D 371 -46.37 -2.06 -9.30
C LEU D 371 -46.22 -1.32 -10.63
N PRO D 372 -46.14 0.00 -10.59
CA PRO D 372 -45.98 0.76 -11.83
C PRO D 372 -44.62 0.52 -12.46
N GLY D 373 -44.57 0.65 -13.79
CA GLY D 373 -43.33 0.52 -14.51
C GLY D 373 -42.42 1.72 -14.32
N TYR D 374 -41.16 1.56 -14.74
CA TYR D 374 -40.19 2.65 -14.61
C TYR D 374 -40.59 3.85 -15.45
N LEU D 375 -41.28 3.62 -16.56
CA LEU D 375 -41.76 4.69 -17.42
C LEU D 375 -43.25 4.49 -17.70
N LYS D 376 -43.94 5.58 -18.00
CA LYS D 376 -45.37 5.52 -18.23
C LYS D 376 -45.68 4.70 -19.49
N PRO D 377 -46.84 4.04 -19.53
CA PRO D 377 -47.15 3.20 -20.70
C PRO D 377 -47.14 3.95 -22.02
N GLU D 378 -47.61 5.20 -22.03
CA GLU D 378 -47.59 5.99 -23.27
C GLU D 378 -46.17 6.29 -23.69
N THR D 379 -45.26 6.54 -22.73
CA THR D 379 -43.87 6.77 -23.06
C THR D 379 -43.24 5.56 -23.72
N MET D 380 -43.54 4.37 -23.21
CA MET D 380 -42.97 3.15 -23.78
C MET D 380 -43.45 2.91 -25.21
N VAL D 381 -44.72 3.19 -25.48
CA VAL D 381 -45.24 3.01 -26.82
C VAL D 381 -44.52 3.93 -27.80
N MET D 382 -44.31 5.18 -27.40
CA MET D 382 -43.62 6.15 -28.26
C MET D 382 -42.20 5.71 -28.54
N MET D 383 -41.53 5.16 -27.54
CA MET D 383 -40.15 4.75 -27.69
C MET D 383 -40.01 3.65 -28.74
N TRP D 384 -40.95 2.72 -28.76
CA TRP D 384 -40.88 1.60 -29.70
C TRP D 384 -41.69 1.80 -30.98
N THR D 385 -42.21 3.01 -31.19
CA THR D 385 -42.94 3.30 -32.42
C THR D 385 -42.00 3.57 -33.64
N PRO D 386 -42.09 2.75 -34.73
CA PRO D 386 -41.18 3.04 -35.85
C PRO D 386 -41.46 4.40 -36.47
N VAL D 387 -40.40 5.02 -36.98
CA VAL D 387 -40.46 6.34 -37.60
C VAL D 387 -40.34 6.16 -39.10
N PRO D 388 -41.17 6.80 -39.92
CA PRO D 388 -41.05 6.67 -41.36
C PRO D 388 -39.75 7.28 -41.89
N ASN D 389 -39.34 6.80 -43.06
CA ASN D 389 -38.11 7.24 -43.72
C ASN D 389 -36.89 6.95 -42.86
N THR D 390 -36.85 5.76 -42.26
CA THR D 390 -35.72 5.31 -41.47
C THR D 390 -35.34 3.90 -41.89
N GLU D 391 -34.10 3.52 -41.58
CA GLU D 391 -33.56 2.23 -41.98
C GLU D 391 -33.00 1.50 -40.77
N MET D 392 -33.00 0.17 -40.87
CA MET D 392 -32.48 -0.71 -39.83
C MET D 392 -31.40 -1.58 -40.49
N SER D 393 -30.14 -1.24 -40.22
CA SER D 393 -29.03 -1.84 -40.96
C SER D 393 -28.92 -3.33 -40.70
N TRP D 394 -29.09 -3.76 -39.45
CA TRP D 394 -28.91 -5.17 -39.11
C TRP D 394 -30.12 -6.02 -39.46
N ASP D 395 -31.21 -5.41 -39.92
CA ASP D 395 -32.35 -6.17 -40.44
C ASP D 395 -33.12 -5.27 -41.38
N LYS D 396 -33.02 -5.53 -42.69
CA LYS D 396 -33.70 -4.73 -43.69
C LYS D 396 -35.21 -4.85 -43.62
N GLU D 397 -35.73 -5.82 -42.88
CA GLU D 397 -37.16 -6.07 -42.83
C GLU D 397 -37.89 -5.12 -41.88
N GLY D 398 -37.16 -4.45 -40.99
CA GLY D 398 -37.75 -3.52 -40.06
C GLY D 398 -37.24 -2.09 -40.24
N LYS D 399 -37.66 -1.20 -39.34
CA LYS D 399 -37.24 0.21 -39.39
C LYS D 399 -36.63 0.67 -38.09
N TYR D 400 -36.50 1.99 -37.91
CA TYR D 400 -35.89 2.53 -36.70
C TYR D 400 -36.89 3.33 -35.89
N ALA D 401 -36.77 3.30 -34.57
CA ALA D 401 -37.69 4.04 -33.71
C ALA D 401 -36.92 5.07 -32.92
N MET D 402 -37.01 5.01 -31.60
CA MET D 402 -36.20 5.92 -30.79
C MET D 402 -35.09 5.13 -30.14
N ALA D 403 -33.88 5.22 -30.67
CA ALA D 403 -32.72 4.49 -30.14
C ALA D 403 -32.92 2.99 -30.14
N TRP D 404 -33.74 2.48 -31.05
CA TRP D 404 -34.03 1.06 -31.11
C TRP D 404 -34.38 0.74 -32.53
N GLY D 405 -34.23 -0.52 -32.93
CA GLY D 405 -34.66 -0.91 -34.26
C GLY D 405 -35.85 -1.80 -34.03
N VAL D 406 -36.98 -1.49 -34.65
CA VAL D 406 -38.19 -2.25 -34.40
C VAL D 406 -38.75 -2.96 -35.64
N VAL D 407 -39.02 -4.25 -35.52
CA VAL D 407 -39.63 -4.98 -36.63
C VAL D 407 -41.03 -5.31 -36.17
N GLU D 408 -42.03 -4.96 -36.97
CA GLU D 408 -43.41 -5.19 -36.57
C GLU D 408 -43.92 -6.54 -37.02
N ARG D 409 -45.17 -6.86 -36.70
CA ARG D 409 -45.77 -8.11 -37.14
C ARG D 409 -46.81 -7.86 -38.22
N LYS D 410 -46.77 -8.69 -39.26
CA LYS D 410 -47.72 -8.57 -40.36
C LYS D 410 -47.70 -9.84 -41.18
N GLN D 411 -48.74 -10.01 -42.00
CA GLN D 411 -48.83 -11.13 -42.93
C GLN D 411 -49.65 -10.67 -44.13
N THR D 412 -49.04 -10.73 -45.32
CA THR D 412 -49.68 -10.21 -46.52
C THR D 412 -50.47 -11.26 -47.29
N TYR D 413 -49.92 -12.47 -47.42
CA TYR D 413 -50.55 -13.53 -48.19
C TYR D 413 -50.76 -14.76 -47.32
N GLY D 414 -51.78 -15.55 -47.67
CA GLY D 414 -52.05 -16.75 -46.92
C GLY D 414 -51.03 -17.83 -47.18
N SER D 415 -50.73 -18.62 -46.14
CA SER D 415 -49.70 -19.67 -46.24
C SER D 415 -48.35 -19.10 -46.62
N CYS D 416 -48.07 -17.88 -46.18
CA CYS D 416 -46.79 -17.24 -46.48
C CYS D 416 -46.20 -16.60 -45.23
N ARG D 417 -44.90 -16.27 -45.27
CA ARG D 417 -44.22 -15.68 -44.10
C ARG D 417 -45.04 -14.85 -43.11
N LYS D 418 -44.99 -15.23 -41.85
CA LYS D 418 -45.68 -14.48 -40.81
C LYS D 418 -44.64 -13.72 -40.00
N GLN D 419 -44.64 -12.40 -40.13
CA GLN D 419 -43.67 -11.57 -39.43
C GLN D 419 -43.93 -11.57 -37.94
N ARG D 420 -42.85 -11.52 -37.16
CA ARG D 420 -42.91 -11.52 -35.70
C ARG D 420 -42.41 -10.19 -35.17
N HIS D 421 -43.04 -9.70 -34.10
CA HIS D 421 -42.74 -8.40 -33.54
C HIS D 421 -41.63 -8.52 -32.50
N TYR D 422 -40.57 -7.71 -32.67
CA TYR D 422 -39.46 -7.70 -31.73
C TYR D 422 -38.70 -6.38 -31.90
N ALA D 423 -37.83 -6.09 -30.93
CA ALA D 423 -36.98 -4.91 -30.95
C ALA D 423 -35.56 -5.32 -30.64
N SER D 424 -34.61 -4.61 -31.25
CA SER D 424 -33.20 -4.99 -31.12
C SER D 424 -32.32 -3.79 -31.39
N HIS D 425 -31.08 -3.87 -30.91
CA HIS D 425 -30.04 -2.91 -31.22
C HIS D 425 -28.69 -3.60 -31.15
N THR D 426 -27.85 -3.36 -32.14
CA THR D 426 -26.52 -3.97 -32.21
C THR D 426 -25.45 -2.91 -31.96
N GLY D 427 -24.26 -3.35 -31.57
CA GLY D 427 -23.16 -2.43 -31.35
C GLY D 427 -21.82 -2.88 -31.90
N GLY D 428 -21.10 -1.97 -32.57
CA GLY D 428 -19.79 -2.29 -33.10
C GLY D 428 -18.73 -1.37 -32.55
N ALA D 429 -17.76 -1.92 -31.85
CA ALA D 429 -16.71 -1.12 -31.22
C ALA D 429 -15.37 -1.66 -31.64
N VAL D 430 -14.30 -0.89 -31.44
CA VAL D 430 -13.00 -1.41 -31.78
C VAL D 430 -12.76 -2.62 -30.89
N GLY D 431 -12.51 -3.77 -31.50
CA GLY D 431 -12.26 -4.98 -30.75
C GLY D 431 -13.47 -5.68 -30.14
N ALA D 432 -14.67 -5.20 -30.40
CA ALA D 432 -15.84 -5.79 -29.73
C ALA D 432 -17.14 -5.79 -30.52
N SER D 433 -18.04 -6.74 -30.21
CA SER D 433 -19.34 -6.79 -30.87
C SER D 433 -20.39 -7.22 -29.86
N SER D 434 -21.60 -6.69 -29.94
CA SER D 434 -22.66 -6.98 -28.98
C SER D 434 -24.02 -6.84 -29.63
N VAL D 435 -25.04 -7.35 -28.96
CA VAL D 435 -26.42 -7.26 -29.42
C VAL D 435 -27.34 -7.44 -28.21
N LEU D 436 -28.46 -6.71 -28.22
CA LEU D 436 -29.51 -6.87 -27.24
C LEU D 436 -30.84 -6.99 -27.97
N LEU D 437 -31.59 -8.05 -27.67
CA LEU D 437 -32.83 -8.34 -28.38
C LEU D 437 -33.95 -8.59 -27.38
N VAL D 438 -35.13 -8.06 -27.68
CA VAL D 438 -36.33 -8.26 -26.88
C VAL D 438 -37.41 -8.86 -27.78
N LEU D 439 -37.98 -9.98 -27.35
CA LEU D 439 -39.03 -10.65 -28.12
C LEU D 439 -40.31 -10.71 -27.30
N PRO D 440 -41.23 -9.76 -27.48
CA PRO D 440 -42.49 -9.81 -26.73
C PRO D 440 -43.34 -11.00 -27.17
N GLU D 441 -44.17 -11.47 -26.23
CA GLU D 441 -45.05 -12.60 -26.47
C GLU D 441 -46.46 -12.10 -26.78
N GLU D 442 -47.09 -12.72 -27.79
CA GLU D 442 -48.46 -12.37 -28.12
C GLU D 442 -49.38 -12.69 -26.95
N LEU D 443 -50.23 -11.72 -26.58
CA LEU D 443 -51.05 -11.81 -25.39
C LEU D 443 -52.50 -12.09 -25.78
N ASP D 444 -53.09 -13.09 -25.15
CA ASP D 444 -54.50 -13.43 -25.33
C ASP D 444 -55.29 -12.99 -24.10
N THR D 445 -56.59 -13.30 -24.11
CA THR D 445 -57.44 -12.90 -23.00
C THR D 445 -57.12 -13.71 -21.75
N GLU D 446 -57.00 -15.03 -21.88
CA GLU D 446 -56.75 -15.88 -20.72
C GLU D 446 -55.37 -15.58 -20.11
N THR D 447 -54.36 -15.38 -20.95
CA THR D 447 -53.03 -15.07 -20.43
C THR D 447 -53.02 -13.74 -19.69
N ILE D 448 -53.72 -12.73 -20.22
CA ILE D 448 -53.81 -11.44 -19.55
C ILE D 448 -54.54 -11.59 -18.21
N ASN D 449 -55.62 -12.38 -18.20
CA ASN D 449 -56.39 -12.55 -16.98
C ASN D 449 -55.63 -13.32 -15.91
N ASN D 450 -54.79 -14.27 -16.31
CA ASN D 450 -54.12 -15.17 -15.37
C ASN D 450 -52.67 -14.80 -15.11
N LYS D 451 -51.86 -14.68 -16.17
CA LYS D 451 -50.44 -14.44 -16.00
C LYS D 451 -50.16 -12.99 -15.61
N VAL D 452 -48.90 -12.71 -15.30
CA VAL D 452 -48.47 -11.37 -14.89
C VAL D 452 -47.27 -10.96 -15.75
N PRO D 453 -47.06 -9.67 -15.99
CA PRO D 453 -45.92 -9.24 -16.80
C PRO D 453 -44.63 -9.31 -16.01
N PRO D 454 -43.47 -9.35 -16.69
CA PRO D 454 -43.29 -9.33 -18.14
C PRO D 454 -43.44 -10.71 -18.77
N ARG D 455 -43.85 -10.75 -20.04
CA ARG D 455 -44.02 -11.98 -20.80
C ARG D 455 -43.21 -11.85 -22.08
N GLY D 456 -42.03 -12.48 -22.11
CA GLY D 456 -41.18 -12.39 -23.28
C GLY D 456 -39.83 -13.00 -23.00
N ILE D 457 -38.91 -12.77 -23.95
CA ILE D 457 -37.56 -13.30 -23.88
C ILE D 457 -36.58 -12.20 -24.24
N ILE D 458 -35.51 -12.06 -23.46
CA ILE D 458 -34.44 -11.12 -23.72
C ILE D 458 -33.15 -11.90 -23.89
N VAL D 459 -32.40 -11.59 -24.96
CA VAL D 459 -31.16 -12.29 -25.28
C VAL D 459 -30.05 -11.25 -25.43
N SER D 460 -28.91 -11.52 -24.80
CA SER D 460 -27.73 -10.65 -24.90
C SER D 460 -26.52 -11.49 -25.25
N ILE D 461 -25.77 -11.07 -26.27
CA ILE D 461 -24.53 -11.72 -26.67
C ILE D 461 -23.46 -10.66 -26.83
N ILE D 462 -22.28 -10.92 -26.27
CA ILE D 462 -21.12 -10.06 -26.44
C ILE D 462 -19.91 -10.91 -26.77
N CYS D 463 -19.10 -10.45 -27.73
CA CYS D 463 -17.88 -11.13 -28.11
C CYS D 463 -16.76 -10.10 -28.27
N ASN D 464 -15.54 -10.53 -27.97
CA ASN D 464 -14.38 -9.65 -28.09
C ASN D 464 -13.71 -9.77 -29.47
N MET D 465 -14.52 -9.61 -30.51
CA MET D 465 -14.05 -9.67 -31.89
C MET D 465 -14.67 -8.52 -32.67
N GLN D 466 -13.88 -7.90 -33.55
CA GLN D 466 -14.31 -6.72 -34.28
C GLN D 466 -15.10 -7.09 -35.52
N SER D 467 -16.18 -6.34 -35.77
CA SER D 467 -17.00 -6.47 -36.98
C SER D 467 -17.65 -7.86 -37.08
N VAL D 468 -18.47 -8.17 -36.08
CA VAL D 468 -19.24 -9.41 -36.05
C VAL D 468 -20.71 -9.05 -35.89
N GLY D 469 -21.56 -9.60 -36.77
CA GLY D 469 -22.99 -9.39 -36.70
C GLY D 469 -23.67 -10.55 -35.99
N LEU D 470 -24.33 -10.23 -34.87
CA LEU D 470 -24.90 -11.24 -33.99
C LEU D 470 -26.42 -11.19 -33.93
N ASN D 471 -27.07 -10.40 -34.78
CA ASN D 471 -28.52 -10.25 -34.70
C ASN D 471 -29.24 -11.55 -35.06
N SER D 472 -28.81 -12.22 -36.12
CA SER D 472 -29.49 -13.43 -36.57
C SER D 472 -29.39 -14.55 -35.54
N THR D 473 -28.21 -14.72 -34.93
CA THR D 473 -28.03 -15.74 -33.91
C THR D 473 -28.93 -15.47 -32.70
N ALA D 474 -29.01 -14.21 -32.28
CA ALA D 474 -29.87 -13.86 -31.16
C ALA D 474 -31.34 -14.12 -31.50
N LEU D 475 -31.74 -13.79 -32.73
CA LEU D 475 -33.13 -14.04 -33.14
C LEU D 475 -33.44 -15.53 -33.13
N LYS D 476 -32.52 -16.36 -33.64
CA LYS D 476 -32.74 -17.81 -33.64
C LYS D 476 -32.83 -18.35 -32.21
N ILE D 477 -31.93 -17.89 -31.33
CA ILE D 477 -31.95 -18.35 -29.95
C ILE D 477 -33.25 -17.96 -29.27
N ALA D 478 -33.69 -16.72 -29.49
CA ALA D 478 -34.95 -16.26 -28.90
C ALA D 478 -36.13 -17.07 -29.41
N LEU D 479 -36.18 -17.35 -30.72
CA LEU D 479 -37.27 -18.13 -31.26
C LEU D 479 -37.30 -19.54 -30.69
N GLU D 480 -36.12 -20.16 -30.55
CA GLU D 480 -36.09 -21.52 -30.04
C GLU D 480 -36.48 -21.57 -28.55
N PHE D 481 -36.07 -20.58 -27.77
CA PHE D 481 -36.54 -20.51 -26.39
C PHE D 481 -38.03 -20.20 -26.33
N ASP D 482 -38.55 -19.49 -27.33
CA ASP D 482 -39.99 -19.26 -27.44
C ASP D 482 -40.73 -20.57 -27.67
N LYS D 483 -40.14 -21.50 -28.42
CA LYS D 483 -40.78 -22.80 -28.64
C LYS D 483 -40.89 -23.66 -27.39
N ASP D 484 -39.80 -23.76 -26.63
CA ASP D 484 -39.79 -24.57 -25.42
C ASP D 484 -40.74 -24.11 -24.33
N ARG D 485 -40.89 -22.80 -24.17
CA ARG D 485 -41.73 -22.28 -23.11
C ARG D 485 -43.17 -22.73 -23.28
N SER D 486 -43.80 -23.15 -22.19
CA SER D 486 -45.18 -23.62 -22.25
C SER D 486 -46.04 -22.88 -21.24
N ALA E 1 15.34 7.36 -8.82
CA ALA E 1 15.24 8.05 -10.09
C ALA E 1 14.53 7.16 -11.11
N ALA E 2 14.74 7.38 -12.51
CA ALA E 2 14.05 6.58 -13.49
C ALA E 2 14.94 6.10 -14.65
N B3S E 3 15.29 4.71 -14.75
OD B3S E 3 16.94 3.07 -14.01
CG B3S E 3 17.10 3.22 -15.39
CA B3S E 3 16.13 4.26 -15.86
CB B3S E 3 15.22 3.72 -16.95
C B3S E 3 14.86 4.77 -18.00
O B3S E 3 13.63 4.71 -18.67
OXT B3S E 3 15.62 5.64 -18.24
N ALA F 1 -14.87 9.43 7.63
CA ALA F 1 -14.73 10.29 8.78
C ALA F 1 -14.07 9.51 9.91
N ALA F 2 -14.26 9.95 11.28
CA ALA F 2 -13.62 9.24 12.36
C ALA F 2 -14.51 9.00 13.57
N B3S F 3 -14.95 7.64 13.87
OD B3S F 3 -16.68 6.01 13.37
CG B3S F 3 -16.83 6.35 14.71
CA B3S F 3 -15.79 7.41 15.03
CB B3S F 3 -14.92 6.97 16.19
C B3S F 3 -14.50 8.14 17.09
O B3S F 3 -15.21 9.08 17.20
OXT B3S F 3 -13.26 8.11 17.75
N ALA G 1 21.06 3.06 39.52
CA ALA G 1 20.66 4.39 39.08
C ALA G 1 20.09 4.31 37.67
N ALA G 2 20.11 5.50 36.85
CA ALA G 2 19.55 5.45 35.51
C ALA G 2 20.40 6.16 34.46
N B3S G 3 21.08 5.37 33.45
OD B3S G 3 23.15 4.14 33.01
CG B3S G 3 23.13 5.24 32.15
CA B3S G 3 21.88 6.05 32.44
CB B3S G 3 21.03 6.20 31.18
C B3S G 3 20.32 7.56 31.13
O B3S G 3 19.09 7.67 30.48
OXT B3S G 3 20.82 8.50 31.63
N ALA H 1 -21.03 -1.46 -39.64
CA ALA H 1 -20.56 -0.11 -39.40
C ALA H 1 -20.00 -0.02 -37.99
N ALA H 2 -19.94 1.27 -37.33
CA ALA H 2 -19.38 1.38 -36.00
C ALA H 2 -20.18 2.27 -35.07
N B3S H 3 -20.90 1.67 -33.95
OD B3S H 3 -23.03 0.63 -33.35
CG B3S H 3 -22.94 1.84 -32.66
CA B3S H 3 -21.66 2.52 -33.05
CB B3S H 3 -20.79 2.81 -31.83
C B3S H 3 -20.01 4.11 -31.96
O B3S H 3 -20.45 5.00 -32.59
OXT B3S H 3 -18.77 4.25 -31.33
#